data_9HNS
#
_entry.id   9HNS
#
loop_
_entity.id
_entity.type
_entity.pdbx_description
1 polymer 'Green fluorescent protein,Gamma-aminobutyric acid receptor subunit alpha-5'
2 polymer 'Gamma-aminobutyric acid receptor subunit beta-3,Green fluorescent protein'
3 polymer 'Megabody 25'
4 branched 2-acetamido-2-deoxy-beta-D-glucopyranose-(1-4)-2-acetamido-2-deoxy-beta-D-glucopyranose
5 branched beta-D-mannopyranose-(1-4)-2-acetamido-2-deoxy-beta-D-glucopyranose-(1-4)-2-acetamido-2-deoxy-beta-D-glucopyranose
6 branched alpha-D-mannopyranose-(1-3)-alpha-D-mannopyranose-(1-6)-[alpha-D-mannopyranose-(1-3)]beta-D-mannopyranose-(1-4)-2-acetamido-2-deoxy-beta-D-glucopyranose-(1-4)-2-acetamido-2-deoxy-beta-D-glucopyranose
7 branched alpha-D-mannopyranose-(1-3)-alpha-D-mannopyranose-(1-6)-[alpha-D-mannopyranose-(1-3)]beta-D-mannopyranose-(1-3)-2-acetamido-2-deoxy-beta-D-glucopyranose-(1-4)-2-acetamido-2-deoxy-beta-D-glucopyranose
8 branched beta-D-mannopyranose-(1-3)-2-acetamido-2-deoxy-beta-D-glucopyranose-(1-4)-2-acetamido-2-deoxy-beta-D-glucopyranose
9 branched 2-acetamido-2-deoxy-beta-D-glucopyranose-(1-6)-2-acetamido-2-deoxy-beta-D-glucopyranose
10 non-polymer 'GAMMA-AMINO-BUTANOIC ACID'
11 non-polymer '4-(2-HYDROXYETHYL)-1-PIPERAZINE ETHANESULFONIC ACID'
12 non-polymer 2-acetamido-2-deoxy-beta-D-glucopyranose
#
loop_
_entity_poly.entity_id
_entity_poly.type
_entity_poly.pdbx_seq_one_letter_code
_entity_poly.pdbx_strand_id
1 'polypeptide(L)'
;MRKSPGLSDCLWAWILLLSTLTGRSYGQMSKGEELFTGVVPILVELDGDVNGHKFSVRGEGEGDATNGKLTLKFICTTGK
LPVPWPTLVTTLTYGVQCFSRYPDHMKRHDFFKSAMPEGYVQERTISFKDDGTYKTRAEVKFEGDTLVNRIELKGIDFKE
DGNILGHKLEYNFNSHNVYITADKQKNGIKANFKIRHNVEDGSVQLADHYQQNTPIGDGPVLLPDNHYLSTQSVLSKDPN
EKRDHMVLLEFVTAAGITHGMDELYKAANALAAWSHPQFEKGGGSGGGSGGGSWSHPQFEKSSSNNNNNENLYFQAMPTS
SVKDETNDNITIFTRILDGLLDGYDNRLRPGLGERITQVRTDIYVTSFGPVSDTEMEYTIDVFFRQSWKDERLRFKGPMQ
RLPLNNLLASKIWTPDTFFHNGKKSIAHNMTTPNKLLRLEDDGTLLYTMRLTISAECPMQLEDFPMDAHACPLKFGSYAY
PNSEVVYVWTNGSTKSVVVAEDGSRLNQYHLMGQTVGTENISTSTGEYTIMTAHFHLKRKIGYFVIQTYLPCIMTVILSQ
VSFWLNRESVPARTVFGVTTVLTMTTLSISARNSLPKVAYATAMDWFIAVCYAFVFSALIEFATVNYFTKSQPARAASIS
KIDKMSRIVFPVLFGTFNLVYWATYLNREPVIKGAASPK
;
A,D
2 'polypeptide(L)'
;MWGLAGGRLFGIFSAPVLVAVVCCAQSVNDPGNMSFVKETVDKLLKGYDIRLRPDFGGPPVCVGMNIDIASIDMVSEVNM
DYTLTMYFQQYWRDKRLAYSGIPLNLTLDNRVADQLWVPDTYFLNDKKSFVHGVTVKNRMIRLHPDGTVLYGLRITTTAA
CMMDLRRYPLDEQNCTLEIESYGYTTDDIEFYWRGGDKAVTGVERIELPQFSIVEHRLVSRNVVFATGAYPRLSLSFRLK
RNIGYFILQTYMPSILITILSWVSFWINYDASAARVALGITTVLTMTTINTHLRETLPKIPYVKAIDMYLMGCFVFVFLA
LLEYAFVNYIFFSQPGRAMVSKGEELFTGVVPILVEMDGDVNGRKFSVRGVGEGDATHGKLTLKFICTSGKLPVPWPTLV
TTLSYGVQCFSRYPDHMKQHDFFKSAMPEGYVQERTIFFKDDGSYKTRAEVKFEGDTLVNRIVLKGTDFKEDGNILGHKL
EYNMNVGNVYITADKQKNGIKANFEIRHNVEDGGVQLADHYQQNTPIGDGSVLLPDNHYLSVQVKLSKDPNEKRDHMVLL
EFRTAAGITPGMDELYKGRAAAIDRWSRIVFPFTFSLFNLVYWLYYVNSRENLYFQAHHHHHH
;
B,C,E
3 'polypeptide(L)'
;MKKIWLALAGLVLAFSASAQVQLVESGGGLVQTKTTTSVIDTTNDAQNLLTQAQTIVNTLKDYCPILIAKSSSSNGGTNN
ANTPSWQTAGGGKNSCATFGAEFSAASDMINNAQKIVQETQQLSANQPKNITQPHNLNLNSPSSLTALAQKMLKNAQSQA
EILKLANQVESDFNKLSSGHLKDYIGKCDASAISSANMTMQNQKNNWGNGCAGVEETQSLLKTSAADFNNQTPQINQAQN
LANTLIQELGNNTYEQLSRLLTNDNGTNSKTSAQAINQAVNNLNERAKTLAGGTTNSPAYQATLLALRSVLGLWNSMGYA
VICGGYTKSPGENNQKDFHYTDENGNGTTINCGGSTNSNGTHSYNGTNTLKADKNVSLSIEQYEKIHEAYQILSKALKQA
GLAPLNSKGEKLEAHVTTSKYGSLRLSCAASGHTFNYPIMGWFRQAPGKEREFVGAISWSGGSTSYADSVKDRFTISRDN
AKNTVYLEMNNLKPEDTAVYYCAAKGRYSGGLYYPTNYDYWGQGTQVTVSSHHHHHHEPEA
;
P
#
# COMPACT_ATOMS: atom_id res chain seq x y z
N ASP A 324 36.08 -28.65 -25.42
CA ASP A 324 36.50 -29.77 -26.25
C ASP A 324 35.73 -29.78 -27.57
N GLU A 325 36.44 -29.89 -28.68
CA GLU A 325 35.84 -29.87 -30.01
C GLU A 325 35.02 -28.61 -30.23
N THR A 326 35.51 -27.48 -29.71
CA THR A 326 34.67 -26.29 -29.56
C THR A 326 34.10 -25.82 -30.89
N ASN A 327 34.93 -25.81 -31.94
CA ASN A 327 34.47 -25.25 -33.21
C ASN A 327 33.27 -26.02 -33.76
N ASP A 328 33.32 -27.35 -33.69
CA ASP A 328 32.24 -28.18 -34.23
C ASP A 328 31.22 -28.59 -33.18
N ASN A 329 31.55 -28.45 -31.89
CA ASN A 329 30.64 -28.89 -30.84
C ASN A 329 29.34 -28.11 -30.87
N ILE A 330 29.41 -26.80 -31.08
CA ILE A 330 28.21 -25.97 -31.08
C ILE A 330 27.35 -26.23 -32.32
N THR A 331 27.90 -26.93 -33.32
CA THR A 331 27.15 -27.22 -34.54
C THR A 331 26.51 -28.60 -34.49
N ILE A 332 27.26 -29.62 -34.05
CA ILE A 332 26.69 -30.96 -33.97
C ILE A 332 25.67 -31.06 -32.85
N PHE A 333 25.79 -30.22 -31.81
CA PHE A 333 24.84 -30.29 -30.71
C PHE A 333 23.46 -29.80 -31.14
N THR A 334 23.39 -28.66 -31.83
CA THR A 334 22.10 -28.22 -32.36
C THR A 334 21.56 -29.24 -33.35
N ARG A 335 22.44 -29.99 -34.01
CA ARG A 335 22.00 -31.12 -34.82
C ARG A 335 21.46 -32.24 -33.95
N ILE A 336 22.02 -32.43 -32.75
CA ILE A 336 21.50 -33.43 -31.83
C ILE A 336 20.14 -33.01 -31.29
N LEU A 337 20.02 -31.75 -30.87
CA LEU A 337 18.81 -31.29 -30.20
C LEU A 337 17.60 -31.38 -31.12
N ASP A 338 17.71 -30.80 -32.32
CA ASP A 338 16.57 -30.84 -33.24
C ASP A 338 16.28 -32.27 -33.68
N GLY A 339 17.29 -33.13 -33.73
CA GLY A 339 17.06 -34.55 -33.95
C GLY A 339 16.61 -35.29 -32.71
N LEU A 340 16.56 -34.62 -31.56
CA LEU A 340 16.15 -35.23 -30.30
C LEU A 340 14.72 -34.90 -29.92
N LEU A 341 14.21 -33.73 -30.27
CA LEU A 341 12.86 -33.33 -29.93
C LEU A 341 12.02 -32.95 -31.14
N ASP A 342 12.40 -33.41 -32.34
CA ASP A 342 11.47 -33.41 -33.46
C ASP A 342 10.76 -34.77 -33.52
N GLY A 343 9.43 -34.74 -33.54
CA GLY A 343 8.64 -35.91 -33.25
C GLY A 343 8.36 -36.10 -31.78
N TYR A 344 8.94 -35.26 -30.93
CA TYR A 344 8.67 -35.32 -29.49
C TYR A 344 7.33 -34.68 -29.18
N ASP A 345 6.54 -35.35 -28.36
CA ASP A 345 5.22 -34.88 -27.94
C ASP A 345 5.26 -34.59 -26.46
N ASN A 346 5.01 -33.33 -26.08
CA ASN A 346 5.00 -32.93 -24.69
C ASN A 346 3.62 -33.06 -24.05
N ARG A 347 2.63 -33.54 -24.79
CA ARG A 347 1.31 -33.76 -24.23
C ARG A 347 1.23 -35.09 -23.48
N LEU A 348 2.28 -35.91 -23.53
CA LEU A 348 2.27 -37.26 -22.99
C LEU A 348 3.35 -37.41 -21.93
N ARG A 349 3.05 -38.19 -20.90
CA ARG A 349 4.05 -38.51 -19.90
C ARG A 349 5.17 -39.34 -20.52
N PRO A 350 6.38 -39.27 -19.98
CA PRO A 350 7.41 -40.25 -20.36
C PRO A 350 7.05 -41.62 -19.82
N GLY A 351 7.01 -42.61 -20.70
CA GLY A 351 6.51 -43.91 -20.32
C GLY A 351 5.03 -43.93 -19.99
N LEU A 352 4.20 -43.26 -20.80
CA LEU A 352 2.78 -43.12 -20.50
C LEU A 352 2.11 -44.48 -20.29
N GLY A 353 2.18 -45.34 -21.28
CA GLY A 353 1.45 -46.59 -21.26
C GLY A 353 2.18 -47.77 -20.64
N GLU A 354 3.33 -47.56 -20.01
CA GLU A 354 4.16 -48.66 -19.53
C GLU A 354 4.56 -48.56 -18.07
N ARG A 355 4.72 -47.36 -17.52
CA ARG A 355 5.30 -47.22 -16.19
C ARG A 355 4.71 -46.03 -15.47
N ILE A 356 4.87 -46.03 -14.15
CA ILE A 356 4.63 -44.85 -13.35
C ILE A 356 5.83 -43.92 -13.46
N THR A 357 5.58 -42.64 -13.71
CA THR A 357 6.65 -41.66 -13.80
C THR A 357 7.06 -41.26 -12.39
N GLN A 358 8.25 -41.68 -11.98
CA GLN A 358 8.74 -41.43 -10.63
C GLN A 358 9.56 -40.15 -10.64
N VAL A 359 9.07 -39.12 -9.95
CA VAL A 359 9.70 -37.81 -9.91
C VAL A 359 10.41 -37.66 -8.57
N ARG A 360 11.66 -37.24 -8.61
CA ARG A 360 12.46 -37.00 -7.41
C ARG A 360 12.52 -35.50 -7.16
N THR A 361 12.10 -35.07 -5.98
CA THR A 361 11.98 -33.66 -5.64
C THR A 361 12.94 -33.29 -4.52
N ASP A 362 13.31 -32.02 -4.50
CA ASP A 362 14.25 -31.49 -3.51
C ASP A 362 13.99 -29.99 -3.36
N ILE A 363 14.25 -29.48 -2.16
CA ILE A 363 13.98 -28.08 -1.84
C ILE A 363 15.18 -27.49 -1.12
N TYR A 364 15.55 -26.27 -1.51
CA TYR A 364 16.52 -25.46 -0.78
C TYR A 364 15.83 -24.17 -0.35
N VAL A 365 15.65 -24.00 0.95
CA VAL A 365 14.93 -22.85 1.49
C VAL A 365 15.92 -21.68 1.53
N THR A 366 15.81 -20.77 0.56
CA THR A 366 16.68 -19.60 0.55
C THR A 366 16.38 -18.69 1.72
N SER A 367 15.12 -18.59 2.13
CA SER A 367 14.74 -17.78 3.27
C SER A 367 13.34 -18.19 3.72
N PHE A 368 13.14 -18.17 5.04
CA PHE A 368 11.86 -18.54 5.63
C PHE A 368 11.27 -17.32 6.34
N GLY A 369 9.99 -17.05 6.09
CA GLY A 369 9.31 -15.93 6.70
C GLY A 369 9.16 -14.77 5.73
N PRO A 370 8.46 -13.72 6.15
CA PRO A 370 7.84 -13.50 7.47
C PRO A 370 6.55 -14.30 7.67
N VAL A 371 6.03 -14.32 8.90
CA VAL A 371 4.79 -15.01 9.23
C VAL A 371 3.77 -13.98 9.67
N SER A 372 2.54 -14.12 9.18
CA SER A 372 1.45 -13.20 9.49
C SER A 372 0.35 -13.94 10.24
N ASP A 373 0.14 -13.56 11.50
CA ASP A 373 -0.89 -14.20 12.31
C ASP A 373 -2.29 -13.71 11.95
N THR A 374 -2.42 -12.45 11.54
CA THR A 374 -3.75 -11.90 11.27
C THR A 374 -4.38 -12.56 10.05
N GLU A 375 -3.60 -12.86 9.00
CA GLU A 375 -4.08 -13.65 7.89
C GLU A 375 -3.72 -15.13 8.02
N MET A 376 -2.99 -15.52 9.06
CA MET A 376 -2.60 -16.91 9.28
C MET A 376 -1.94 -17.48 8.03
N GLU A 377 -0.84 -16.84 7.62
CA GLU A 377 -0.09 -17.27 6.46
C GLU A 377 1.36 -16.88 6.64
N TYR A 378 2.24 -17.52 5.87
CA TYR A 378 3.67 -17.26 5.93
C TYR A 378 4.26 -17.33 4.54
N THR A 379 5.38 -16.64 4.35
CA THR A 379 6.08 -16.58 3.08
C THR A 379 7.38 -17.37 3.16
N ILE A 380 7.65 -18.16 2.11
CA ILE A 380 8.86 -18.96 2.02
C ILE A 380 9.42 -18.83 0.61
N ASP A 381 10.73 -18.66 0.52
CA ASP A 381 11.43 -18.53 -0.76
C ASP A 381 12.35 -19.74 -0.90
N VAL A 382 12.22 -20.45 -2.03
CA VAL A 382 12.85 -21.75 -2.20
C VAL A 382 13.35 -21.90 -3.63
N PHE A 383 14.45 -22.63 -3.78
CA PHE A 383 14.77 -23.27 -5.06
C PHE A 383 14.11 -24.64 -5.07
N PHE A 384 13.08 -24.81 -5.90
CA PHE A 384 12.35 -26.05 -5.97
C PHE A 384 12.89 -26.89 -7.12
N ARG A 385 13.38 -28.09 -6.79
CA ARG A 385 14.14 -28.92 -7.71
C ARG A 385 13.41 -30.23 -7.96
N GLN A 386 13.36 -30.63 -9.24
CA GLN A 386 12.70 -31.85 -9.65
C GLN A 386 13.59 -32.60 -10.62
N SER A 387 13.49 -33.93 -10.62
CA SER A 387 14.29 -34.76 -11.50
C SER A 387 13.49 -35.99 -11.91
N TRP A 388 13.59 -36.35 -13.18
CA TRP A 388 12.90 -37.52 -13.71
C TRP A 388 13.63 -37.97 -14.97
N LYS A 389 13.34 -39.21 -15.38
CA LYS A 389 13.94 -39.79 -16.57
C LYS A 389 12.92 -39.79 -17.70
N ASP A 390 13.31 -39.21 -18.83
CA ASP A 390 12.49 -39.19 -20.04
C ASP A 390 13.24 -39.98 -21.10
N GLU A 391 12.66 -41.11 -21.54
CA GLU A 391 13.36 -41.98 -22.47
C GLU A 391 13.46 -41.39 -23.86
N ARG A 392 12.58 -40.45 -24.22
CA ARG A 392 12.70 -39.82 -25.53
C ARG A 392 13.99 -39.04 -25.67
N LEU A 393 14.55 -38.56 -24.56
CA LEU A 393 15.61 -37.57 -24.58
C LEU A 393 16.99 -38.15 -24.29
N ARG A 394 17.14 -39.47 -24.31
CA ARG A 394 18.48 -40.04 -24.23
C ARG A 394 19.24 -39.75 -25.52
N PHE A 395 20.52 -39.44 -25.39
CA PHE A 395 21.32 -39.02 -26.53
C PHE A 395 22.75 -39.54 -26.37
N LYS A 396 23.51 -39.40 -27.45
CA LYS A 396 24.91 -39.76 -27.48
C LYS A 396 25.69 -38.65 -28.19
N GLY A 397 26.71 -38.13 -27.54
CA GLY A 397 27.44 -36.99 -28.07
C GLY A 397 28.76 -36.76 -27.37
N PRO A 398 29.37 -35.59 -27.62
CA PRO A 398 30.72 -35.32 -27.09
C PRO A 398 30.78 -35.07 -25.59
N MET A 399 29.66 -34.77 -24.94
CA MET A 399 29.67 -34.48 -23.51
C MET A 399 28.44 -35.10 -22.86
N GLN A 400 28.56 -35.36 -21.56
CA GLN A 400 27.61 -36.22 -20.87
C GLN A 400 26.41 -35.47 -20.30
N ARG A 401 26.56 -34.19 -19.97
CA ARG A 401 25.48 -33.41 -19.37
C ARG A 401 25.41 -32.06 -20.07
N LEU A 402 24.18 -31.61 -20.32
CA LEU A 402 23.94 -30.44 -21.15
C LEU A 402 23.21 -29.37 -20.35
N PRO A 403 23.83 -28.22 -20.09
CA PRO A 403 23.08 -27.12 -19.46
C PRO A 403 22.25 -26.34 -20.46
N LEU A 404 21.07 -26.85 -20.79
CA LEU A 404 20.22 -26.22 -21.78
C LEU A 404 19.68 -24.89 -21.27
N ASN A 405 19.32 -24.02 -22.20
CA ASN A 405 18.65 -22.78 -21.85
C ASN A 405 17.24 -23.08 -21.35
N ASN A 406 16.65 -22.15 -20.62
CA ASN A 406 15.39 -22.42 -19.95
C ASN A 406 14.17 -22.35 -20.87
N LEU A 407 14.32 -21.91 -22.11
CA LEU A 407 13.18 -21.95 -23.03
C LEU A 407 12.92 -23.36 -23.53
N LEU A 408 13.82 -24.31 -23.28
CA LEU A 408 13.52 -25.71 -23.58
C LEU A 408 12.36 -26.22 -22.74
N ALA A 409 12.15 -25.64 -21.56
CA ALA A 409 11.08 -26.11 -20.69
C ALA A 409 9.71 -26.02 -21.36
N SER A 410 9.54 -25.09 -22.29
CA SER A 410 8.27 -24.99 -23.00
C SER A 410 8.08 -26.14 -23.98
N LYS A 411 9.18 -26.71 -24.49
CA LYS A 411 9.12 -27.78 -25.47
C LYS A 411 9.04 -29.16 -24.81
N ILE A 412 9.59 -29.30 -23.61
CA ILE A 412 9.72 -30.60 -22.96
C ILE A 412 8.57 -30.78 -21.97
N TRP A 413 8.17 -32.04 -21.78
CA TRP A 413 7.19 -32.36 -20.76
C TRP A 413 7.80 -32.21 -19.38
N THR A 414 7.11 -31.50 -18.50
CA THR A 414 7.52 -31.33 -17.13
C THR A 414 6.34 -31.60 -16.20
N PRO A 415 6.60 -32.12 -15.00
CA PRO A 415 5.49 -32.42 -14.09
C PRO A 415 4.77 -31.14 -13.66
N ASP A 416 3.48 -31.29 -13.34
CA ASP A 416 2.64 -30.17 -12.95
C ASP A 416 2.52 -30.02 -11.43
N THR A 417 3.63 -30.27 -10.72
CA THR A 417 3.62 -30.18 -9.26
C THR A 417 3.12 -28.81 -8.83
N PHE A 418 2.16 -28.81 -7.91
CA PHE A 418 1.58 -27.59 -7.37
C PHE A 418 1.49 -27.70 -5.86
N PHE A 419 1.56 -26.54 -5.19
CA PHE A 419 1.57 -26.48 -3.74
C PHE A 419 0.14 -26.30 -3.26
N HIS A 420 -0.34 -27.25 -2.45
CA HIS A 420 -1.73 -27.25 -2.02
C HIS A 420 -2.05 -26.07 -1.12
N ASN A 421 -1.10 -25.67 -0.26
CA ASN A 421 -1.33 -24.60 0.70
C ASN A 421 -1.19 -23.21 0.11
N GLY A 422 -0.60 -23.08 -1.08
CA GLY A 422 -0.29 -21.78 -1.62
C GLY A 422 -1.49 -20.87 -1.82
N LYS A 423 -1.49 -19.72 -1.16
CA LYS A 423 -2.49 -18.69 -1.43
C LYS A 423 -2.11 -17.86 -2.64
N LYS A 424 -0.84 -17.51 -2.77
CA LYS A 424 -0.36 -16.63 -3.83
C LYS A 424 1.14 -16.84 -3.96
N SER A 425 1.58 -17.28 -5.12
CA SER A 425 2.97 -17.66 -5.32
C SER A 425 3.52 -16.98 -6.56
N ILE A 426 4.84 -16.76 -6.55
CA ILE A 426 5.54 -16.15 -7.67
C ILE A 426 6.63 -17.11 -8.12
N ALA A 427 6.63 -17.42 -9.42
CA ALA A 427 7.78 -18.05 -10.05
C ALA A 427 8.64 -16.95 -10.62
N HIS A 428 9.71 -16.59 -9.90
CA HIS A 428 10.46 -15.38 -10.22
C HIS A 428 10.87 -15.41 -11.68
N ASN A 429 10.62 -14.29 -12.37
CA ASN A 429 10.55 -14.24 -13.82
C ASN A 429 11.32 -13.04 -14.34
N MET A 430 12.42 -12.72 -13.68
CA MET A 430 13.17 -11.47 -13.89
C MET A 430 14.48 -11.78 -14.60
N THR A 431 14.79 -10.99 -15.62
CA THR A 431 16.00 -11.20 -16.41
C THR A 431 16.02 -12.65 -16.88
N THR A 432 15.06 -13.01 -17.72
CA THR A 432 14.82 -14.40 -18.11
C THR A 432 14.24 -15.15 -16.93
N PRO A 433 13.42 -16.17 -17.17
CA PRO A 433 12.82 -16.91 -16.05
C PRO A 433 13.88 -17.54 -15.16
N ASN A 434 13.58 -17.58 -13.86
CA ASN A 434 14.47 -18.21 -12.88
C ASN A 434 14.22 -19.72 -12.88
N LYS A 435 14.63 -20.35 -13.98
CA LYS A 435 14.46 -21.78 -14.16
C LYS A 435 15.74 -22.39 -14.70
N LEU A 436 16.05 -23.58 -14.22
CA LEU A 436 17.25 -24.32 -14.61
C LEU A 436 16.83 -25.66 -15.20
N LEU A 437 17.46 -26.04 -16.30
CA LEU A 437 17.09 -27.26 -17.01
C LEU A 437 18.34 -27.91 -17.57
N ARG A 438 18.63 -29.13 -17.11
CA ARG A 438 19.80 -29.88 -17.54
C ARG A 438 19.38 -31.27 -17.98
N LEU A 439 20.07 -31.79 -19.00
CA LEU A 439 19.77 -33.08 -19.57
C LEU A 439 21.04 -33.91 -19.60
N GLU A 440 20.95 -35.16 -19.14
CA GLU A 440 22.09 -36.05 -19.04
C GLU A 440 22.09 -37.06 -20.20
N ASP A 441 23.18 -37.82 -20.29
CA ASP A 441 23.30 -38.79 -21.39
C ASP A 441 22.19 -39.82 -21.34
N ASP A 442 21.88 -40.33 -20.15
CA ASP A 442 20.90 -41.40 -19.99
C ASP A 442 19.47 -40.91 -19.95
N GLY A 443 19.21 -39.68 -20.41
CA GLY A 443 17.86 -39.17 -20.49
C GLY A 443 17.31 -38.58 -19.21
N THR A 444 18.12 -38.46 -18.16
CA THR A 444 17.64 -37.92 -16.90
C THR A 444 17.54 -36.40 -16.98
N LEU A 445 16.42 -35.86 -16.51
CA LEU A 445 16.23 -34.43 -16.42
C LEU A 445 16.44 -33.94 -15.00
N LEU A 446 16.97 -32.74 -14.87
CA LEU A 446 17.00 -32.01 -13.62
C LEU A 446 16.43 -30.63 -13.85
N TYR A 447 15.30 -30.34 -13.22
CA TYR A 447 14.53 -29.14 -13.49
C TYR A 447 14.34 -28.38 -12.18
N THR A 448 14.75 -27.12 -12.17
CA THR A 448 14.78 -26.32 -10.96
C THR A 448 14.25 -24.93 -11.26
N MET A 449 13.68 -24.29 -10.24
CA MET A 449 13.16 -22.94 -10.38
C MET A 449 13.08 -22.28 -9.01
N ARG A 450 13.06 -20.95 -9.02
CA ARG A 450 13.01 -20.16 -7.79
C ARG A 450 11.57 -19.70 -7.57
N LEU A 451 11.03 -20.00 -6.39
CA LEU A 451 9.64 -19.72 -6.05
C LEU A 451 9.55 -18.93 -4.76
N THR A 452 8.60 -18.01 -4.70
CA THR A 452 8.17 -17.37 -3.46
C THR A 452 6.74 -17.80 -3.21
N ILE A 453 6.51 -18.50 -2.10
CA ILE A 453 5.24 -19.14 -1.82
C ILE A 453 4.65 -18.51 -0.56
N SER A 454 3.43 -17.98 -0.68
CA SER A 454 2.66 -17.54 0.47
C SER A 454 1.66 -18.64 0.80
N ALA A 455 1.96 -19.42 1.84
CA ALA A 455 1.21 -20.63 2.15
C ALA A 455 0.35 -20.43 3.38
N GLU A 456 -0.87 -20.95 3.32
CA GLU A 456 -1.79 -20.87 4.46
C GLU A 456 -1.29 -21.77 5.58
N CYS A 457 -1.14 -21.21 6.78
CA CYS A 457 -0.69 -21.94 7.96
C CYS A 457 -1.75 -21.81 9.05
N PRO A 458 -2.70 -22.74 9.14
CA PRO A 458 -3.67 -22.68 10.23
C PRO A 458 -2.97 -22.84 11.58
N MET A 459 -3.33 -21.97 12.53
CA MET A 459 -2.60 -21.87 13.78
C MET A 459 -3.57 -21.62 14.93
N GLN A 460 -3.26 -22.21 16.07
CA GLN A 460 -4.07 -22.08 17.28
C GLN A 460 -3.43 -21.02 18.17
N LEU A 461 -4.25 -20.20 18.81
CA LEU A 461 -3.78 -19.00 19.49
C LEU A 461 -4.20 -18.92 20.95
N GLU A 462 -4.56 -20.04 21.59
CA GLU A 462 -4.91 -19.99 23.00
C GLU A 462 -3.73 -19.55 23.86
N ASP A 463 -2.52 -19.92 23.45
CA ASP A 463 -1.29 -19.53 24.14
C ASP A 463 -0.57 -18.39 23.44
N PHE A 464 -1.31 -17.38 22.96
CA PHE A 464 -0.84 -16.44 21.96
C PHE A 464 0.61 -15.98 22.12
N PRO A 465 0.99 -15.31 23.23
CA PRO A 465 2.37 -14.84 23.34
C PRO A 465 3.37 -15.94 23.65
N MET A 466 2.91 -17.13 24.02
CA MET A 466 3.78 -18.23 24.43
C MET A 466 3.45 -19.52 23.71
N ASP A 467 2.98 -19.44 22.47
CA ASP A 467 2.52 -20.61 21.73
C ASP A 467 3.59 -21.14 20.78
N ALA A 468 3.29 -22.29 20.18
CA ALA A 468 4.13 -22.89 19.17
C ALA A 468 3.24 -23.43 18.06
N HIS A 469 3.78 -23.45 16.83
CA HIS A 469 3.01 -23.85 15.66
C HIS A 469 3.84 -24.77 14.79
N ALA A 470 3.16 -25.46 13.87
CA ALA A 470 3.77 -26.34 12.90
C ALA A 470 3.15 -26.03 11.54
N CYS A 471 3.76 -25.09 10.81
CA CYS A 471 3.22 -24.66 9.53
C CYS A 471 3.52 -25.71 8.46
N PRO A 472 2.52 -26.22 7.75
CA PRO A 472 2.78 -27.23 6.73
C PRO A 472 3.03 -26.64 5.35
N LEU A 473 3.74 -27.40 4.52
CA LEU A 473 3.86 -27.13 3.10
C LEU A 473 3.64 -28.43 2.34
N LYS A 474 2.58 -28.47 1.54
CA LYS A 474 2.16 -29.68 0.84
C LYS A 474 2.21 -29.43 -0.66
N PHE A 475 2.70 -30.42 -1.41
CA PHE A 475 2.72 -30.30 -2.86
C PHE A 475 2.64 -31.68 -3.48
N GLY A 476 2.15 -31.71 -4.72
CA GLY A 476 1.99 -32.95 -5.45
C GLY A 476 1.43 -32.66 -6.82
N SER A 477 1.26 -33.72 -7.60
CA SER A 477 0.75 -33.57 -8.95
C SER A 477 -0.70 -33.09 -8.92
N TYR A 478 -1.05 -32.27 -9.91
CA TYR A 478 -2.42 -31.78 -10.05
C TYR A 478 -3.25 -32.68 -10.96
N ALA A 479 -2.73 -32.97 -12.15
CA ALA A 479 -3.49 -33.70 -13.15
C ALA A 479 -3.30 -35.21 -13.05
N TYR A 480 -2.10 -35.67 -12.70
CA TYR A 480 -1.77 -37.09 -12.79
C TYR A 480 -2.02 -37.77 -11.46
N PRO A 481 -2.84 -38.82 -11.40
CA PRO A 481 -3.14 -39.47 -10.13
C PRO A 481 -1.97 -40.33 -9.65
N ASN A 482 -2.24 -41.07 -8.57
CA ASN A 482 -1.22 -41.91 -7.95
C ASN A 482 -0.67 -42.94 -8.94
N SER A 483 -1.53 -43.52 -9.77
CA SER A 483 -1.13 -44.57 -10.69
C SER A 483 -0.39 -44.06 -11.92
N GLU A 484 -0.18 -42.75 -12.03
CA GLU A 484 0.53 -42.18 -13.17
C GLU A 484 1.84 -41.51 -12.76
N VAL A 485 1.82 -40.65 -11.76
CA VAL A 485 3.00 -39.93 -11.30
C VAL A 485 3.10 -40.08 -9.79
N VAL A 486 4.29 -40.43 -9.31
CA VAL A 486 4.57 -40.54 -7.88
C VAL A 486 5.78 -39.69 -7.55
N TYR A 487 5.83 -39.20 -6.32
CA TYR A 487 6.87 -38.29 -5.86
C TYR A 487 7.66 -38.93 -4.73
N VAL A 488 8.97 -38.65 -4.70
CA VAL A 488 9.87 -39.17 -3.68
C VAL A 488 10.91 -38.10 -3.39
N TRP A 489 11.38 -38.07 -2.14
CA TRP A 489 12.44 -37.15 -1.77
C TRP A 489 13.76 -37.67 -2.34
N THR A 490 14.52 -36.79 -2.99
CA THR A 490 15.63 -37.25 -3.84
C THR A 490 16.68 -38.00 -3.02
N ASN A 491 17.04 -37.47 -1.86
CA ASN A 491 18.07 -38.07 -1.01
C ASN A 491 17.49 -38.66 0.27
N GLY A 492 16.21 -39.03 0.25
CA GLY A 492 15.52 -39.44 1.46
C GLY A 492 14.90 -38.26 2.17
N SER A 493 14.06 -38.57 3.16
CA SER A 493 13.29 -37.56 3.85
C SER A 493 14.17 -36.48 4.45
N THR A 494 15.04 -36.85 5.37
CA THR A 494 15.73 -35.86 6.21
C THR A 494 16.98 -35.27 5.58
N LYS A 495 17.33 -35.63 4.34
CA LYS A 495 18.41 -34.96 3.62
C LYS A 495 17.93 -34.31 2.33
N SER A 496 16.65 -33.97 2.23
CA SER A 496 16.09 -33.42 1.00
C SER A 496 15.58 -31.99 1.13
N VAL A 497 15.36 -31.48 2.33
CA VAL A 497 14.99 -30.09 2.55
C VAL A 497 16.11 -29.43 3.35
N VAL A 498 16.75 -28.44 2.74
CA VAL A 498 17.91 -27.76 3.32
C VAL A 498 17.56 -26.30 3.53
N VAL A 499 17.82 -25.79 4.73
CA VAL A 499 17.55 -24.41 5.09
C VAL A 499 18.88 -23.68 5.22
N ALA A 500 19.00 -22.54 4.56
CA ALA A 500 20.22 -21.75 4.65
C ALA A 500 20.38 -21.21 6.07
N GLU A 501 21.64 -21.08 6.50
CA GLU A 501 21.91 -20.50 7.81
C GLU A 501 21.35 -19.09 7.91
N ASP A 502 21.50 -18.31 6.83
CA ASP A 502 20.88 -16.99 6.75
C ASP A 502 19.40 -17.06 6.40
N GLY A 503 18.82 -18.26 6.32
CA GLY A 503 17.44 -18.38 5.87
C GLY A 503 16.40 -18.19 6.96
N SER A 504 16.82 -18.05 8.22
CA SER A 504 15.90 -17.80 9.32
C SER A 504 15.47 -16.33 9.32
N ARG A 505 14.73 -15.97 8.27
CA ARG A 505 14.26 -14.60 8.08
C ARG A 505 12.98 -14.31 8.86
N LEU A 506 13.03 -14.50 10.18
CA LEU A 506 11.86 -14.34 11.06
C LEU A 506 12.15 -13.27 12.10
N ASN A 507 11.14 -12.47 12.40
CA ASN A 507 11.30 -11.43 13.43
C ASN A 507 10.88 -11.96 14.81
N GLN A 508 9.62 -12.41 14.92
CA GLN A 508 9.05 -12.77 16.21
C GLN A 508 8.96 -14.29 16.40
N TYR A 509 9.55 -15.08 15.51
CA TYR A 509 9.53 -16.53 15.61
C TYR A 509 10.95 -17.08 15.52
N HIS A 510 11.14 -18.27 16.08
CA HIS A 510 12.39 -19.01 15.94
C HIS A 510 12.04 -20.43 15.49
N LEU A 511 12.75 -20.91 14.47
CA LEU A 511 12.42 -22.18 13.83
C LEU A 511 13.12 -23.30 14.58
N MET A 512 12.35 -24.05 15.38
CA MET A 512 12.92 -25.16 16.13
C MET A 512 13.46 -26.25 15.21
N GLY A 513 12.73 -26.58 14.15
CA GLY A 513 13.16 -27.61 13.24
C GLY A 513 12.09 -27.87 12.21
N GLN A 514 12.31 -28.93 11.43
CA GLN A 514 11.36 -29.29 10.39
C GLN A 514 11.41 -30.81 10.17
N THR A 515 10.25 -31.37 9.82
CA THR A 515 10.12 -32.78 9.50
C THR A 515 9.33 -32.92 8.21
N VAL A 516 9.73 -33.88 7.37
CA VAL A 516 9.16 -34.05 6.04
C VAL A 516 8.71 -35.49 5.88
N GLY A 517 7.57 -35.68 5.23
CA GLY A 517 7.01 -37.01 5.03
C GLY A 517 6.25 -37.15 3.72
N THR A 518 5.55 -38.26 3.56
CA THR A 518 4.81 -38.55 2.33
C THR A 518 3.42 -39.06 2.69
N GLU A 519 2.47 -38.85 1.77
CA GLU A 519 1.09 -39.20 2.01
C GLU A 519 0.38 -39.46 0.69
N ASN A 520 -0.72 -40.21 0.77
CA ASN A 520 -1.68 -40.33 -0.31
C ASN A 520 -2.97 -39.64 0.11
N ILE A 521 -3.72 -39.14 -0.88
CA ILE A 521 -5.05 -38.62 -0.65
C ILE A 521 -5.98 -39.12 -1.75
N SER A 522 -7.27 -39.12 -1.44
CA SER A 522 -8.31 -39.52 -2.39
C SER A 522 -9.27 -38.36 -2.57
N THR A 523 -9.61 -38.08 -3.83
CA THR A 523 -10.48 -36.97 -4.17
C THR A 523 -11.50 -37.44 -5.20
N SER A 524 -12.27 -36.49 -5.74
CA SER A 524 -13.25 -36.83 -6.75
C SER A 524 -12.59 -37.34 -8.03
N THR A 525 -11.34 -36.94 -8.28
CA THR A 525 -10.64 -37.27 -9.49
C THR A 525 -9.62 -38.40 -9.30
N GLY A 526 -9.66 -39.10 -8.19
CA GLY A 526 -8.80 -40.23 -7.94
C GLY A 526 -7.74 -39.92 -6.89
N GLU A 527 -6.90 -40.92 -6.64
CA GLU A 527 -5.84 -40.81 -5.65
C GLU A 527 -4.69 -39.96 -6.16
N TYR A 528 -3.97 -39.34 -5.22
CA TYR A 528 -2.79 -38.55 -5.54
C TYR A 528 -1.76 -38.74 -4.42
N THR A 529 -0.49 -38.51 -4.75
CA THR A 529 0.61 -38.62 -3.81
C THR A 529 1.09 -37.23 -3.43
N ILE A 530 1.21 -36.98 -2.13
CA ILE A 530 1.52 -35.66 -1.60
C ILE A 530 2.83 -35.73 -0.83
N MET A 531 3.73 -34.80 -1.15
CA MET A 531 4.90 -34.58 -0.33
C MET A 531 4.57 -33.51 0.72
N THR A 532 5.06 -33.72 1.94
CA THR A 532 4.75 -32.84 3.05
C THR A 532 6.02 -32.39 3.75
N ALA A 533 6.06 -31.11 4.12
CA ALA A 533 7.16 -30.54 4.87
C ALA A 533 6.58 -29.61 5.93
N HIS A 534 6.83 -29.91 7.20
CA HIS A 534 6.32 -29.15 8.32
C HIS A 534 7.47 -28.42 9.01
N PHE A 535 7.26 -27.15 9.32
CA PHE A 535 8.25 -26.35 10.03
C PHE A 535 7.71 -26.00 11.41
N HIS A 536 8.51 -26.29 12.43
CA HIS A 536 8.11 -26.08 13.82
C HIS A 536 8.61 -24.70 14.26
N LEU A 537 7.72 -23.88 14.80
CA LEU A 537 8.02 -22.51 15.16
C LEU A 537 7.69 -22.26 16.63
N LYS A 538 8.65 -21.66 17.35
CA LYS A 538 8.45 -21.21 18.71
C LYS A 538 8.50 -19.68 18.71
N ARG A 539 7.48 -19.06 19.28
CA ARG A 539 7.41 -17.60 19.32
C ARG A 539 8.40 -17.05 20.33
N LYS A 540 8.97 -15.89 20.01
CA LYS A 540 9.92 -15.21 20.89
C LYS A 540 9.15 -14.20 21.74
N ILE A 541 9.18 -14.40 23.06
CA ILE A 541 8.28 -13.69 23.97
C ILE A 541 8.74 -12.26 24.23
N GLY A 542 9.95 -11.89 23.80
CA GLY A 542 10.51 -10.62 24.20
C GLY A 542 9.65 -9.42 23.86
N TYR A 543 9.08 -9.39 22.66
CA TYR A 543 8.34 -8.21 22.22
C TYR A 543 7.15 -7.93 23.11
N PHE A 544 6.34 -8.96 23.39
CA PHE A 544 5.09 -8.72 24.12
C PHE A 544 5.35 -8.35 25.57
N VAL A 545 6.50 -8.73 26.13
CA VAL A 545 6.80 -8.36 27.51
C VAL A 545 6.92 -6.85 27.65
N ILE A 546 7.72 -6.23 26.78
CA ILE A 546 7.92 -4.78 26.88
C ILE A 546 6.72 -4.02 26.35
N GLN A 547 5.93 -4.62 25.46
CA GLN A 547 4.80 -3.93 24.85
C GLN A 547 3.53 -4.02 25.66
N THR A 548 3.27 -5.17 26.30
CA THR A 548 2.00 -5.37 26.99
C THR A 548 2.18 -5.60 28.49
N TYR A 549 3.02 -6.58 28.86
CA TYR A 549 3.08 -7.00 30.25
C TYR A 549 3.62 -5.90 31.15
N LEU A 550 4.69 -5.22 30.75
CA LEU A 550 5.20 -4.12 31.56
C LEU A 550 4.17 -3.02 31.72
N PRO A 551 3.55 -2.50 30.66
CA PRO A 551 2.46 -1.53 30.87
C PRO A 551 1.35 -2.06 31.76
N CYS A 552 1.00 -3.34 31.64
CA CYS A 552 -0.04 -3.90 32.49
C CYS A 552 0.44 -4.01 33.93
N ILE A 553 1.64 -4.56 34.13
CA ILE A 553 2.17 -4.71 35.49
C ILE A 553 2.37 -3.34 36.13
N MET A 554 2.92 -2.39 35.37
CA MET A 554 3.17 -1.07 35.93
C MET A 554 1.86 -0.36 36.25
N THR A 555 0.84 -0.52 35.40
CA THR A 555 -0.46 0.08 35.69
C THR A 555 -1.05 -0.46 36.98
N VAL A 556 -0.94 -1.77 37.20
CA VAL A 556 -1.44 -2.36 38.44
C VAL A 556 -0.70 -1.77 39.63
N ILE A 557 0.62 -1.66 39.52
CA ILE A 557 1.40 -1.03 40.59
C ILE A 557 1.02 0.43 40.75
N LEU A 558 0.82 1.13 39.63
CA LEU A 558 0.47 2.55 39.69
C LEU A 558 -0.81 2.76 40.46
N SER A 559 -1.81 1.90 40.26
CA SER A 559 -3.07 2.03 40.99
C SER A 559 -2.86 1.82 42.49
N GLN A 560 -2.02 0.84 42.85
CA GLN A 560 -1.83 0.51 44.26
C GLN A 560 -1.08 1.60 45.03
N VAL A 561 -0.47 2.55 44.33
CA VAL A 561 0.20 3.66 45.03
C VAL A 561 -0.80 4.48 45.81
N SER A 562 -2.07 4.49 45.39
CA SER A 562 -3.07 5.34 46.01
C SER A 562 -3.29 5.00 47.48
N PHE A 563 -3.00 3.75 47.88
CA PHE A 563 -3.24 3.35 49.26
C PHE A 563 -2.35 4.08 50.26
N TRP A 564 -1.24 4.66 49.82
CA TRP A 564 -0.35 5.40 50.70
C TRP A 564 -0.77 6.86 50.86
N LEU A 565 -1.74 7.33 50.10
CA LEU A 565 -2.23 8.70 50.24
C LEU A 565 -3.31 8.77 51.31
N ASN A 566 -3.37 9.90 52.00
CA ASN A 566 -4.39 10.10 53.02
C ASN A 566 -5.78 10.03 52.41
N ARG A 567 -6.75 9.53 53.17
CA ARG A 567 -8.08 9.30 52.63
C ARG A 567 -8.94 10.55 52.59
N GLU A 568 -8.48 11.67 53.17
CA GLU A 568 -9.21 12.92 53.03
C GLU A 568 -8.96 13.60 51.69
N SER A 569 -7.92 13.17 50.98
CA SER A 569 -7.65 13.69 49.63
C SER A 569 -8.47 12.90 48.61
N VAL A 570 -9.78 13.13 48.66
CA VAL A 570 -10.74 12.38 47.85
C VAL A 570 -10.42 12.57 46.37
N PRO A 571 -10.20 13.79 45.88
CA PRO A 571 -9.90 13.95 44.45
C PRO A 571 -8.64 13.22 44.02
N ALA A 572 -7.61 13.17 44.87
CA ALA A 572 -6.37 12.50 44.51
C ALA A 572 -6.55 11.00 44.43
N ARG A 573 -7.19 10.40 45.44
CA ARG A 573 -7.43 8.96 45.43
C ARG A 573 -8.26 8.56 44.23
N THR A 574 -9.20 9.42 43.82
CA THR A 574 -10.11 9.08 42.74
C THR A 574 -9.38 8.98 41.41
N VAL A 575 -8.56 9.98 41.10
CA VAL A 575 -7.92 10.01 39.78
C VAL A 575 -6.96 8.84 39.61
N PHE A 576 -6.36 8.35 40.70
CA PHE A 576 -5.53 7.16 40.61
C PHE A 576 -6.31 6.00 40.02
N GLY A 577 -7.47 5.70 40.62
CA GLY A 577 -8.28 4.59 40.12
C GLY A 577 -8.84 4.85 38.74
N VAL A 578 -9.38 6.05 38.53
CA VAL A 578 -10.02 6.37 37.25
C VAL A 578 -8.98 6.34 36.13
N THR A 579 -7.82 6.97 36.36
CA THR A 579 -6.80 7.01 35.33
C THR A 579 -6.27 5.62 35.01
N THR A 580 -6.00 4.81 36.04
CA THR A 580 -5.49 3.47 35.81
C THR A 580 -6.52 2.58 35.13
N VAL A 581 -7.78 2.69 35.53
CA VAL A 581 -8.84 1.95 34.84
C VAL A 581 -8.91 2.39 33.38
N LEU A 582 -8.71 3.68 33.13
CA LEU A 582 -8.63 4.16 31.75
C LEU A 582 -7.47 3.52 31.02
N THR A 583 -6.30 3.42 31.68
CA THR A 583 -5.13 2.84 31.03
C THR A 583 -5.37 1.37 30.69
N MET A 584 -5.98 0.63 31.61
CA MET A 584 -6.26 -0.77 31.33
C MET A 584 -7.26 -0.93 30.20
N THR A 585 -8.20 0.01 30.07
CA THR A 585 -9.20 -0.08 29.01
C THR A 585 -8.55 0.05 27.63
N THR A 586 -7.68 1.04 27.46
CA THR A 586 -7.03 1.21 26.16
C THR A 586 -6.04 0.08 25.89
N LEU A 587 -5.35 -0.40 26.93
CA LEU A 587 -4.43 -1.51 26.76
C LEU A 587 -5.17 -2.78 26.34
N SER A 588 -6.35 -3.02 26.91
CA SER A 588 -7.18 -4.13 26.44
C SER A 588 -7.56 -3.94 24.98
N ILE A 589 -7.89 -2.71 24.58
CA ILE A 589 -8.22 -2.43 23.19
C ILE A 589 -6.97 -2.56 22.31
N SER A 590 -5.81 -2.21 22.86
CA SER A 590 -4.60 -2.12 22.04
C SER A 590 -4.24 -3.46 21.40
N ALA A 591 -4.59 -4.57 22.04
CA ALA A 591 -4.29 -5.87 21.45
C ALA A 591 -5.10 -6.14 20.20
N ARG A 592 -6.10 -5.29 19.92
CA ARG A 592 -6.95 -5.46 18.74
C ARG A 592 -6.15 -5.49 17.45
N ASN A 593 -5.02 -4.78 17.40
CA ASN A 593 -4.24 -4.65 16.18
C ASN A 593 -3.23 -5.78 15.99
N SER A 594 -3.03 -6.63 16.99
CA SER A 594 -1.97 -7.64 16.94
C SER A 594 -2.48 -9.04 16.66
N LEU A 595 -3.78 -9.23 16.52
CA LEU A 595 -4.36 -10.57 16.44
C LEU A 595 -5.47 -10.60 15.39
N PRO A 596 -5.80 -11.79 14.88
CA PRO A 596 -7.04 -11.94 14.12
C PRO A 596 -8.23 -11.92 15.07
N LYS A 597 -9.41 -11.71 14.48
CA LYS A 597 -10.64 -11.58 15.27
C LYS A 597 -11.13 -12.96 15.72
N VAL A 598 -10.34 -13.58 16.60
CA VAL A 598 -10.64 -14.92 17.06
C VAL A 598 -11.84 -14.89 18.01
N ALA A 599 -12.50 -16.04 18.15
CA ALA A 599 -13.73 -16.13 18.93
C ALA A 599 -13.49 -16.51 20.39
N TYR A 600 -12.24 -16.68 20.82
CA TYR A 600 -11.96 -17.13 22.18
C TYR A 600 -10.83 -16.29 22.76
N ALA A 601 -10.69 -16.39 24.09
CA ALA A 601 -9.70 -15.61 24.81
C ALA A 601 -8.37 -16.33 24.85
N THR A 602 -7.28 -15.58 24.61
CA THR A 602 -5.94 -16.13 24.62
C THR A 602 -5.32 -15.99 26.01
N ALA A 603 -4.07 -16.44 26.14
CA ALA A 603 -3.38 -16.35 27.42
C ALA A 603 -3.18 -14.90 27.83
N MET A 604 -2.82 -14.04 26.86
CA MET A 604 -2.61 -12.63 27.18
C MET A 604 -3.91 -11.97 27.67
N ASP A 605 -5.05 -12.42 27.17
CA ASP A 605 -6.32 -11.87 27.64
C ASP A 605 -6.55 -12.18 29.10
N TRP A 606 -6.20 -13.38 29.55
CA TRP A 606 -6.35 -13.71 30.97
C TRP A 606 -5.49 -12.80 31.83
N PHE A 607 -4.25 -12.54 31.42
CA PHE A 607 -3.39 -11.65 32.18
C PHE A 607 -3.97 -10.24 32.22
N ILE A 608 -4.40 -9.73 31.07
CA ILE A 608 -4.96 -8.38 31.03
C ILE A 608 -6.23 -8.30 31.86
N ALA A 609 -7.08 -9.32 31.78
CA ALA A 609 -8.32 -9.31 32.55
C ALA A 609 -8.04 -9.29 34.05
N VAL A 610 -7.08 -10.09 34.51
CA VAL A 610 -6.76 -10.12 35.93
C VAL A 610 -6.12 -8.80 36.36
N CYS A 611 -5.26 -8.23 35.52
CA CYS A 611 -4.72 -6.90 35.82
C CYS A 611 -5.84 -5.88 35.91
N TYR A 612 -6.82 -5.96 35.02
CA TYR A 612 -7.98 -5.08 35.10
C TYR A 612 -8.74 -5.30 36.41
N ALA A 613 -8.85 -6.56 36.85
CA ALA A 613 -9.55 -6.83 38.11
C ALA A 613 -8.86 -6.17 39.29
N PHE A 614 -7.54 -6.27 39.37
CA PHE A 614 -6.81 -5.64 40.47
C PHE A 614 -6.94 -4.13 40.43
N VAL A 615 -6.81 -3.54 39.24
CA VAL A 615 -6.93 -2.09 39.11
C VAL A 615 -8.33 -1.63 39.48
N PHE A 616 -9.36 -2.35 38.99
CA PHE A 616 -10.73 -1.98 39.29
C PHE A 616 -11.02 -2.12 40.79
N SER A 617 -10.54 -3.22 41.40
CA SER A 617 -10.75 -3.40 42.83
C SER A 617 -9.96 -2.39 43.66
N ALA A 618 -8.90 -1.81 43.10
CA ALA A 618 -8.19 -0.75 43.80
C ALA A 618 -9.01 0.52 43.92
N LEU A 619 -10.00 0.71 43.04
CA LEU A 619 -10.91 1.84 43.15
C LEU A 619 -12.09 1.53 44.07
N ILE A 620 -12.61 0.31 44.03
CA ILE A 620 -13.64 -0.09 44.97
C ILE A 620 -13.11 -0.05 46.39
N GLU A 621 -11.79 -0.23 46.56
CA GLU A 621 -11.18 -0.07 47.88
C GLU A 621 -11.39 1.34 48.40
N PHE A 622 -11.15 2.34 47.55
CA PHE A 622 -11.36 3.73 47.96
C PHE A 622 -12.83 4.03 48.20
N ALA A 623 -13.71 3.46 47.37
CA ALA A 623 -15.13 3.78 47.48
C ALA A 623 -15.68 3.40 48.84
N THR A 624 -15.33 2.21 49.34
CA THR A 624 -15.86 1.75 50.62
C THR A 624 -15.22 2.47 51.81
N VAL A 625 -13.91 2.70 51.77
CA VAL A 625 -13.28 3.44 52.86
C VAL A 625 -13.80 4.87 52.89
N ASN A 626 -14.03 5.47 51.72
CA ASN A 626 -14.66 6.78 51.67
C ASN A 626 -16.08 6.73 52.23
N TYR A 627 -16.82 5.68 51.89
CA TYR A 627 -18.20 5.56 52.35
C TYR A 627 -18.26 5.37 53.86
N PHE A 628 -17.38 4.53 54.41
CA PHE A 628 -17.42 4.24 55.84
C PHE A 628 -16.92 5.43 56.66
N THR A 629 -15.87 6.11 56.18
CA THR A 629 -15.35 7.24 56.93
C THR A 629 -16.32 8.41 56.93
N LYS A 630 -17.01 8.65 55.81
CA LYS A 630 -17.98 9.73 55.74
C LYS A 630 -19.29 9.37 56.42
N SER A 631 -19.68 8.09 56.39
CA SER A 631 -20.97 7.69 56.95
C SER A 631 -20.87 7.40 58.44
N GLN A 632 -19.81 6.72 58.87
CA GLN A 632 -19.63 6.34 60.27
C GLN A 632 -18.24 6.76 60.75
N PRO A 633 -18.00 8.07 60.89
CA PRO A 633 -16.72 8.57 61.39
C PRO A 633 -16.53 8.30 62.88
N ALA A 637 -10.22 7.01 62.29
CA ALA A 637 -11.12 5.97 62.76
C ALA A 637 -10.48 4.60 62.62
N SER A 638 -11.12 3.58 63.21
CA SER A 638 -10.63 2.22 63.06
C SER A 638 -10.76 1.72 61.63
N ILE A 639 -11.52 2.42 60.79
CA ILE A 639 -11.64 2.05 59.38
C ILE A 639 -10.31 2.21 58.66
N SER A 640 -9.34 2.89 59.28
CA SER A 640 -8.01 2.97 58.71
C SER A 640 -7.37 1.59 58.54
N LYS A 641 -7.85 0.60 59.29
CA LYS A 641 -7.37 -0.77 59.11
C LYS A 641 -7.58 -1.24 57.68
N ILE A 642 -8.64 -0.76 57.02
CA ILE A 642 -8.88 -1.15 55.63
C ILE A 642 -7.73 -0.72 54.74
N ASP A 643 -7.21 0.49 54.96
CA ASP A 643 -6.05 0.95 54.21
C ASP A 643 -4.83 0.05 54.49
N LYS A 644 -4.61 -0.28 55.76
CA LYS A 644 -3.46 -1.12 56.10
C LYS A 644 -3.55 -2.48 55.43
N MET A 645 -4.71 -3.14 55.52
CA MET A 645 -4.84 -4.48 54.96
C MET A 645 -4.73 -4.45 53.44
N SER A 646 -5.45 -3.55 52.78
CA SER A 646 -5.37 -3.47 51.32
C SER A 646 -3.98 -3.07 50.87
N ARG A 647 -3.28 -2.28 51.68
CA ARG A 647 -1.94 -1.83 51.29
C ARG A 647 -0.96 -2.98 51.28
N ILE A 648 -1.17 -4.00 52.10
CA ILE A 648 -0.26 -5.14 52.13
C ILE A 648 -0.81 -6.32 51.34
N VAL A 649 -2.13 -6.51 51.32
CA VAL A 649 -2.70 -7.66 50.64
C VAL A 649 -2.56 -7.54 49.12
N PHE A 650 -2.88 -6.36 48.57
CA PHE A 650 -2.85 -6.21 47.11
C PHE A 650 -1.50 -6.55 46.52
N PRO A 651 -0.37 -6.03 47.02
CA PRO A 651 0.93 -6.46 46.46
C PRO A 651 1.16 -7.96 46.57
N VAL A 652 0.68 -8.59 47.64
CA VAL A 652 0.94 -10.01 47.83
C VAL A 652 0.15 -10.86 46.84
N LEU A 653 -1.16 -10.60 46.72
CA LEU A 653 -1.99 -11.41 45.84
C LEU A 653 -1.57 -11.24 44.38
N PHE A 654 -1.29 -10.00 43.96
CA PHE A 654 -0.79 -9.80 42.60
C PHE A 654 0.57 -10.47 42.42
N GLY A 655 1.37 -10.52 43.48
CA GLY A 655 2.65 -11.20 43.40
C GLY A 655 2.51 -12.69 43.18
N THR A 656 1.58 -13.31 43.91
CA THR A 656 1.38 -14.76 43.76
C THR A 656 0.70 -15.09 42.45
N PHE A 657 -0.10 -14.17 41.90
CA PHE A 657 -0.73 -14.41 40.61
C PHE A 657 0.33 -14.57 39.52
N ASN A 658 1.36 -13.73 39.55
CA ASN A 658 2.42 -13.81 38.55
C ASN A 658 3.13 -15.17 38.62
N LEU A 659 3.38 -15.66 39.83
CA LEU A 659 4.04 -16.95 39.98
C LEU A 659 3.19 -18.06 39.37
N VAL A 660 1.89 -18.04 39.62
CA VAL A 660 1.01 -19.07 39.10
C VAL A 660 0.87 -18.93 37.58
N TYR A 661 0.73 -17.69 37.10
CA TYR A 661 0.53 -17.46 35.67
C TYR A 661 1.72 -17.93 34.86
N TRP A 662 2.90 -17.35 35.12
CA TRP A 662 4.08 -17.71 34.33
C TRP A 662 4.42 -19.18 34.47
N ALA A 663 4.29 -19.73 35.68
CA ALA A 663 4.56 -21.16 35.87
C ALA A 663 3.62 -22.01 35.03
N THR A 664 2.39 -21.55 34.80
CA THR A 664 1.43 -22.33 34.03
C THR A 664 1.83 -22.42 32.57
N TYR A 665 2.27 -21.31 31.99
CA TYR A 665 2.49 -21.22 30.55
C TYR A 665 3.94 -21.42 30.13
N LEU A 666 4.91 -20.91 30.90
CA LEU A 666 6.30 -21.06 30.52
C LEU A 666 6.77 -22.51 30.56
N ASN A 667 6.06 -23.37 31.30
CA ASN A 667 6.25 -24.81 31.20
C ASN A 667 5.36 -25.42 30.12
N ARG A 668 4.89 -24.62 29.18
CA ARG A 668 3.91 -25.05 28.20
C ARG A 668 4.05 -24.27 26.90
N PRO B 31 21.35 -3.98 -53.30
CA PRO B 31 22.11 -2.76 -53.07
C PRO B 31 21.36 -1.74 -52.23
N GLY B 32 22.08 -0.77 -51.68
CA GLY B 32 21.51 0.16 -50.73
C GLY B 32 21.79 -0.29 -49.31
N ASN B 33 22.30 0.61 -48.48
CA ASN B 33 22.76 0.20 -47.15
C ASN B 33 21.63 -0.37 -46.31
N MET B 34 20.39 0.12 -46.49
CA MET B 34 19.28 -0.41 -45.72
C MET B 34 19.07 -1.89 -46.02
N SER B 35 19.12 -2.28 -47.29
CA SER B 35 18.98 -3.69 -47.65
C SER B 35 20.22 -4.48 -47.22
N PHE B 36 21.40 -3.87 -47.35
CA PHE B 36 22.63 -4.57 -46.97
C PHE B 36 22.62 -4.93 -45.50
N VAL B 37 22.19 -4.01 -44.64
CA VAL B 37 22.11 -4.30 -43.21
C VAL B 37 21.07 -5.38 -42.94
N LYS B 38 19.93 -5.30 -43.62
CA LYS B 38 18.87 -6.28 -43.38
C LYS B 38 19.35 -7.70 -43.68
N GLU B 39 20.00 -7.89 -44.84
CA GLU B 39 20.48 -9.22 -45.17
C GLU B 39 21.66 -9.62 -44.29
N THR B 40 22.40 -8.65 -43.77
CA THR B 40 23.50 -8.97 -42.85
C THR B 40 22.95 -9.49 -41.53
N VAL B 41 21.93 -8.82 -40.98
CA VAL B 41 21.35 -9.26 -39.71
C VAL B 41 20.71 -10.63 -39.86
N ASP B 42 20.03 -10.86 -40.98
CA ASP B 42 19.42 -12.17 -41.21
C ASP B 42 20.49 -13.27 -41.23
N LYS B 43 21.63 -12.99 -41.85
CA LYS B 43 22.71 -13.98 -41.87
C LYS B 43 23.21 -14.29 -40.47
N LEU B 44 23.22 -13.29 -39.58
CA LEU B 44 23.61 -13.55 -38.19
C LEU B 44 22.62 -14.46 -37.51
N LEU B 45 21.33 -14.27 -37.74
CA LEU B 45 20.29 -14.97 -37.00
C LEU B 45 19.83 -16.26 -37.67
N LYS B 46 20.04 -16.41 -38.97
CA LYS B 46 19.64 -17.63 -39.66
C LYS B 46 20.45 -18.81 -39.13
N GLY B 47 19.75 -19.78 -38.55
CA GLY B 47 20.42 -20.92 -37.94
C GLY B 47 20.99 -20.65 -36.56
N TYR B 48 20.78 -19.45 -36.02
CA TYR B 48 21.30 -19.12 -34.70
C TYR B 48 20.49 -19.84 -33.64
N ASP B 49 21.17 -20.62 -32.79
CA ASP B 49 20.50 -21.42 -31.77
C ASP B 49 20.52 -20.63 -30.46
N ILE B 50 19.35 -20.12 -30.06
CA ILE B 50 19.24 -19.42 -28.79
C ILE B 50 19.37 -20.39 -27.62
N ARG B 51 19.28 -21.69 -27.88
CA ARG B 51 19.34 -22.67 -26.81
C ARG B 51 20.75 -22.92 -26.30
N LEU B 52 21.77 -22.45 -27.02
CA LEU B 52 23.16 -22.72 -26.68
C LEU B 52 23.87 -21.42 -26.32
N ARG B 53 24.64 -21.45 -25.24
CA ARG B 53 25.43 -20.30 -24.84
C ARG B 53 26.59 -20.10 -25.83
N PRO B 54 27.15 -18.89 -25.88
CA PRO B 54 28.31 -18.66 -26.74
C PRO B 54 29.44 -19.63 -26.42
N ASP B 55 30.07 -20.15 -27.46
CA ASP B 55 31.17 -21.10 -27.30
C ASP B 55 30.74 -22.28 -26.42
N PHE B 56 29.54 -22.81 -26.70
CA PHE B 56 29.02 -23.94 -25.93
C PHE B 56 29.98 -25.11 -26.00
N GLY B 57 30.24 -25.73 -24.84
CA GLY B 57 31.16 -26.84 -24.77
C GLY B 57 32.59 -26.41 -24.56
N GLY B 58 32.92 -25.20 -25.01
CA GLY B 58 34.26 -24.68 -24.88
C GLY B 58 34.47 -23.92 -23.59
N PRO B 59 35.43 -23.00 -23.56
CA PRO B 59 35.71 -22.27 -22.34
C PRO B 59 34.54 -21.38 -21.94
N PRO B 60 34.41 -21.06 -20.66
CA PRO B 60 33.26 -20.25 -20.22
C PRO B 60 33.29 -18.86 -20.83
N VAL B 61 32.10 -18.30 -21.05
CA VAL B 61 31.98 -16.97 -21.63
C VAL B 61 31.96 -15.94 -20.50
N CYS B 62 32.82 -14.94 -20.60
CA CYS B 62 32.90 -13.90 -19.57
C CYS B 62 31.84 -12.85 -19.82
N VAL B 63 31.02 -12.58 -18.81
CA VAL B 63 29.96 -11.57 -18.89
C VAL B 63 30.33 -10.41 -17.99
N GLY B 64 30.87 -9.35 -18.58
CA GLY B 64 31.11 -8.13 -17.83
C GLY B 64 29.85 -7.30 -17.71
N MET B 65 29.68 -6.66 -16.56
CA MET B 65 28.46 -5.92 -16.31
C MET B 65 28.77 -4.68 -15.47
N ASN B 66 27.89 -3.69 -15.58
CA ASN B 66 28.03 -2.43 -14.86
C ASN B 66 26.63 -1.89 -14.60
N ILE B 67 26.53 -0.99 -13.63
CA ILE B 67 25.24 -0.49 -13.17
C ILE B 67 25.31 1.03 -13.04
N ASP B 68 24.24 1.70 -13.47
CA ASP B 68 24.01 3.11 -13.21
C ASP B 68 22.75 3.24 -12.39
N ILE B 69 22.90 3.61 -11.12
CA ILE B 69 21.77 3.61 -10.19
C ILE B 69 20.93 4.85 -10.42
N ALA B 70 19.61 4.64 -10.56
CA ALA B 70 18.70 5.76 -10.72
C ALA B 70 18.29 6.34 -9.37
N SER B 71 17.93 5.48 -8.42
CA SER B 71 17.50 5.93 -7.10
C SER B 71 17.22 4.72 -6.23
N ILE B 72 17.17 4.95 -4.92
CA ILE B 72 16.63 4.01 -3.95
C ILE B 72 15.32 4.59 -3.45
N ASP B 73 14.20 3.99 -3.88
CA ASP B 73 12.90 4.59 -3.64
C ASP B 73 12.62 4.71 -2.15
N MET B 74 12.85 3.64 -1.38
CA MET B 74 12.56 3.66 0.04
C MET B 74 13.32 2.54 0.73
N VAL B 75 13.51 2.71 2.04
CA VAL B 75 14.06 1.69 2.91
C VAL B 75 13.07 1.46 4.04
N SER B 76 12.66 0.21 4.21
CA SER B 76 11.56 -0.13 5.11
C SER B 76 12.06 -1.08 6.20
N GLU B 77 11.93 -0.64 7.46
CA GLU B 77 12.24 -1.54 8.57
C GLU B 77 11.13 -2.55 8.80
N VAL B 78 9.88 -2.12 8.65
CA VAL B 78 8.76 -3.03 8.88
C VAL B 78 8.79 -4.19 7.91
N ASN B 79 9.19 -3.95 6.66
CA ASN B 79 9.33 -5.01 5.66
C ASN B 79 10.74 -5.53 5.54
N MET B 80 11.71 -4.91 6.20
CA MET B 80 13.11 -5.34 6.13
C MET B 80 13.57 -5.45 4.67
N ASP B 81 13.37 -4.37 3.92
CA ASP B 81 13.72 -4.36 2.50
C ASP B 81 13.91 -2.93 2.04
N TYR B 82 14.46 -2.79 0.83
CA TYR B 82 14.62 -1.51 0.18
C TYR B 82 14.36 -1.67 -1.31
N THR B 83 13.90 -0.60 -1.95
CA THR B 83 13.53 -0.62 -3.35
C THR B 83 14.58 0.16 -4.14
N LEU B 84 15.19 -0.51 -5.12
CA LEU B 84 16.29 0.04 -5.90
C LEU B 84 15.89 0.08 -7.37
N THR B 85 16.09 1.23 -8.00
CA THR B 85 15.88 1.40 -9.43
C THR B 85 17.22 1.69 -10.08
N MET B 86 17.49 1.03 -11.20
CA MET B 86 18.84 1.04 -11.77
C MET B 86 18.79 0.78 -13.26
N TYR B 87 19.86 1.18 -13.95
CA TYR B 87 20.12 0.75 -15.32
C TYR B 87 21.16 -0.37 -15.26
N PHE B 88 20.71 -1.60 -15.53
CA PHE B 88 21.56 -2.78 -15.41
C PHE B 88 22.00 -3.22 -16.80
N GLN B 89 23.31 -3.40 -16.97
CA GLN B 89 23.88 -3.71 -18.28
C GLN B 89 24.79 -4.91 -18.20
N GLN B 90 24.87 -5.66 -19.29
CA GLN B 90 25.70 -6.85 -19.41
C GLN B 90 26.44 -6.79 -20.73
N TYR B 91 27.65 -7.36 -20.75
CA TYR B 91 28.55 -7.16 -21.89
C TYR B 91 29.35 -8.45 -22.07
N TRP B 92 29.07 -9.18 -23.15
CA TRP B 92 29.68 -10.48 -23.39
C TRP B 92 30.01 -10.63 -24.87
N ARG B 93 30.72 -11.70 -25.18
CA ARG B 93 31.25 -11.92 -26.52
C ARG B 93 30.60 -13.17 -27.13
N ASP B 94 30.12 -13.05 -28.36
CA ASP B 94 29.48 -14.14 -29.09
C ASP B 94 30.04 -14.19 -30.50
N LYS B 95 30.77 -15.26 -30.80
CA LYS B 95 31.32 -15.44 -32.14
C LYS B 95 30.24 -15.37 -33.21
N ARG B 96 29.08 -15.94 -32.94
CA ARG B 96 28.06 -16.11 -33.97
C ARG B 96 27.50 -14.78 -34.46
N LEU B 97 27.68 -13.70 -33.71
CA LEU B 97 27.14 -12.41 -34.07
C LEU B 97 28.15 -11.49 -34.74
N ALA B 98 29.34 -11.98 -35.04
CA ALA B 98 30.33 -11.16 -35.73
C ALA B 98 29.90 -10.89 -37.16
N TYR B 99 30.20 -9.69 -37.65
CA TYR B 99 29.88 -9.31 -39.01
C TYR B 99 31.00 -8.42 -39.55
N SER B 100 31.11 -8.38 -40.88
CA SER B 100 32.15 -7.60 -41.54
C SER B 100 31.52 -6.83 -42.69
N GLY B 101 32.23 -5.79 -43.12
CA GLY B 101 31.74 -4.89 -44.15
C GLY B 101 30.93 -3.72 -43.63
N ILE B 102 30.63 -3.68 -42.34
CA ILE B 102 29.89 -2.59 -41.71
C ILE B 102 30.75 -2.05 -40.57
N PRO B 103 31.29 -0.83 -40.67
CA PRO B 103 32.08 -0.31 -39.55
C PRO B 103 31.26 0.17 -38.38
N LEU B 104 29.94 0.25 -38.51
CA LEU B 104 29.09 0.81 -37.47
C LEU B 104 28.84 -0.22 -36.37
N ASN B 105 28.52 0.29 -35.18
CA ASN B 105 27.99 -0.52 -34.09
C ASN B 105 26.47 -0.55 -34.24
N LEU B 106 25.96 -1.67 -34.75
CA LEU B 106 24.53 -1.80 -35.03
C LEU B 106 23.69 -1.64 -33.77
N THR B 107 22.79 -0.67 -33.75
CA THR B 107 21.82 -0.50 -32.67
C THR B 107 20.49 -1.04 -33.16
N LEU B 108 20.16 -2.27 -32.75
CA LEU B 108 18.96 -2.94 -33.21
C LEU B 108 17.80 -2.66 -32.28
N ASP B 109 16.58 -2.85 -32.79
CA ASP B 109 15.39 -2.66 -31.98
C ASP B 109 15.41 -3.61 -30.80
N ASN B 110 14.89 -3.15 -29.66
CA ASN B 110 14.96 -3.93 -28.43
C ASN B 110 14.21 -5.25 -28.53
N ARG B 111 13.32 -5.40 -29.51
CA ARG B 111 12.60 -6.66 -29.67
C ARG B 111 13.50 -7.78 -30.18
N VAL B 112 14.73 -7.47 -30.60
CA VAL B 112 15.68 -8.50 -30.97
C VAL B 112 16.10 -9.33 -29.75
N ALA B 113 15.88 -8.81 -28.54
CA ALA B 113 16.24 -9.56 -27.34
C ALA B 113 15.54 -10.90 -27.27
N ASP B 114 14.35 -11.02 -27.87
CA ASP B 114 13.64 -12.29 -27.90
C ASP B 114 14.29 -13.31 -28.81
N GLN B 115 15.27 -12.89 -29.62
CA GLN B 115 15.87 -13.74 -30.63
C GLN B 115 17.34 -14.06 -30.36
N LEU B 116 17.88 -13.64 -29.22
CA LEU B 116 19.28 -13.83 -28.89
C LEU B 116 19.43 -14.57 -27.56
N TRP B 117 20.55 -15.27 -27.42
CA TRP B 117 20.92 -15.82 -26.12
C TRP B 117 21.42 -14.70 -25.22
N VAL B 118 20.88 -14.66 -23.99
CA VAL B 118 21.35 -13.69 -22.99
C VAL B 118 21.55 -14.39 -21.67
N PRO B 119 22.46 -13.87 -20.84
CA PRO B 119 22.76 -14.55 -19.58
C PRO B 119 21.53 -14.71 -18.69
N ASP B 120 21.47 -15.81 -17.97
CA ASP B 120 20.43 -16.03 -16.98
C ASP B 120 20.77 -15.39 -15.64
N THR B 121 21.15 -14.10 -15.66
CA THR B 121 21.50 -13.41 -14.43
C THR B 121 20.25 -13.09 -13.63
N TYR B 122 20.36 -13.19 -12.31
CA TYR B 122 19.22 -12.91 -11.43
C TYR B 122 19.74 -12.38 -10.10
N PHE B 123 18.83 -11.78 -9.35
CA PHE B 123 19.14 -11.18 -8.06
C PHE B 123 18.65 -12.10 -6.94
N LEU B 124 19.59 -12.65 -6.18
CA LEU B 124 19.24 -13.71 -5.23
C LEU B 124 18.36 -13.19 -4.11
N ASN B 125 18.64 -12.00 -3.59
CA ASN B 125 17.89 -11.45 -2.47
C ASN B 125 16.71 -10.59 -2.90
N ASP B 126 16.34 -10.64 -4.18
CA ASP B 126 15.23 -9.85 -4.67
C ASP B 126 13.91 -10.45 -4.19
N LYS B 127 12.99 -9.60 -3.75
CA LYS B 127 11.66 -10.05 -3.38
C LYS B 127 10.66 -9.82 -4.50
N LYS B 128 10.80 -8.72 -5.23
CA LYS B 128 9.83 -8.35 -6.25
C LYS B 128 10.45 -7.30 -7.18
N SER B 129 10.39 -7.55 -8.49
CA SER B 129 11.03 -6.65 -9.44
C SER B 129 10.37 -6.78 -10.80
N PHE B 130 10.66 -5.82 -11.67
CA PHE B 130 10.10 -5.81 -13.01
C PHE B 130 10.97 -4.93 -13.90
N VAL B 131 10.99 -5.26 -15.19
CA VAL B 131 11.60 -4.40 -16.20
C VAL B 131 10.56 -3.39 -16.66
N HIS B 132 10.91 -2.11 -16.62
CA HIS B 132 9.95 -1.06 -16.93
C HIS B 132 9.43 -1.24 -18.36
N GLY B 133 8.12 -1.06 -18.52
CA GLY B 133 7.47 -1.43 -19.77
C GLY B 133 6.69 -0.33 -20.47
N VAL B 134 6.80 0.91 -19.99
CA VAL B 134 6.02 2.00 -20.59
C VAL B 134 6.48 2.21 -22.03
N THR B 135 5.52 2.52 -22.91
CA THR B 135 5.79 2.69 -24.33
C THR B 135 6.26 1.38 -24.94
N VAL B 136 7.48 0.97 -24.60
CA VAL B 136 8.03 -0.31 -25.03
C VAL B 136 9.01 -0.77 -23.96
N LYS B 137 9.12 -2.08 -23.80
CA LYS B 137 9.92 -2.63 -22.71
C LYS B 137 11.34 -2.08 -22.78
N ASN B 138 11.82 -1.60 -21.63
CA ASN B 138 13.09 -0.86 -21.56
C ASN B 138 14.25 -1.85 -21.65
N ARG B 139 14.63 -2.16 -22.89
CA ARG B 139 15.80 -2.99 -23.17
C ARG B 139 16.61 -2.35 -24.29
N MET B 140 17.90 -2.65 -24.31
CA MET B 140 18.80 -2.13 -25.34
C MET B 140 19.73 -3.26 -25.78
N ILE B 141 20.00 -3.31 -27.08
CA ILE B 141 20.99 -4.20 -27.65
C ILE B 141 21.85 -3.41 -28.63
N ARG B 142 23.17 -3.51 -28.47
CA ARG B 142 24.12 -2.81 -29.33
C ARG B 142 25.17 -3.80 -29.78
N LEU B 143 25.13 -4.18 -31.05
CA LEU B 143 26.09 -5.12 -31.61
C LEU B 143 27.32 -4.37 -32.12
N HIS B 144 28.43 -5.09 -32.19
CA HIS B 144 29.69 -4.56 -32.68
C HIS B 144 30.29 -5.55 -33.67
N PRO B 145 31.21 -5.08 -34.53
CA PRO B 145 31.70 -5.96 -35.61
C PRO B 145 32.28 -7.29 -35.13
N ASP B 146 32.98 -7.30 -34.00
CA ASP B 146 33.67 -8.50 -33.55
C ASP B 146 32.74 -9.47 -32.81
N GLY B 147 31.46 -9.14 -32.66
CA GLY B 147 30.51 -10.03 -32.05
C GLY B 147 30.17 -9.71 -30.61
N THR B 148 30.89 -8.81 -29.97
CA THR B 148 30.59 -8.47 -28.58
C THR B 148 29.26 -7.74 -28.50
N VAL B 149 28.46 -8.11 -27.51
CA VAL B 149 27.08 -7.62 -27.37
C VAL B 149 26.97 -6.86 -26.06
N LEU B 150 26.29 -5.71 -26.12
CA LEU B 150 25.94 -4.94 -24.94
C LEU B 150 24.43 -5.01 -24.76
N TYR B 151 23.99 -5.45 -23.58
CA TYR B 151 22.58 -5.67 -23.30
C TYR B 151 22.21 -4.91 -22.04
N GLY B 152 21.22 -4.03 -22.15
CA GLY B 152 20.86 -3.15 -21.06
C GLY B 152 19.40 -3.27 -20.68
N LEU B 153 19.12 -2.98 -19.42
CA LEU B 153 17.78 -3.02 -18.86
C LEU B 153 17.61 -1.90 -17.85
N ARG B 154 16.38 -1.40 -17.71
CA ARG B 154 16.03 -0.51 -16.62
C ARG B 154 15.16 -1.29 -15.65
N ILE B 155 15.55 -1.31 -14.38
CA ILE B 155 15.05 -2.27 -13.41
C ILE B 155 14.60 -1.54 -12.15
N THR B 156 13.51 -2.02 -11.55
CA THR B 156 13.13 -1.68 -10.20
C THR B 156 13.00 -2.96 -9.40
N THR B 157 13.75 -3.07 -8.30
CA THR B 157 13.78 -4.28 -7.50
C THR B 157 13.61 -3.95 -6.03
N THR B 158 12.68 -4.65 -5.39
CA THR B 158 12.51 -4.58 -3.94
C THR B 158 13.32 -5.73 -3.34
N ALA B 159 14.50 -5.40 -2.80
CA ALA B 159 15.46 -6.39 -2.35
C ALA B 159 15.43 -6.48 -0.82
N ALA B 160 15.47 -7.71 -0.32
CA ALA B 160 15.46 -7.91 1.12
C ALA B 160 16.73 -7.37 1.75
N CYS B 161 16.58 -6.71 2.90
CA CYS B 161 17.73 -6.19 3.65
C CYS B 161 17.42 -6.34 5.14
N MET B 162 18.12 -7.25 5.80
CA MET B 162 17.93 -7.43 7.23
C MET B 162 18.68 -6.34 7.98
N MET B 163 18.05 -5.80 9.03
CA MET B 163 18.52 -4.62 9.71
C MET B 163 18.76 -4.93 11.18
N ASP B 164 19.92 -4.52 11.69
CA ASP B 164 20.26 -4.68 13.11
C ASP B 164 19.70 -3.47 13.85
N LEU B 165 18.46 -3.57 14.31
CA LEU B 165 17.76 -2.45 14.91
C LEU B 165 18.12 -2.23 16.38
N ARG B 166 19.12 -2.94 16.89
CA ARG B 166 19.52 -2.77 18.30
C ARG B 166 20.03 -1.36 18.55
N ARG B 167 20.65 -0.74 17.55
CA ARG B 167 21.15 0.63 17.65
C ARG B 167 20.13 1.66 17.19
N TYR B 168 18.93 1.24 16.82
CA TYR B 168 17.95 2.17 16.25
C TYR B 168 17.59 3.24 17.28
N PRO B 169 17.44 4.51 16.86
CA PRO B 169 17.65 5.08 15.53
C PRO B 169 19.07 5.58 15.32
N LEU B 170 20.02 5.17 16.15
CA LEU B 170 21.41 5.59 16.05
C LEU B 170 22.26 4.56 15.32
N ASP B 171 21.71 3.92 14.30
CA ASP B 171 22.31 2.75 13.67
C ASP B 171 22.78 3.08 12.25
N GLU B 172 23.58 2.17 11.71
CA GLU B 172 23.94 2.16 10.30
C GLU B 172 23.75 0.74 9.77
N GLN B 173 23.36 0.64 8.50
CA GLN B 173 22.93 -0.63 7.94
C GLN B 173 23.71 -0.92 6.65
N ASN B 174 23.78 -2.20 6.32
CA ASN B 174 24.50 -2.72 5.16
C ASN B 174 23.52 -3.50 4.28
N CYS B 175 22.83 -2.79 3.40
CA CYS B 175 22.00 -3.44 2.40
C CYS B 175 22.82 -3.78 1.16
N THR B 176 22.44 -4.86 0.50
CA THR B 176 23.20 -5.38 -0.63
C THR B 176 22.26 -5.84 -1.74
N LEU B 177 22.80 -5.92 -2.95
CA LEU B 177 22.15 -6.56 -4.08
C LEU B 177 23.02 -7.72 -4.54
N GLU B 178 22.43 -8.91 -4.60
CA GLU B 178 23.18 -10.13 -4.83
C GLU B 178 22.91 -10.62 -6.26
N ILE B 179 23.90 -10.49 -7.12
CA ILE B 179 23.78 -10.81 -8.55
C ILE B 179 24.41 -12.17 -8.79
N GLU B 180 23.69 -13.04 -9.51
CA GLU B 180 24.14 -14.40 -9.72
C GLU B 180 23.52 -14.94 -11.00
N SER B 181 24.17 -15.96 -11.57
CA SER B 181 23.63 -16.69 -12.72
C SER B 181 22.90 -17.94 -12.23
N TYR B 182 21.67 -18.11 -12.69
CA TYR B 182 20.85 -19.20 -12.18
C TYR B 182 21.24 -20.55 -12.78
N GLY B 183 21.33 -20.61 -14.10
CA GLY B 183 21.47 -21.89 -14.77
C GLY B 183 22.88 -22.38 -14.99
N TYR B 184 23.82 -21.47 -15.22
CA TYR B 184 25.17 -21.82 -15.64
C TYR B 184 26.13 -21.71 -14.48
N THR B 185 26.93 -22.76 -14.29
CA THR B 185 27.92 -22.79 -13.22
C THR B 185 29.19 -22.05 -13.66
N THR B 186 30.20 -22.06 -12.79
CA THR B 186 31.46 -21.42 -13.12
C THR B 186 32.17 -22.10 -14.28
N ASP B 187 31.80 -23.33 -14.61
CA ASP B 187 32.35 -24.01 -15.78
C ASP B 187 31.81 -23.45 -17.09
N ASP B 188 30.80 -22.59 -17.03
CA ASP B 188 30.18 -22.04 -18.23
C ASP B 188 30.13 -20.53 -18.27
N ILE B 189 29.98 -19.86 -17.12
CA ILE B 189 29.83 -18.42 -17.06
C ILE B 189 30.83 -17.86 -16.06
N GLU B 190 31.39 -16.70 -16.38
CA GLU B 190 32.21 -15.93 -15.46
C GLU B 190 31.72 -14.49 -15.44
N PHE B 191 31.52 -13.96 -14.23
CA PHE B 191 31.09 -12.58 -14.03
C PHE B 191 32.26 -11.72 -13.60
N TYR B 192 32.25 -10.47 -14.03
CA TYR B 192 33.24 -9.51 -13.57
C TYR B 192 32.69 -8.10 -13.73
N TRP B 193 33.19 -7.19 -12.88
CA TRP B 193 32.81 -5.79 -12.96
C TRP B 193 33.65 -5.10 -14.03
N ARG B 194 32.99 -4.43 -14.97
CA ARG B 194 33.71 -3.69 -16.00
C ARG B 194 34.31 -2.43 -15.40
N GLY B 195 35.63 -2.33 -15.44
CA GLY B 195 36.32 -1.19 -14.86
C GLY B 195 36.60 -1.29 -13.38
N GLY B 196 36.33 -2.45 -12.77
CA GLY B 196 36.61 -2.59 -11.35
C GLY B 196 35.69 -1.71 -10.52
N ASP B 197 36.29 -0.92 -9.63
CA ASP B 197 35.50 -0.08 -8.73
C ASP B 197 34.69 0.96 -9.48
N LYS B 198 35.03 1.24 -10.74
CA LYS B 198 34.29 2.22 -11.53
C LYS B 198 33.05 1.62 -12.18
N ALA B 199 32.71 0.37 -11.89
CA ALA B 199 31.62 -0.31 -12.58
C ALA B 199 30.26 0.17 -12.13
N VAL B 200 30.15 0.81 -10.96
CA VAL B 200 28.87 1.28 -10.44
C VAL B 200 28.91 2.79 -10.34
N THR B 201 27.89 3.44 -10.92
CA THR B 201 27.73 4.88 -10.86
C THR B 201 26.31 5.19 -10.45
N GLY B 202 26.05 6.46 -10.16
CA GLY B 202 24.76 6.90 -9.68
C GLY B 202 24.60 6.86 -8.17
N VAL B 203 25.58 6.31 -7.45
CA VAL B 203 25.53 6.35 -5.99
C VAL B 203 25.53 7.79 -5.50
N GLU B 204 26.04 8.71 -6.31
CA GLU B 204 26.05 10.13 -5.94
C GLU B 204 24.65 10.73 -5.93
N ARG B 205 23.70 10.14 -6.65
CA ARG B 205 22.37 10.72 -6.81
C ARG B 205 21.30 9.95 -6.04
N ILE B 206 21.69 9.16 -5.05
CA ILE B 206 20.72 8.52 -4.16
C ILE B 206 20.38 9.50 -3.04
N GLU B 207 19.11 9.90 -2.96
CA GLU B 207 18.64 10.83 -1.94
C GLU B 207 17.62 10.11 -1.07
N LEU B 208 17.87 10.07 0.24
CA LEU B 208 16.96 9.45 1.17
C LEU B 208 16.74 10.37 2.37
N PRO B 209 15.52 10.45 2.90
CA PRO B 209 15.31 11.24 4.12
C PRO B 209 16.12 10.73 5.30
N GLN B 210 16.02 9.45 5.61
CA GLN B 210 16.60 8.91 6.84
C GLN B 210 18.09 8.62 6.72
N PHE B 211 18.58 8.26 5.54
CA PHE B 211 19.89 7.65 5.42
C PHE B 211 20.79 8.47 4.49
N SER B 212 22.08 8.42 4.78
CA SER B 212 23.12 8.94 3.90
C SER B 212 24.16 7.85 3.68
N ILE B 213 24.53 7.63 2.42
CA ILE B 213 25.41 6.53 2.07
C ILE B 213 26.84 6.89 2.47
N VAL B 214 27.38 6.17 3.46
CA VAL B 214 28.77 6.38 3.85
C VAL B 214 29.71 5.89 2.76
N GLU B 215 29.42 4.73 2.16
CA GLU B 215 30.22 4.22 1.05
C GLU B 215 29.44 3.10 0.37
N HIS B 216 29.99 2.64 -0.75
CA HIS B 216 29.50 1.45 -1.44
C HIS B 216 30.70 0.59 -1.81
N ARG B 217 30.47 -0.71 -1.93
CA ARG B 217 31.56 -1.67 -2.12
C ARG B 217 31.13 -2.73 -3.12
N LEU B 218 32.10 -3.19 -3.92
CA LEU B 218 31.88 -4.18 -4.97
C LEU B 218 32.66 -5.44 -4.64
N VAL B 219 32.01 -6.60 -4.76
CA VAL B 219 32.63 -7.88 -4.46
C VAL B 219 32.30 -8.87 -5.56
N SER B 220 33.18 -9.86 -5.73
CA SER B 220 32.98 -10.94 -6.68
C SER B 220 33.36 -12.25 -6.01
N ARG B 221 32.54 -13.28 -6.18
CA ARG B 221 32.71 -14.52 -5.45
C ARG B 221 32.15 -15.68 -6.26
N ASN B 222 32.48 -16.90 -5.83
CA ASN B 222 31.85 -18.12 -6.32
C ASN B 222 31.09 -18.75 -5.17
N VAL B 223 29.80 -19.02 -5.39
CA VAL B 223 28.94 -19.66 -4.41
C VAL B 223 28.69 -21.09 -4.83
N VAL B 224 28.76 -22.01 -3.88
CA VAL B 224 28.61 -23.44 -4.13
C VAL B 224 27.28 -23.90 -3.56
N PHE B 225 26.45 -24.48 -4.42
CA PHE B 225 25.25 -25.19 -4.03
C PHE B 225 25.42 -26.68 -4.30
N ALA B 226 24.37 -27.45 -4.01
CA ALA B 226 24.42 -28.88 -4.28
C ALA B 226 24.55 -29.17 -5.77
N THR B 227 24.09 -28.25 -6.61
CA THR B 227 24.10 -28.44 -8.05
C THR B 227 25.36 -27.91 -8.72
N GLY B 228 26.26 -27.28 -7.97
CA GLY B 228 27.51 -26.79 -8.55
C GLY B 228 27.92 -25.44 -8.01
N ALA B 229 29.03 -24.90 -8.52
CA ALA B 229 29.55 -23.61 -8.10
C ALA B 229 29.14 -22.55 -9.10
N TYR B 230 28.52 -21.47 -8.61
CA TYR B 230 27.99 -20.44 -9.47
C TYR B 230 28.70 -19.12 -9.21
N PRO B 231 28.91 -18.30 -10.24
CA PRO B 231 29.55 -17.00 -10.02
C PRO B 231 28.59 -16.02 -9.35
N ARG B 232 29.16 -15.13 -8.54
CA ARG B 232 28.42 -14.10 -7.84
C ARG B 232 29.12 -12.75 -7.92
N LEU B 233 28.33 -11.70 -8.09
CA LEU B 233 28.74 -10.32 -7.90
C LEU B 233 27.84 -9.68 -6.86
N SER B 234 28.44 -8.94 -5.93
CA SER B 234 27.70 -8.34 -4.83
C SER B 234 27.95 -6.84 -4.80
N LEU B 235 26.88 -6.07 -4.65
CA LEU B 235 26.94 -4.63 -4.51
C LEU B 235 26.36 -4.27 -3.15
N SER B 236 27.13 -3.55 -2.34
CA SER B 236 26.78 -3.25 -0.96
C SER B 236 26.76 -1.75 -0.72
N PHE B 237 25.78 -1.30 0.05
CA PHE B 237 25.68 0.09 0.48
C PHE B 237 25.68 0.12 2.00
N ARG B 238 26.51 0.99 2.57
CA ARG B 238 26.51 1.23 4.02
C ARG B 238 25.73 2.50 4.29
N LEU B 239 24.59 2.36 4.96
CA LEU B 239 23.67 3.46 5.19
C LEU B 239 23.75 3.90 6.64
N LYS B 240 23.90 5.20 6.87
CA LYS B 240 23.89 5.77 8.21
C LYS B 240 22.66 6.64 8.36
N ARG B 241 21.94 6.46 9.46
CA ARG B 241 20.66 7.13 9.65
C ARG B 241 20.86 8.58 10.09
N ASN B 242 19.86 9.40 9.81
CA ASN B 242 19.84 10.80 10.23
C ASN B 242 18.98 10.93 11.47
N ILE B 243 19.56 11.49 12.54
CA ILE B 243 18.86 11.54 13.83
C ILE B 243 17.92 12.72 13.95
N GLY B 244 17.89 13.62 12.97
CA GLY B 244 17.09 14.83 13.11
C GLY B 244 15.63 14.53 13.37
N TYR B 245 15.04 13.60 12.63
CA TYR B 245 13.61 13.32 12.77
C TYR B 245 13.28 12.85 14.18
N PHE B 246 14.10 11.95 14.73
CA PHE B 246 13.78 11.37 16.02
C PHE B 246 14.02 12.34 17.16
N ILE B 247 14.94 13.29 16.99
CA ILE B 247 15.15 14.31 18.01
C ILE B 247 13.87 15.13 18.20
N LEU B 248 13.27 15.56 17.09
CA LEU B 248 12.10 16.43 17.17
C LEU B 248 10.86 15.64 17.60
N GLN B 249 10.72 14.41 17.14
CA GLN B 249 9.48 13.66 17.33
C GLN B 249 9.46 12.78 18.56
N THR B 250 10.60 12.27 19.01
CA THR B 250 10.61 11.36 20.15
C THR B 250 11.38 11.92 21.34
N TYR B 251 12.65 12.27 21.14
CA TYR B 251 13.48 12.68 22.26
C TYR B 251 13.00 14.00 22.86
N MET B 252 12.69 14.99 22.01
CA MET B 252 12.23 16.27 22.53
C MET B 252 10.95 16.12 23.35
N PRO B 253 9.91 15.44 22.87
CA PRO B 253 8.74 15.22 23.75
C PRO B 253 9.10 14.57 25.07
N SER B 254 9.84 13.46 25.04
CA SER B 254 10.14 12.75 26.28
C SER B 254 10.93 13.62 27.25
N ILE B 255 11.91 14.37 26.75
CA ILE B 255 12.66 15.27 27.61
C ILE B 255 11.74 16.34 28.19
N LEU B 256 10.92 16.94 27.34
CA LEU B 256 10.03 18.01 27.79
C LEU B 256 9.01 17.50 28.79
N ILE B 257 8.44 16.31 28.54
CA ILE B 257 7.50 15.73 29.49
C ILE B 257 8.21 15.36 30.78
N THR B 258 9.45 14.86 30.70
CA THR B 258 10.19 14.57 31.92
C THR B 258 10.47 15.83 32.72
N ILE B 259 10.87 16.91 32.04
CA ILE B 259 11.03 18.19 32.73
C ILE B 259 9.70 18.64 33.31
N LEU B 260 8.61 18.44 32.56
CA LEU B 260 7.28 18.77 33.05
C LEU B 260 6.98 18.07 34.37
N SER B 261 7.56 16.88 34.58
CA SER B 261 7.34 16.18 35.84
C SER B 261 7.94 16.93 37.02
N TRP B 262 8.98 17.74 36.78
CA TRP B 262 9.64 18.46 37.86
C TRP B 262 8.88 19.70 38.31
N VAL B 263 7.84 20.11 37.57
CA VAL B 263 6.97 21.17 38.06
C VAL B 263 6.29 20.74 39.36
N SER B 264 6.18 19.42 39.55
CA SER B 264 5.55 18.90 40.77
C SER B 264 6.31 19.31 42.03
N PHE B 265 7.63 19.26 41.98
CA PHE B 265 8.43 19.55 43.18
C PHE B 265 8.25 20.97 43.66
N TRP B 266 7.88 21.91 42.78
CA TRP B 266 7.75 23.31 43.16
C TRP B 266 6.36 23.66 43.67
N ILE B 267 5.35 22.87 43.30
CA ILE B 267 3.99 23.13 43.77
C ILE B 267 3.89 22.77 45.25
N ASN B 268 3.07 23.51 45.98
CA ASN B 268 2.97 23.31 47.42
C ASN B 268 2.45 21.91 47.74
N TYR B 269 2.96 21.34 48.83
CA TYR B 269 2.67 19.95 49.16
C TYR B 269 1.24 19.73 49.64
N ASP B 270 0.51 20.80 49.97
CA ASP B 270 -0.88 20.62 50.38
C ASP B 270 -1.78 20.32 49.19
N ALA B 271 -1.33 20.60 47.98
CA ALA B 271 -2.12 20.39 46.76
C ALA B 271 -2.01 18.93 46.29
N SER B 272 -2.69 18.05 47.02
CA SER B 272 -2.68 16.64 46.68
C SER B 272 -3.33 16.40 45.32
N ALA B 273 -4.45 17.06 45.05
CA ALA B 273 -5.13 16.87 43.78
C ALA B 273 -4.25 17.30 42.62
N ALA B 274 -3.58 18.44 42.75
CA ALA B 274 -2.74 18.94 41.66
C ALA B 274 -1.46 18.11 41.52
N ARG B 275 -0.80 17.82 42.64
CA ARG B 275 0.45 17.06 42.57
C ARG B 275 0.22 15.68 41.95
N VAL B 276 -0.85 15.00 42.35
CA VAL B 276 -1.15 13.69 41.79
C VAL B 276 -1.55 13.81 40.34
N ALA B 277 -2.45 14.75 40.03
CA ALA B 277 -2.93 14.87 38.66
C ALA B 277 -1.80 15.17 37.69
N LEU B 278 -0.87 16.03 38.09
CA LEU B 278 0.28 16.32 37.25
C LEU B 278 1.14 15.08 37.07
N GLY B 279 1.37 14.32 38.15
CA GLY B 279 2.22 13.17 38.11
C GLY B 279 1.68 12.00 37.31
N ILE B 280 0.44 11.60 37.59
CA ILE B 280 -0.13 10.43 36.92
C ILE B 280 -0.32 10.70 35.43
N THR B 281 -0.76 11.91 35.08
CA THR B 281 -0.92 12.24 33.67
C THR B 281 0.42 12.20 32.93
N THR B 282 1.49 12.65 33.58
CA THR B 282 2.82 12.54 32.98
C THR B 282 3.19 11.08 32.75
N VAL B 283 2.95 10.23 33.75
CA VAL B 283 3.23 8.81 33.60
C VAL B 283 2.40 8.22 32.48
N LEU B 284 1.13 8.62 32.39
CA LEU B 284 0.27 8.14 31.32
C LEU B 284 0.82 8.53 29.95
N THR B 285 1.29 9.78 29.83
CA THR B 285 1.82 10.24 28.55
C THR B 285 3.05 9.43 28.14
N MET B 286 3.95 9.15 29.09
CA MET B 286 5.12 8.36 28.78
C MET B 286 4.74 6.95 28.34
N THR B 287 3.69 6.38 28.92
CA THR B 287 3.26 5.04 28.52
C THR B 287 2.80 5.03 27.06
N THR B 288 2.00 6.03 26.66
CA THR B 288 1.53 6.08 25.28
C THR B 288 2.66 6.29 24.30
N ILE B 289 3.65 7.13 24.66
CA ILE B 289 4.81 7.32 23.79
C ILE B 289 5.57 6.00 23.65
N ASN B 290 5.72 5.26 24.74
CA ASN B 290 6.46 4.00 24.70
C ASN B 290 5.81 3.03 23.71
N THR B 291 4.49 2.82 23.84
CA THR B 291 3.82 1.84 23.00
C THR B 291 3.57 2.32 21.59
N HIS B 292 3.45 3.64 21.39
CA HIS B 292 3.06 4.17 20.09
C HIS B 292 4.13 3.89 19.04
N LEU B 293 5.39 4.22 19.34
CA LEU B 293 6.42 4.21 18.31
C LEU B 293 6.60 2.82 17.71
N ARG B 294 6.39 1.77 18.48
CA ARG B 294 6.57 0.41 17.97
C ARG B 294 5.53 0.04 16.92
N GLU B 295 4.46 0.82 16.79
CA GLU B 295 3.47 0.57 15.74
C GLU B 295 3.99 0.98 14.38
N THR B 296 5.02 1.82 14.30
CA THR B 296 5.55 2.32 13.05
C THR B 296 6.74 1.52 12.54
N LEU B 297 7.09 0.43 13.20
CA LEU B 297 8.30 -0.31 12.89
C LEU B 297 8.12 -1.74 13.36
N PRO B 298 8.90 -2.68 12.83
CA PRO B 298 8.57 -4.09 13.03
C PRO B 298 8.65 -4.49 14.50
N LYS B 299 7.79 -5.46 14.86
CA LYS B 299 7.73 -5.96 16.23
C LYS B 299 8.89 -6.92 16.49
N ILE B 300 10.09 -6.36 16.44
CA ILE B 300 11.32 -7.12 16.66
C ILE B 300 11.45 -7.40 18.17
N PRO B 301 11.70 -8.67 18.59
CA PRO B 301 11.70 -9.00 20.02
C PRO B 301 13.01 -8.71 20.75
N TYR B 302 13.39 -7.44 20.82
CA TYR B 302 14.45 -7.02 21.72
C TYR B 302 14.39 -5.51 21.92
N VAL B 303 15.00 -5.06 23.00
CA VAL B 303 14.94 -3.65 23.38
C VAL B 303 15.95 -2.87 22.53
N LYS B 304 15.48 -1.81 21.88
CA LYS B 304 16.32 -0.96 21.07
C LYS B 304 16.88 0.19 21.91
N ALA B 305 17.78 0.97 21.30
CA ALA B 305 18.41 2.07 22.01
C ALA B 305 17.37 3.08 22.48
N ILE B 306 16.41 3.41 21.61
CA ILE B 306 15.38 4.37 21.99
C ILE B 306 14.48 3.79 23.07
N ASP B 307 14.22 2.48 23.03
CA ASP B 307 13.41 1.85 24.06
C ASP B 307 14.08 1.97 25.43
N MET B 308 15.41 1.82 25.48
CA MET B 308 16.12 2.02 26.74
C MET B 308 15.93 3.44 27.24
N TYR B 309 15.98 4.43 26.34
CA TYR B 309 15.76 5.81 26.75
C TYR B 309 14.35 6.00 27.29
N LEU B 310 13.35 5.49 26.58
CA LEU B 310 11.97 5.68 27.01
C LEU B 310 11.68 4.98 28.32
N MET B 311 12.27 3.82 28.55
CA MET B 311 12.17 3.20 29.87
C MET B 311 12.97 3.99 30.91
N GLY B 312 14.10 4.58 30.50
CA GLY B 312 14.83 5.45 31.41
C GLY B 312 14.02 6.66 31.82
N CYS B 313 13.35 7.29 30.85
CA CYS B 313 12.49 8.42 31.16
C CYS B 313 11.30 7.99 32.02
N PHE B 314 10.78 6.80 31.77
CA PHE B 314 9.62 6.32 32.53
C PHE B 314 9.95 6.23 34.02
N VAL B 315 11.15 5.72 34.34
CA VAL B 315 11.53 5.60 35.74
C VAL B 315 11.53 6.96 36.43
N PHE B 316 12.06 7.98 35.75
CA PHE B 316 12.13 9.31 36.36
C PHE B 316 10.74 9.89 36.60
N VAL B 317 9.87 9.83 35.59
CA VAL B 317 8.51 10.33 35.79
C VAL B 317 7.75 9.47 36.78
N PHE B 318 7.98 8.15 36.76
CA PHE B 318 7.32 7.27 37.70
C PHE B 318 7.80 7.51 39.13
N LEU B 319 9.12 7.59 39.32
CA LEU B 319 9.65 7.88 40.64
C LEU B 319 9.27 9.28 41.11
N ALA B 320 9.18 10.23 40.18
CA ALA B 320 8.71 11.57 40.52
C ALA B 320 7.30 11.56 41.07
N LEU B 321 6.50 10.55 40.75
CA LEU B 321 5.17 10.40 41.35
C LEU B 321 5.25 9.77 42.73
N LEU B 322 6.08 8.73 42.89
CA LEU B 322 6.30 8.18 44.22
C LEU B 322 6.88 9.24 45.15
N GLU B 323 7.63 10.20 44.61
CA GLU B 323 8.12 11.31 45.42
C GLU B 323 6.98 11.95 46.20
N TYR B 324 5.85 12.19 45.53
CA TYR B 324 4.72 12.77 46.23
C TYR B 324 3.98 11.73 47.07
N ALA B 325 4.07 10.45 46.68
CA ALA B 325 3.40 9.42 47.46
C ALA B 325 3.99 9.33 48.87
N PHE B 326 5.31 9.41 48.99
CA PHE B 326 5.95 9.30 50.30
C PHE B 326 5.80 10.58 51.11
N VAL B 327 5.95 11.74 50.48
CA VAL B 327 5.85 12.99 51.23
C VAL B 327 4.44 13.15 51.79
N ASN B 328 3.43 12.75 51.01
CA ASN B 328 2.07 12.74 51.54
C ASN B 328 1.96 11.79 52.73
N TYR B 329 2.56 10.61 52.64
CA TYR B 329 2.53 9.66 53.75
C TYR B 329 3.24 10.24 54.96
N ILE B 330 4.41 10.86 54.76
CA ILE B 330 5.13 11.45 55.87
C ILE B 330 4.41 12.68 56.40
N PHE B 331 3.87 13.50 55.50
CA PHE B 331 3.25 14.75 55.92
C PHE B 331 2.06 14.50 56.83
N PHE B 332 1.20 13.54 56.46
CA PHE B 332 -0.04 13.27 57.19
C PHE B 332 0.10 12.11 58.17
N SER B 333 0.47 10.92 57.69
CA SER B 333 0.47 9.73 58.51
C SER B 333 1.67 9.63 59.44
N GLN B 334 2.70 10.44 59.23
CA GLN B 334 3.89 10.38 60.08
C GLN B 334 4.60 11.73 60.14
N GLU B 574 8.20 15.95 65.11
CA GLU B 574 8.38 17.02 64.14
C GLU B 574 8.55 16.48 62.72
N LEU B 575 8.40 15.16 62.57
CA LEU B 575 8.56 14.55 61.26
C LEU B 575 7.49 15.03 60.28
N TYR B 576 6.34 15.46 60.79
CA TYR B 576 5.32 16.02 59.90
C TYR B 576 5.81 17.29 59.21
N LYS B 577 6.58 18.10 59.92
CA LYS B 577 7.07 19.37 59.40
C LYS B 577 8.45 19.27 58.78
N GLY B 578 9.36 18.52 59.39
CA GLY B 578 10.74 18.48 58.94
C GLY B 578 10.98 17.59 57.73
N ARG B 579 10.73 16.28 57.88
CA ARG B 579 11.06 15.35 56.81
C ARG B 579 10.25 15.65 55.55
N ALA B 580 8.99 16.06 55.71
CA ALA B 580 8.16 16.35 54.54
C ALA B 580 8.78 17.46 53.70
N ALA B 581 9.32 18.50 54.34
CA ALA B 581 9.94 19.59 53.60
C ALA B 581 11.29 19.17 53.04
N ALA B 582 12.07 18.41 53.82
CA ALA B 582 13.41 18.03 53.38
C ALA B 582 13.37 17.18 52.13
N ILE B 583 12.48 16.19 52.09
CA ILE B 583 12.42 15.28 50.95
C ILE B 583 12.04 16.05 49.69
N ASP B 584 11.05 16.92 49.78
CA ASP B 584 10.65 17.71 48.62
C ASP B 584 11.77 18.63 48.15
N ARG B 585 12.49 19.24 49.09
CA ARG B 585 13.58 20.14 48.70
C ARG B 585 14.73 19.37 48.05
N TRP B 586 15.01 18.15 48.53
CA TRP B 586 16.04 17.33 47.90
C TRP B 586 15.67 17.01 46.45
N SER B 587 14.40 16.69 46.21
CA SER B 587 13.98 16.26 44.88
C SER B 587 14.22 17.33 43.83
N ARG B 588 14.19 18.60 44.23
CA ARG B 588 14.34 19.68 43.25
C ARG B 588 15.76 19.73 42.67
N ILE B 589 16.72 19.06 43.29
CA ILE B 589 18.09 19.01 42.78
C ILE B 589 18.50 17.59 42.42
N VAL B 590 17.96 16.59 43.11
CA VAL B 590 18.34 15.21 42.81
C VAL B 590 17.78 14.77 41.47
N PHE B 591 16.49 15.03 41.22
CA PHE B 591 15.89 14.56 39.97
C PHE B 591 16.49 15.25 38.76
N PRO B 592 16.58 16.59 38.69
CA PRO B 592 17.22 17.20 37.52
C PRO B 592 18.66 16.75 37.32
N PHE B 593 19.41 16.58 38.40
CA PHE B 593 20.80 16.15 38.28
C PHE B 593 20.89 14.72 37.77
N THR B 594 20.11 13.82 38.36
CA THR B 594 20.18 12.41 37.97
C THR B 594 19.72 12.20 36.53
N PHE B 595 18.71 12.95 36.09
CA PHE B 595 18.27 12.85 34.70
C PHE B 595 19.38 13.26 33.75
N SER B 596 20.09 14.34 34.07
CA SER B 596 21.24 14.75 33.25
C SER B 596 22.33 13.69 33.30
N LEU B 597 22.56 13.09 34.46
CA LEU B 597 23.55 12.02 34.57
C LEU B 597 23.16 10.84 33.68
N PHE B 598 21.88 10.44 33.72
CA PHE B 598 21.42 9.38 32.85
C PHE B 598 21.50 9.80 31.38
N ASN B 599 21.10 11.04 31.09
CA ASN B 599 21.13 11.52 29.71
C ASN B 599 22.55 11.56 29.17
N LEU B 600 23.49 12.03 30.00
CA LEU B 600 24.88 12.11 29.55
C LEU B 600 25.43 10.73 29.21
N VAL B 601 25.15 9.74 30.05
CA VAL B 601 25.66 8.39 29.81
C VAL B 601 25.04 7.81 28.56
N TYR B 602 23.77 8.12 28.30
CA TYR B 602 23.08 7.54 27.16
C TYR B 602 23.75 7.95 25.85
N TRP B 603 23.97 9.25 25.65
CA TRP B 603 24.55 9.72 24.39
C TRP B 603 26.02 9.34 24.26
N LEU B 604 26.77 9.38 25.36
CA LEU B 604 28.17 8.96 25.30
C LEU B 604 28.29 7.48 24.94
N TYR B 605 27.32 6.66 25.36
CA TYR B 605 27.37 5.24 25.05
C TYR B 605 27.16 5.00 23.57
N TYR B 606 26.14 5.62 22.98
CA TYR B 606 25.74 5.31 21.61
C TYR B 606 26.40 6.20 20.57
N VAL B 607 26.45 7.51 20.81
CA VAL B 607 26.99 8.43 19.82
C VAL B 607 28.51 8.46 19.85
N ASN B 608 29.10 8.60 21.03
CA ASN B 608 30.56 8.62 21.16
C ASN B 608 31.17 7.23 21.15
N SER B 609 30.36 6.18 21.27
CA SER B 609 30.88 4.81 21.29
C SER B 609 29.85 3.84 20.73
N PRO C 31 -9.34 2.59 -57.56
CA PRO C 31 -10.18 3.22 -56.55
C PRO C 31 -9.90 2.71 -55.14
N GLY C 32 -10.60 3.27 -54.15
CA GLY C 32 -10.36 2.94 -52.77
C GLY C 32 -11.07 1.69 -52.28
N ASN C 33 -11.26 0.72 -53.17
CA ASN C 33 -11.88 -0.53 -52.77
C ASN C 33 -11.04 -1.22 -51.70
N MET C 34 -11.71 -1.88 -50.75
CA MET C 34 -11.00 -2.49 -49.63
C MET C 34 -9.97 -3.50 -50.11
N SER C 35 -10.23 -4.18 -51.23
CA SER C 35 -9.23 -5.08 -51.79
C SER C 35 -7.98 -4.30 -52.20
N PHE C 36 -8.17 -3.14 -52.81
CA PHE C 36 -7.03 -2.29 -53.18
C PHE C 36 -6.29 -1.81 -51.94
N VAL C 37 -7.02 -1.46 -50.88
CA VAL C 37 -6.38 -1.00 -49.65
C VAL C 37 -5.64 -2.15 -48.97
N LYS C 38 -6.26 -3.33 -48.91
CA LYS C 38 -5.58 -4.48 -48.32
C LYS C 38 -4.26 -4.75 -49.02
N GLU C 39 -4.28 -4.86 -50.35
CA GLU C 39 -3.05 -5.16 -51.06
C GLU C 39 -2.02 -4.05 -50.92
N THR C 40 -2.48 -2.79 -50.88
CA THR C 40 -1.54 -1.68 -50.66
C THR C 40 -0.85 -1.82 -49.30
N VAL C 41 -1.62 -2.09 -48.24
CA VAL C 41 -1.04 -2.24 -46.92
C VAL C 41 -0.09 -3.43 -46.90
N ASP C 42 -0.45 -4.51 -47.61
CA ASP C 42 0.40 -5.70 -47.63
C ASP C 42 1.76 -5.41 -48.23
N LYS C 43 1.80 -4.64 -49.33
CA LYS C 43 3.09 -4.30 -49.93
C LYS C 43 3.94 -3.46 -48.99
N LEU C 44 3.33 -2.54 -48.24
CA LEU C 44 4.09 -1.74 -47.30
C LEU C 44 4.76 -2.61 -46.25
N LEU C 45 4.04 -3.59 -45.71
CA LEU C 45 4.59 -4.48 -44.70
C LEU C 45 5.43 -5.61 -45.29
N LYS C 46 5.30 -5.87 -46.59
CA LYS C 46 6.05 -6.96 -47.20
C LYS C 46 7.52 -6.58 -47.30
N GLY C 47 8.37 -7.35 -46.63
CA GLY C 47 9.79 -7.05 -46.56
C GLY C 47 10.17 -6.02 -45.53
N TYR C 48 9.21 -5.47 -44.80
CA TYR C 48 9.51 -4.47 -43.79
C TYR C 48 10.26 -5.11 -42.63
N ASP C 49 11.19 -4.36 -42.05
CA ASP C 49 12.04 -4.84 -40.96
C ASP C 49 11.86 -3.94 -39.75
N ILE C 50 11.24 -4.47 -38.70
CA ILE C 50 11.03 -3.70 -37.48
C ILE C 50 12.35 -3.47 -36.74
N ARG C 51 13.38 -4.25 -37.05
CA ARG C 51 14.64 -4.17 -36.31
C ARG C 51 15.45 -2.93 -36.66
N LEU C 52 15.13 -2.27 -37.77
CA LEU C 52 15.93 -1.15 -38.27
C LEU C 52 15.10 0.13 -38.23
N ARG C 53 15.70 1.20 -37.74
CA ARG C 53 15.04 2.49 -37.67
C ARG C 53 14.91 3.10 -39.07
N PRO C 54 13.96 4.03 -39.26
CA PRO C 54 13.87 4.71 -40.55
C PRO C 54 15.17 5.40 -40.91
N ASP C 55 15.52 5.36 -42.19
CA ASP C 55 16.76 5.96 -42.69
C ASP C 55 17.97 5.42 -41.97
N PHE C 56 17.99 4.10 -41.72
CA PHE C 56 19.09 3.50 -40.98
C PHE C 56 20.42 3.79 -41.66
N GLY C 57 21.39 4.23 -40.87
CA GLY C 57 22.70 4.58 -41.39
C GLY C 57 22.76 6.02 -41.86
N GLY C 58 21.59 6.62 -42.08
CA GLY C 58 21.51 7.99 -42.52
C GLY C 58 21.38 8.94 -41.35
N PRO C 59 20.93 10.17 -41.61
CA PRO C 59 20.81 11.16 -40.54
C PRO C 59 19.74 10.74 -39.54
N PRO C 60 19.66 11.42 -38.39
CA PRO C 60 18.75 10.98 -37.34
C PRO C 60 17.29 11.08 -37.74
N VAL C 61 16.46 10.31 -37.05
CA VAL C 61 15.01 10.38 -37.22
C VAL C 61 14.47 11.48 -36.33
N CYS C 62 13.72 12.41 -36.92
CA CYS C 62 13.11 13.48 -36.14
C CYS C 62 11.75 13.01 -35.61
N VAL C 63 11.65 12.88 -34.30
CA VAL C 63 10.43 12.40 -33.64
C VAL C 63 9.83 13.58 -32.89
N GLY C 64 8.60 13.95 -33.25
CA GLY C 64 7.93 15.08 -32.64
C GLY C 64 6.94 14.68 -31.57
N MET C 65 7.24 15.00 -30.32
CA MET C 65 6.36 14.65 -29.22
C MET C 65 5.20 15.62 -29.11
N ASN C 66 4.11 15.15 -28.49
CA ASN C 66 2.92 15.94 -28.28
C ASN C 66 2.10 15.27 -27.19
N ILE C 67 1.64 16.06 -26.22
CA ILE C 67 0.96 15.52 -25.04
C ILE C 67 -0.31 16.32 -24.79
N ASP C 68 -1.38 15.62 -24.42
CA ASP C 68 -2.59 16.23 -23.90
C ASP C 68 -2.82 15.69 -22.50
N ILE C 69 -2.78 16.58 -21.51
CA ILE C 69 -2.88 16.16 -20.11
C ILE C 69 -4.34 15.88 -19.79
N ALA C 70 -4.62 14.66 -19.33
CA ALA C 70 -5.96 14.29 -18.93
C ALA C 70 -6.25 14.65 -17.48
N SER C 71 -5.27 14.45 -16.60
CA SER C 71 -5.45 14.78 -15.18
C SER C 71 -4.15 14.50 -14.45
N ILE C 72 -4.02 15.13 -13.28
CA ILE C 72 -3.00 14.79 -12.30
C ILE C 72 -3.73 14.22 -11.10
N ASP C 73 -3.75 12.89 -10.99
CA ASP C 73 -4.63 12.23 -10.04
C ASP C 73 -4.30 12.58 -8.59
N MET C 74 -3.02 12.64 -8.23
CA MET C 74 -2.67 12.95 -6.85
C MET C 74 -1.23 13.41 -6.78
N VAL C 75 -0.95 14.20 -5.74
CA VAL C 75 0.40 14.65 -5.42
C VAL C 75 0.64 14.33 -3.95
N SER C 76 1.71 13.57 -3.67
CA SER C 76 1.93 13.04 -2.33
C SER C 76 3.36 13.36 -1.90
N GLU C 77 3.49 13.97 -0.72
CA GLU C 77 4.82 14.21 -0.15
C GLU C 77 5.38 12.93 0.48
N VAL C 78 4.51 12.10 1.06
CA VAL C 78 4.98 10.90 1.76
C VAL C 78 5.73 9.97 0.82
N ASN C 79 5.41 10.02 -0.48
CA ASN C 79 6.10 9.21 -1.47
C ASN C 79 6.97 10.03 -2.42
N MET C 80 6.93 11.36 -2.33
CA MET C 80 7.70 12.22 -3.21
C MET C 80 7.42 11.89 -4.68
N ASP C 81 6.13 11.83 -5.01
CA ASP C 81 5.72 11.46 -6.36
C ASP C 81 4.35 12.05 -6.66
N TYR C 82 3.99 12.02 -7.94
CA TYR C 82 2.68 12.46 -8.40
C TYR C 82 2.24 11.56 -9.54
N THR C 83 0.93 11.41 -9.69
CA THR C 83 0.34 10.54 -10.70
C THR C 83 -0.23 11.39 -11.83
N LEU C 84 0.13 11.04 -13.06
CA LEU C 84 -0.23 11.81 -14.24
C LEU C 84 -0.81 10.89 -15.31
N THR C 85 -1.95 11.29 -15.87
CA THR C 85 -2.60 10.58 -16.97
C THR C 85 -2.65 11.51 -18.17
N MET C 86 -2.32 10.98 -19.34
CA MET C 86 -2.12 11.82 -20.51
C MET C 86 -2.30 11.01 -21.79
N TYR C 87 -2.62 11.72 -22.87
CA TYR C 87 -2.56 11.18 -24.22
C TYR C 87 -1.21 11.57 -24.81
N PHE C 88 -0.40 10.57 -25.15
CA PHE C 88 0.97 10.78 -25.60
C PHE C 88 1.11 10.36 -27.05
N GLN C 89 1.53 11.29 -27.90
CA GLN C 89 1.61 11.07 -29.34
C GLN C 89 3.03 11.30 -29.83
N GLN C 90 3.36 10.65 -30.95
CA GLN C 90 4.66 10.75 -31.59
C GLN C 90 4.47 10.84 -33.09
N TYR C 91 5.19 11.76 -33.72
CA TYR C 91 5.15 11.96 -35.17
C TYR C 91 6.54 11.78 -35.75
N TRP C 92 6.66 10.93 -36.77
CA TRP C 92 7.92 10.75 -37.47
C TRP C 92 7.62 10.27 -38.88
N ARG C 93 8.61 10.41 -39.75
CA ARG C 93 8.50 9.99 -41.15
C ARG C 93 9.30 8.71 -41.36
N ASP C 94 8.63 7.70 -41.92
CA ASP C 94 9.27 6.45 -42.33
C ASP C 94 8.97 6.25 -43.81
N LYS C 95 9.98 6.46 -44.66
CA LYS C 95 9.75 6.41 -46.09
C LYS C 95 9.32 5.03 -46.56
N ARG C 96 9.58 3.98 -45.77
CA ARG C 96 9.16 2.64 -46.14
C ARG C 96 7.65 2.48 -46.16
N LEU C 97 6.92 3.37 -45.49
CA LEU C 97 5.48 3.27 -45.38
C LEU C 97 4.74 4.25 -46.28
N ALA C 98 5.44 4.93 -47.18
CA ALA C 98 4.79 5.83 -48.11
C ALA C 98 3.96 5.04 -49.12
N TYR C 99 2.82 5.60 -49.49
CA TYR C 99 1.93 4.94 -50.44
C TYR C 99 1.23 6.00 -51.29
N SER C 100 0.76 5.56 -52.45
CA SER C 100 0.13 6.46 -53.41
C SER C 100 -1.15 5.83 -53.93
N GLY C 101 -2.01 6.67 -54.50
CA GLY C 101 -3.30 6.23 -55.00
C GLY C 101 -4.40 6.20 -53.98
N ILE C 102 -4.13 6.55 -52.73
CA ILE C 102 -5.11 6.55 -51.66
C ILE C 102 -5.15 7.95 -51.06
N PRO C 103 -6.21 8.74 -51.28
CA PRO C 103 -6.25 10.08 -50.69
C PRO C 103 -6.28 10.07 -49.17
N LEU C 104 -6.67 8.97 -48.55
CA LEU C 104 -6.94 8.94 -47.12
C LEU C 104 -5.65 8.96 -46.31
N ASN C 105 -5.76 9.43 -45.07
CA ASN C 105 -4.80 9.14 -44.01
C ASN C 105 -5.28 7.86 -43.35
N LEU C 106 -4.65 6.74 -43.70
CA LEU C 106 -5.10 5.44 -43.22
C LEU C 106 -5.05 5.36 -41.70
N THR C 107 -6.15 4.89 -41.11
CA THR C 107 -6.20 4.54 -39.71
C THR C 107 -6.38 3.02 -39.61
N LEU C 108 -5.53 2.37 -38.83
CA LEU C 108 -5.45 0.93 -38.80
C LEU C 108 -5.68 0.41 -37.39
N ASP C 109 -6.02 -0.88 -37.31
CA ASP C 109 -6.13 -1.54 -36.02
C ASP C 109 -4.81 -1.40 -35.26
N ASN C 110 -4.91 -1.11 -33.96
CA ASN C 110 -3.74 -0.73 -33.19
C ASN C 110 -2.70 -1.84 -33.13
N ARG C 111 -3.08 -3.09 -33.43
CA ARG C 111 -2.12 -4.18 -33.41
C ARG C 111 -1.09 -4.08 -34.53
N VAL C 112 -1.28 -3.17 -35.49
CA VAL C 112 -0.23 -2.90 -36.47
C VAL C 112 1.02 -2.39 -35.78
N ALA C 113 0.86 -1.80 -34.59
CA ALA C 113 2.01 -1.29 -33.85
C ALA C 113 3.06 -2.35 -33.61
N ASP C 114 2.65 -3.61 -33.43
CA ASP C 114 3.61 -4.69 -33.21
C ASP C 114 4.32 -5.09 -34.50
N GLN C 115 3.90 -4.57 -35.65
CA GLN C 115 4.49 -4.90 -36.93
C GLN C 115 5.33 -3.77 -37.51
N LEU C 116 5.52 -2.68 -36.77
CA LEU C 116 6.21 -1.50 -37.26
C LEU C 116 7.29 -1.06 -36.28
N TRP C 117 8.25 -0.30 -36.78
CA TRP C 117 9.23 0.34 -35.92
C TRP C 117 8.62 1.56 -35.24
N VAL C 118 8.75 1.61 -33.92
CA VAL C 118 8.30 2.77 -33.15
C VAL C 118 9.43 3.15 -32.19
N PRO C 119 9.75 4.43 -32.02
CA PRO C 119 10.91 4.79 -31.20
C PRO C 119 10.73 4.36 -29.75
N ASP C 120 11.85 4.03 -29.12
CA ASP C 120 11.86 3.54 -27.74
C ASP C 120 11.83 4.65 -26.70
N THR C 121 10.86 5.55 -26.79
CA THR C 121 10.74 6.61 -25.79
C THR C 121 10.34 6.02 -24.44
N TYR C 122 10.84 6.63 -23.37
CA TYR C 122 10.49 6.21 -22.03
C TYR C 122 10.69 7.38 -21.08
N PHE C 123 10.13 7.25 -19.89
CA PHE C 123 10.13 8.33 -18.90
C PHE C 123 11.15 8.01 -17.81
N LEU C 124 12.10 8.92 -17.61
CA LEU C 124 13.23 8.62 -16.73
C LEU C 124 12.79 8.48 -15.28
N ASN C 125 12.00 9.43 -14.79
CA ASN C 125 11.69 9.54 -13.37
C ASN C 125 10.39 8.84 -12.98
N ASP C 126 9.79 8.08 -13.90
CA ASP C 126 8.60 7.33 -13.54
C ASP C 126 8.94 6.25 -12.51
N LYS C 127 7.96 5.97 -11.64
CA LYS C 127 8.09 4.93 -10.64
C LYS C 127 7.36 3.65 -11.04
N LYS C 128 6.17 3.78 -11.61
CA LYS C 128 5.50 2.67 -12.27
C LYS C 128 4.46 3.26 -13.22
N SER C 129 4.33 2.64 -14.39
CA SER C 129 3.50 3.17 -15.45
C SER C 129 2.84 2.03 -16.20
N PHE C 130 1.73 2.33 -16.86
CA PHE C 130 1.00 1.34 -17.63
C PHE C 130 0.19 2.04 -18.72
N VAL C 131 -0.02 1.33 -19.82
CA VAL C 131 -0.88 1.79 -20.89
C VAL C 131 -2.27 1.17 -20.71
N HIS C 132 -3.30 2.00 -20.81
CA HIS C 132 -4.65 1.56 -20.50
C HIS C 132 -5.08 0.45 -21.46
N GLY C 133 -5.78 -0.54 -20.93
CA GLY C 133 -6.09 -1.75 -21.69
C GLY C 133 -7.55 -2.12 -21.75
N VAL C 134 -8.45 -1.23 -21.31
CA VAL C 134 -9.87 -1.54 -21.34
C VAL C 134 -10.32 -1.73 -22.78
N THR C 135 -11.19 -2.71 -22.99
CA THR C 135 -11.64 -3.08 -24.33
C THR C 135 -10.46 -3.59 -25.16
N VAL C 136 -9.55 -2.69 -25.52
CA VAL C 136 -8.32 -3.05 -26.23
C VAL C 136 -7.29 -1.98 -25.92
N LYS C 137 -6.02 -2.37 -25.93
CA LYS C 137 -4.96 -1.46 -25.50
C LYS C 137 -5.06 -0.14 -26.24
N ASN C 138 -5.04 0.96 -25.48
CA ASN C 138 -5.30 2.29 -26.01
C ASN C 138 -4.07 2.76 -26.79
N ARG C 139 -4.00 2.32 -28.04
CA ARG C 139 -2.94 2.73 -28.97
C ARG C 139 -3.58 3.20 -30.27
N MET C 140 -2.85 4.04 -30.99
CA MET C 140 -3.33 4.60 -32.26
C MET C 140 -2.16 4.70 -33.22
N ILE C 141 -2.38 4.26 -34.46
CA ILE C 141 -1.44 4.49 -35.56
C ILE C 141 -2.22 5.00 -36.76
N ARG C 142 -1.73 6.07 -37.36
CA ARG C 142 -2.36 6.68 -38.52
C ARG C 142 -1.28 7.00 -39.54
N LEU C 143 -1.37 6.39 -40.71
CA LEU C 143 -0.36 6.51 -41.75
C LEU C 143 -0.79 7.55 -42.77
N HIS C 144 0.12 8.46 -43.10
CA HIS C 144 -0.14 9.47 -44.11
C HIS C 144 0.58 9.12 -45.41
N PRO C 145 0.08 9.59 -46.55
CA PRO C 145 0.65 9.14 -47.83
C PRO C 145 2.14 9.36 -47.97
N ASP C 146 2.69 10.45 -47.43
CA ASP C 146 4.11 10.74 -47.57
C ASP C 146 4.98 9.89 -46.66
N GLY C 147 4.39 9.01 -45.85
CA GLY C 147 5.15 8.15 -44.95
C GLY C 147 5.17 8.60 -43.52
N THR C 148 4.53 9.72 -43.18
CA THR C 148 4.51 10.19 -41.81
C THR C 148 3.62 9.27 -40.97
N VAL C 149 4.13 8.88 -39.80
CA VAL C 149 3.42 7.97 -38.91
C VAL C 149 3.05 8.74 -37.64
N LEU C 150 1.77 8.67 -37.27
CA LEU C 150 1.29 9.21 -36.01
C LEU C 150 1.02 8.05 -35.06
N TYR C 151 1.81 7.94 -34.01
CA TYR C 151 1.69 6.87 -33.03
C TYR C 151 1.32 7.47 -31.68
N GLY C 152 0.18 7.10 -31.16
CA GLY C 152 -0.31 7.68 -29.91
C GLY C 152 -0.88 6.60 -29.01
N LEU C 153 -0.76 6.83 -27.71
CA LEU C 153 -1.25 5.90 -26.71
C LEU C 153 -1.50 6.63 -25.41
N ARG C 154 -2.49 6.17 -24.65
CA ARG C 154 -2.89 6.79 -23.40
C ARG C 154 -2.15 6.12 -22.25
N ILE C 155 -1.48 6.92 -21.43
CA ILE C 155 -0.56 6.41 -20.41
C ILE C 155 -0.87 7.07 -19.07
N THR C 156 -0.82 6.28 -18.01
CA THR C 156 -0.88 6.76 -16.64
C THR C 156 0.44 6.46 -15.96
N THR C 157 1.11 7.51 -15.48
CA THR C 157 2.45 7.39 -14.93
C THR C 157 2.48 7.97 -13.52
N THR C 158 3.15 7.26 -12.61
CA THR C 158 3.45 7.76 -11.28
C THR C 158 4.93 8.14 -11.26
N ALA C 159 5.20 9.45 -11.26
CA ALA C 159 6.55 9.95 -11.45
C ALA C 159 7.08 10.58 -10.18
N ALA C 160 8.37 10.38 -9.93
CA ALA C 160 9.01 10.93 -8.74
C ALA C 160 9.13 12.44 -8.85
N CYS C 161 8.88 13.13 -7.74
CA CYS C 161 9.07 14.58 -7.65
C CYS C 161 9.59 14.88 -6.25
N MET C 162 10.91 15.09 -6.14
CA MET C 162 11.49 15.45 -4.85
C MET C 162 11.04 16.86 -4.48
N MET C 163 10.66 17.05 -3.22
CA MET C 163 10.01 18.26 -2.78
C MET C 163 10.79 18.88 -1.61
N ASP C 164 10.89 20.21 -1.63
CA ASP C 164 11.56 20.96 -0.58
C ASP C 164 10.50 21.35 0.46
N LEU C 165 10.47 20.60 1.55
CA LEU C 165 9.46 20.80 2.60
C LEU C 165 9.90 21.78 3.68
N ARG C 166 10.99 22.53 3.46
CA ARG C 166 11.44 23.50 4.45
C ARG C 166 10.44 24.63 4.65
N ARG C 167 9.47 24.76 3.74
CA ARG C 167 8.39 25.75 3.86
C ARG C 167 7.02 25.10 3.75
N TYR C 168 6.80 23.96 4.43
CA TYR C 168 5.76 23.01 4.06
C TYR C 168 4.39 23.62 3.72
N PRO C 169 3.67 24.27 4.64
CA PRO C 169 2.36 24.82 4.23
C PRO C 169 2.47 26.00 3.27
N LEU C 170 3.65 26.59 3.13
CA LEU C 170 3.85 27.83 2.39
C LEU C 170 4.90 27.70 1.29
N ASP C 171 4.94 26.56 0.62
CA ASP C 171 6.04 26.24 -0.27
C ASP C 171 5.61 26.29 -1.75
N GLU C 172 6.62 26.20 -2.62
CA GLU C 172 6.44 26.09 -4.06
C GLU C 172 7.30 24.93 -4.55
N GLN C 173 6.81 24.18 -5.52
CA GLN C 173 7.46 22.95 -5.94
C GLN C 173 7.57 22.87 -7.46
N ASN C 174 8.64 22.25 -7.92
CA ASN C 174 8.90 21.98 -9.33
C ASN C 174 8.85 20.47 -9.55
N CYS C 175 7.84 20.01 -10.28
CA CYS C 175 7.72 18.61 -10.67
C CYS C 175 7.84 18.51 -12.18
N THR C 176 8.63 17.55 -12.63
CA THR C 176 8.97 17.42 -14.04
C THR C 176 8.73 15.99 -14.52
N LEU C 177 8.44 15.87 -15.81
CA LEU C 177 8.39 14.59 -16.51
C LEU C 177 9.52 14.58 -17.53
N GLU C 178 10.45 13.63 -17.39
CA GLU C 178 11.61 13.54 -18.26
C GLU C 178 11.35 12.49 -19.33
N ILE C 179 11.52 12.87 -20.59
CA ILE C 179 11.25 12.01 -21.74
C ILE C 179 12.56 11.78 -22.46
N GLU C 180 12.86 10.53 -22.77
CA GLU C 180 14.15 10.18 -23.36
C GLU C 180 14.02 8.92 -24.20
N SER C 181 14.98 8.73 -25.10
CA SER C 181 15.07 7.50 -25.88
C SER C 181 16.06 6.56 -25.20
N TYR C 182 15.61 5.32 -24.95
CA TYR C 182 16.44 4.40 -24.17
C TYR C 182 17.68 3.97 -24.94
N GLY C 183 17.51 3.55 -26.20
CA GLY C 183 18.59 2.93 -26.92
C GLY C 183 19.30 3.82 -27.92
N TYR C 184 18.55 4.61 -28.68
CA TYR C 184 19.11 5.38 -29.77
C TYR C 184 19.69 6.69 -29.27
N THR C 185 20.94 6.97 -29.65
CA THR C 185 21.61 8.20 -29.26
C THR C 185 21.21 9.33 -30.21
N THR C 186 21.80 10.51 -30.01
CA THR C 186 21.50 11.66 -30.86
C THR C 186 21.94 11.43 -32.29
N ASP C 187 22.85 10.49 -32.54
CA ASP C 187 23.25 10.19 -33.92
C ASP C 187 22.16 9.47 -34.69
N ASP C 188 21.12 8.99 -34.00
CA ASP C 188 20.05 8.22 -34.63
C ASP C 188 18.67 8.83 -34.46
N ILE C 189 18.38 9.50 -33.35
CA ILE C 189 17.06 10.06 -33.08
C ILE C 189 17.23 11.48 -32.54
N GLU C 190 16.34 12.37 -32.97
CA GLU C 190 16.28 13.74 -32.46
C GLU C 190 14.84 14.02 -32.01
N PHE C 191 14.66 14.20 -30.71
CA PHE C 191 13.37 14.62 -30.20
C PHE C 191 13.16 16.11 -30.40
N TYR C 192 11.90 16.51 -30.53
CA TYR C 192 11.54 17.92 -30.54
C TYR C 192 10.05 18.03 -30.20
N TRP C 193 9.70 19.17 -29.61
CA TRP C 193 8.31 19.45 -29.27
C TRP C 193 7.58 19.90 -30.53
N ARG C 194 6.63 19.10 -31.00
CA ARG C 194 5.90 19.43 -32.22
C ARG C 194 4.96 20.59 -31.94
N GLY C 195 5.20 21.73 -32.58
CA GLY C 195 4.45 22.93 -32.29
C GLY C 195 5.06 23.83 -31.25
N GLY C 196 6.29 23.53 -30.82
CA GLY C 196 6.94 24.39 -29.85
C GLY C 196 6.23 24.39 -28.52
N ASP C 197 5.96 25.59 -28.00
CA ASP C 197 5.33 25.72 -26.68
C ASP C 197 3.88 25.26 -26.67
N LYS C 198 3.29 25.02 -27.83
CA LYS C 198 1.92 24.50 -27.92
C LYS C 198 1.88 22.98 -27.85
N ALA C 199 3.03 22.32 -27.70
CA ALA C 199 3.09 20.87 -27.76
C ALA C 199 2.39 20.18 -26.62
N VAL C 200 2.13 20.88 -25.51
CA VAL C 200 1.45 20.31 -24.35
C VAL C 200 0.17 21.10 -24.11
N THR C 201 -0.94 20.40 -24.03
CA THR C 201 -2.24 21.02 -23.80
C THR C 201 -2.96 20.29 -22.68
N GLY C 202 -3.98 20.95 -22.13
CA GLY C 202 -4.74 20.41 -21.03
C GLY C 202 -4.25 20.82 -19.66
N VAL C 203 -3.04 21.39 -19.55
CA VAL C 203 -2.58 21.91 -18.28
C VAL C 203 -3.42 23.09 -17.81
N GLU C 204 -4.16 23.71 -18.74
CA GLU C 204 -5.08 24.77 -18.38
C GLU C 204 -6.18 24.28 -17.45
N ARG C 205 -6.39 22.97 -17.39
CA ARG C 205 -7.63 22.39 -16.90
C ARG C 205 -7.41 21.41 -15.74
N ILE C 206 -6.30 21.52 -15.02
CA ILE C 206 -5.97 20.58 -13.96
C ILE C 206 -6.43 21.22 -12.64
N GLU C 207 -7.45 20.62 -12.02
CA GLU C 207 -8.00 21.12 -10.77
C GLU C 207 -7.47 20.25 -9.62
N LEU C 208 -6.27 20.59 -9.16
CA LEU C 208 -5.73 19.95 -7.98
C LEU C 208 -6.32 20.58 -6.72
N PRO C 209 -6.68 19.80 -5.71
CA PRO C 209 -7.31 20.37 -4.52
C PRO C 209 -6.33 21.16 -3.65
N GLN C 210 -5.14 20.60 -3.45
CA GLN C 210 -4.15 21.20 -2.56
C GLN C 210 -3.14 22.08 -3.28
N PHE C 211 -3.10 22.05 -4.61
CA PHE C 211 -2.09 22.77 -5.37
C PHE C 211 -2.76 23.52 -6.52
N SER C 212 -1.99 24.44 -7.11
CA SER C 212 -2.39 25.17 -8.30
C SER C 212 -1.19 25.29 -9.23
N ILE C 213 -1.44 25.11 -10.53
CA ILE C 213 -0.37 25.14 -11.53
C ILE C 213 -0.06 26.61 -11.82
N VAL C 214 1.02 27.12 -11.23
CA VAL C 214 1.41 28.50 -11.48
C VAL C 214 1.94 28.65 -12.90
N GLU C 215 2.77 27.72 -13.35
CA GLU C 215 3.42 27.82 -14.64
C GLU C 215 3.86 26.43 -15.09
N HIS C 216 4.03 26.29 -16.41
CA HIS C 216 4.68 25.13 -16.99
C HIS C 216 5.51 25.60 -18.17
N ARG C 217 6.58 24.85 -18.46
CA ARG C 217 7.44 25.18 -19.59
C ARG C 217 8.07 23.91 -20.14
N LEU C 218 8.44 23.97 -21.41
CA LEU C 218 8.93 22.82 -22.16
C LEU C 218 10.41 23.02 -22.48
N VAL C 219 11.20 21.97 -22.31
CA VAL C 219 12.65 22.03 -22.50
C VAL C 219 13.09 20.88 -23.38
N SER C 220 14.11 21.13 -24.19
CA SER C 220 14.74 20.12 -25.02
C SER C 220 16.25 20.27 -24.93
N ARG C 221 16.95 19.15 -24.84
CA ARG C 221 18.40 19.17 -24.67
C ARG C 221 18.96 17.79 -24.98
N ASN C 222 20.29 17.74 -25.08
CA ASN C 222 21.01 16.49 -25.26
C ASN C 222 21.75 16.16 -23.98
N VAL C 223 21.59 14.93 -23.50
CA VAL C 223 22.19 14.46 -22.25
C VAL C 223 23.16 13.34 -22.58
N VAL C 224 24.37 13.44 -22.03
CA VAL C 224 25.47 12.57 -22.41
C VAL C 224 25.77 11.60 -21.27
N PHE C 225 25.81 10.32 -21.60
CA PHE C 225 26.31 9.27 -20.74
C PHE C 225 27.61 8.73 -21.34
N ALA C 226 28.15 7.67 -20.71
CA ALA C 226 29.34 7.05 -21.25
C ALA C 226 29.07 6.39 -22.60
N THR C 227 27.85 5.90 -22.81
CA THR C 227 27.51 5.22 -24.05
C THR C 227 27.19 6.17 -25.20
N GLY C 228 26.98 7.44 -24.91
CA GLY C 228 26.72 8.42 -25.96
C GLY C 228 25.78 9.49 -25.47
N ALA C 229 25.50 10.44 -26.38
CA ALA C 229 24.61 11.55 -26.09
C ALA C 229 23.20 11.20 -26.55
N TYR C 230 22.23 11.33 -25.65
CA TYR C 230 20.86 10.94 -25.95
C TYR C 230 19.95 12.16 -26.00
N PRO C 231 18.95 12.17 -26.88
CA PRO C 231 18.01 13.29 -26.90
C PRO C 231 17.05 13.23 -25.72
N ARG C 232 16.65 14.40 -25.23
CA ARG C 232 15.77 14.49 -24.08
C ARG C 232 14.79 15.64 -24.25
N LEU C 233 13.53 15.38 -23.90
CA LEU C 233 12.52 16.40 -23.68
C LEU C 233 12.02 16.30 -22.24
N SER C 234 11.63 17.42 -21.67
CA SER C 234 11.15 17.44 -20.29
C SER C 234 10.03 18.46 -20.16
N LEU C 235 9.00 18.08 -19.41
CA LEU C 235 7.84 18.92 -19.14
C LEU C 235 7.82 19.21 -17.64
N SER C 236 7.76 20.50 -17.29
CA SER C 236 7.91 20.94 -15.91
C SER C 236 6.66 21.70 -15.47
N PHE C 237 6.20 21.41 -14.25
CA PHE C 237 5.12 22.15 -13.63
C PHE C 237 5.63 22.81 -12.36
N ARG C 238 5.21 24.06 -12.13
CA ARG C 238 5.52 24.77 -10.90
C ARG C 238 4.25 24.88 -10.07
N LEU C 239 4.27 24.27 -8.88
CA LEU C 239 3.09 24.12 -8.05
C LEU C 239 3.19 25.07 -6.86
N LYS C 240 2.11 25.79 -6.59
CA LYS C 240 1.97 26.60 -5.39
C LYS C 240 0.81 26.08 -4.57
N ARG C 241 1.03 25.90 -3.27
CA ARG C 241 0.08 25.20 -2.42
C ARG C 241 -1.05 26.12 -1.99
N ASN C 242 -2.19 25.50 -1.64
CA ASN C 242 -3.30 26.21 -1.04
C ASN C 242 -3.24 26.01 0.46
N ILE C 243 -3.26 27.12 1.22
CA ILE C 243 -3.06 27.05 2.65
C ILE C 243 -4.36 26.75 3.39
N GLY C 244 -5.48 26.61 2.67
CA GLY C 244 -6.77 26.51 3.32
C GLY C 244 -6.88 25.34 4.28
N TYR C 245 -6.44 24.16 3.86
CA TYR C 245 -6.59 22.98 4.69
C TYR C 245 -5.81 23.11 6.00
N PHE C 246 -4.58 23.61 5.92
CA PHE C 246 -3.73 23.67 7.11
C PHE C 246 -4.14 24.77 8.07
N ILE C 247 -4.72 25.86 7.57
CA ILE C 247 -5.31 26.86 8.45
C ILE C 247 -6.44 26.24 9.26
N LEU C 248 -7.31 25.48 8.59
CA LEU C 248 -8.48 24.93 9.25
C LEU C 248 -8.10 23.86 10.28
N GLN C 249 -7.07 23.07 9.99
CA GLN C 249 -6.81 21.84 10.74
C GLN C 249 -5.60 21.91 11.66
N THR C 250 -4.63 22.79 11.40
CA THR C 250 -3.43 22.80 12.22
C THR C 250 -3.16 24.14 12.91
N TYR C 251 -3.29 25.25 12.17
CA TYR C 251 -2.94 26.54 12.75
C TYR C 251 -4.02 27.03 13.71
N MET C 252 -5.27 27.09 13.25
CA MET C 252 -6.35 27.54 14.12
C MET C 252 -6.45 26.69 15.38
N PRO C 253 -6.42 25.35 15.31
CA PRO C 253 -6.35 24.57 16.55
C PRO C 253 -5.17 24.95 17.43
N SER C 254 -3.99 25.18 16.84
CA SER C 254 -2.84 25.57 17.65
C SER C 254 -3.05 26.94 18.30
N ILE C 255 -3.60 27.90 17.55
CA ILE C 255 -3.83 29.23 18.10
C ILE C 255 -4.86 29.18 19.22
N LEU C 256 -5.97 28.47 18.99
CA LEU C 256 -7.05 28.46 19.98
C LEU C 256 -6.61 27.80 21.28
N ILE C 257 -5.88 26.69 21.19
CA ILE C 257 -5.37 26.05 22.39
C ILE C 257 -4.39 26.97 23.12
N THR C 258 -3.55 27.68 22.36
CA THR C 258 -2.61 28.61 22.97
C THR C 258 -3.36 29.71 23.73
N ILE C 259 -4.43 30.23 23.13
CA ILE C 259 -5.25 31.22 23.80
C ILE C 259 -5.88 30.62 25.06
N LEU C 260 -6.38 29.39 24.95
CA LEU C 260 -7.03 28.75 26.10
C LEU C 260 -6.08 28.65 27.29
N SER C 261 -4.78 28.47 27.02
CA SER C 261 -3.82 28.39 28.11
C SER C 261 -3.75 29.69 28.91
N TRP C 262 -4.03 30.83 28.27
CA TRP C 262 -4.01 32.10 28.98
C TRP C 262 -5.17 32.24 29.95
N VAL C 263 -6.17 31.36 29.87
CA VAL C 263 -7.29 31.43 30.80
C VAL C 263 -6.82 31.17 32.23
N SER C 264 -5.67 30.51 32.39
CA SER C 264 -5.15 30.24 33.72
C SER C 264 -4.87 31.54 34.48
N PHE C 265 -4.32 32.54 33.79
CA PHE C 265 -3.96 33.78 34.45
C PHE C 265 -5.17 34.48 35.08
N TRP C 266 -6.35 34.35 34.48
CA TRP C 266 -7.55 34.95 35.05
C TRP C 266 -8.06 34.18 36.26
N ILE C 267 -7.93 32.86 36.27
CA ILE C 267 -8.37 32.06 37.40
C ILE C 267 -7.53 32.41 38.62
N ASN C 268 -8.17 32.41 39.79
CA ASN C 268 -7.47 32.80 41.01
C ASN C 268 -6.33 31.83 41.32
N TYR C 269 -5.27 32.38 41.91
CA TYR C 269 -4.09 31.57 42.21
C TYR C 269 -4.38 30.48 43.24
N ASP C 270 -5.36 30.71 44.12
CA ASP C 270 -5.66 29.72 45.16
C ASP C 270 -6.20 28.41 44.59
N ALA C 271 -6.79 28.44 43.40
CA ALA C 271 -7.33 27.23 42.77
C ALA C 271 -6.21 26.44 42.10
N SER C 272 -5.43 25.76 42.94
CA SER C 272 -4.27 25.01 42.43
C SER C 272 -4.71 23.92 41.47
N ALA C 273 -5.73 23.14 41.84
CA ALA C 273 -6.15 22.04 41.00
C ALA C 273 -6.72 22.52 39.66
N ALA C 274 -7.23 23.75 39.63
CA ALA C 274 -7.81 24.27 38.40
C ALA C 274 -6.73 24.75 37.43
N ARG C 275 -5.77 25.52 37.91
CA ARG C 275 -4.74 26.06 37.02
C ARG C 275 -3.76 24.98 36.56
N VAL C 276 -3.54 23.96 37.38
CA VAL C 276 -2.73 22.83 36.95
C VAL C 276 -3.46 22.04 35.88
N ALA C 277 -4.74 21.73 36.11
CA ALA C 277 -5.51 20.98 35.14
C ALA C 277 -5.61 21.73 33.82
N LEU C 278 -5.81 23.05 33.88
CA LEU C 278 -5.85 23.86 32.67
C LEU C 278 -4.50 23.86 31.96
N GLY C 279 -3.41 23.74 32.72
CA GLY C 279 -2.08 23.75 32.16
C GLY C 279 -1.68 22.41 31.55
N ILE C 280 -1.82 21.34 32.33
CA ILE C 280 -1.42 20.02 31.84
C ILE C 280 -2.25 19.64 30.61
N THR C 281 -3.54 19.96 30.61
CA THR C 281 -4.38 19.59 29.48
C THR C 281 -3.92 20.28 28.20
N THR C 282 -3.62 21.57 28.27
CA THR C 282 -3.18 22.29 27.08
C THR C 282 -1.85 21.76 26.56
N VAL C 283 -0.92 21.45 27.47
CA VAL C 283 0.39 20.94 27.07
C VAL C 283 0.23 19.65 26.28
N LEU C 284 -0.62 18.74 26.77
CA LEU C 284 -0.81 17.46 26.11
C LEU C 284 -1.70 17.57 24.88
N THR C 285 -2.46 18.65 24.74
CA THR C 285 -3.17 18.89 23.49
C THR C 285 -2.21 19.29 22.39
N MET C 286 -1.18 20.08 22.72
CA MET C 286 -0.17 20.44 21.73
C MET C 286 0.56 19.21 21.21
N THR C 287 0.92 18.29 22.10
CA THR C 287 1.53 17.05 21.66
C THR C 287 0.57 16.24 20.80
N THR C 288 -0.73 16.25 21.15
CA THR C 288 -1.72 15.55 20.34
C THR C 288 -1.77 16.09 18.92
N ILE C 289 -1.48 17.38 18.71
CA ILE C 289 -1.39 17.92 17.37
C ILE C 289 -0.16 17.39 16.66
N ASN C 290 0.96 17.30 17.37
CA ASN C 290 2.20 16.79 16.76
C ASN C 290 2.03 15.35 16.32
N THR C 291 1.39 14.52 17.14
CA THR C 291 1.18 13.12 16.77
C THR C 291 0.41 12.98 15.47
N HIS C 292 -0.53 13.88 15.19
CA HIS C 292 -1.23 13.83 13.91
C HIS C 292 -0.32 14.26 12.76
N LEU C 293 0.45 15.34 12.97
CA LEU C 293 1.40 15.76 11.95
C LEU C 293 2.47 14.70 11.69
N ARG C 294 2.68 13.78 12.63
CA ARG C 294 3.64 12.71 12.46
C ARG C 294 3.21 11.71 11.39
N GLU C 295 1.96 11.79 10.94
CA GLU C 295 1.41 10.82 10.00
C GLU C 295 1.34 11.35 8.57
N THR C 296 1.30 12.66 8.38
CA THR C 296 0.96 13.23 7.07
C THR C 296 2.17 13.40 6.16
N LEU C 297 3.39 13.20 6.65
CA LEU C 297 4.59 13.57 5.89
C LEU C 297 5.66 12.51 6.05
N PRO C 298 6.63 12.47 5.13
CA PRO C 298 7.74 11.54 5.27
C PRO C 298 8.66 11.93 6.42
N LYS C 299 9.45 10.96 6.86
CA LYS C 299 10.31 11.13 8.03
C LYS C 299 11.57 11.91 7.66
N ILE C 300 11.38 13.22 7.54
CA ILE C 300 12.44 14.13 7.10
C ILE C 300 13.32 14.50 8.30
N PRO C 301 14.62 14.75 8.12
CA PRO C 301 15.43 15.17 9.27
C PRO C 301 15.20 16.62 9.69
N TYR C 302 15.13 17.54 8.74
CA TYR C 302 15.17 18.96 9.09
C TYR C 302 13.82 19.46 9.58
N VAL C 303 13.86 20.61 10.24
CA VAL C 303 12.65 21.20 10.81
C VAL C 303 11.89 21.93 9.72
N LYS C 304 10.58 21.67 9.64
CA LYS C 304 9.71 22.30 8.66
C LYS C 304 9.05 23.54 9.26
N ALA C 305 8.44 24.35 8.40
CA ALA C 305 7.81 25.58 8.86
C ALA C 305 6.69 25.29 9.85
N ILE C 306 5.87 24.29 9.56
CA ILE C 306 4.80 23.94 10.49
C ILE C 306 5.38 23.45 11.81
N ASP C 307 6.42 22.62 11.75
CA ASP C 307 7.04 22.13 12.98
C ASP C 307 7.58 23.29 13.83
N MET C 308 8.15 24.30 13.17
CA MET C 308 8.66 25.45 13.92
C MET C 308 7.54 26.18 14.63
N TYR C 309 6.37 26.30 13.98
CA TYR C 309 5.24 26.98 14.61
C TYR C 309 4.70 26.17 15.80
N LEU C 310 4.58 24.84 15.64
CA LEU C 310 4.07 24.04 16.74
C LEU C 310 4.97 24.12 17.96
N MET C 311 6.29 24.04 17.76
CA MET C 311 7.21 24.21 18.88
C MET C 311 7.17 25.64 19.41
N GLY C 312 6.85 26.61 18.56
CA GLY C 312 6.62 27.96 19.05
C GLY C 312 5.41 28.03 19.96
N CYS C 313 4.31 27.39 19.56
CA CYS C 313 3.14 27.32 20.41
C CYS C 313 3.42 26.53 21.68
N PHE C 314 4.17 25.43 21.56
CA PHE C 314 4.48 24.61 22.72
C PHE C 314 5.24 25.42 23.77
N VAL C 315 6.12 26.32 23.33
CA VAL C 315 6.87 27.14 24.27
C VAL C 315 5.94 28.01 25.09
N PHE C 316 4.99 28.67 24.43
CA PHE C 316 4.03 29.50 25.16
C PHE C 316 3.16 28.66 26.07
N VAL C 317 2.69 27.51 25.59
CA VAL C 317 1.87 26.64 26.42
C VAL C 317 2.67 26.09 27.59
N PHE C 318 3.94 25.75 27.35
CA PHE C 318 4.79 25.26 28.44
C PHE C 318 5.09 26.37 29.44
N LEU C 319 5.40 27.57 28.95
CA LEU C 319 5.65 28.70 29.85
C LEU C 319 4.39 29.09 30.61
N ALA C 320 3.21 28.86 30.02
CA ALA C 320 1.97 29.18 30.71
C ALA C 320 1.77 28.35 31.97
N LEU C 321 2.41 27.19 32.08
CA LEU C 321 2.36 26.37 33.28
C LEU C 321 3.51 26.65 34.23
N LEU C 322 4.70 26.98 33.70
CA LEU C 322 5.78 27.45 34.57
C LEU C 322 5.39 28.75 35.25
N GLU C 323 4.55 29.55 34.62
CA GLU C 323 4.08 30.79 35.24
C GLU C 323 3.35 30.50 36.55
N TYR C 324 2.43 29.53 36.53
CA TYR C 324 1.72 29.18 37.76
C TYR C 324 2.66 28.57 38.79
N ALA C 325 3.58 27.72 38.35
CA ALA C 325 4.46 27.03 39.30
C ALA C 325 5.23 28.02 40.17
N PHE C 326 5.76 29.07 39.54
CA PHE C 326 6.48 30.08 40.32
C PHE C 326 5.53 30.92 41.15
N VAL C 327 4.33 31.19 40.64
CA VAL C 327 3.34 31.93 41.43
C VAL C 327 2.92 31.12 42.64
N ASN C 328 2.67 29.82 42.47
CA ASN C 328 2.32 28.97 43.59
C ASN C 328 3.48 28.89 44.58
N TYR C 329 4.71 28.76 44.08
CA TYR C 329 5.87 28.76 44.95
C TYR C 329 6.00 30.07 45.70
N ILE C 330 5.85 31.19 44.98
CA ILE C 330 6.02 32.50 45.62
C ILE C 330 4.96 32.73 46.68
N PHE C 331 3.71 32.37 46.39
CA PHE C 331 2.62 32.63 47.32
C PHE C 331 2.78 31.83 48.60
N PHE C 332 2.99 30.51 48.48
CA PHE C 332 2.97 29.63 49.64
C PHE C 332 4.32 29.50 50.33
N SER C 333 5.42 29.72 49.63
CA SER C 333 6.73 29.60 50.24
C SER C 333 6.92 30.67 51.31
N GLU C 574 3.90 40.38 54.42
CA GLU C 574 2.92 39.72 53.55
C GLU C 574 3.09 40.18 52.10
N LEU C 575 4.32 40.56 51.75
CA LEU C 575 4.59 41.00 50.38
C LEU C 575 4.44 39.86 49.38
N TYR C 576 4.55 38.62 49.85
CA TYR C 576 4.45 37.48 48.94
C TYR C 576 3.10 37.45 48.24
N LYS C 577 2.04 37.80 48.97
CA LYS C 577 0.72 37.84 48.37
C LYS C 577 0.65 38.87 47.25
N GLY C 578 1.28 40.04 47.45
CA GLY C 578 1.30 41.04 46.41
C GLY C 578 2.09 40.61 45.20
N ARG C 579 3.24 39.96 45.42
CA ARG C 579 4.06 39.49 44.30
C ARG C 579 3.29 38.49 43.45
N ALA C 580 2.57 37.57 44.08
CA ALA C 580 1.80 36.59 43.33
C ALA C 580 0.75 37.27 42.46
N ALA C 581 0.05 38.26 43.02
CA ALA C 581 -0.93 39.01 42.24
C ALA C 581 -0.25 39.79 41.12
N ALA C 582 0.90 40.41 41.42
CA ALA C 582 1.58 41.22 40.42
C ALA C 582 2.01 40.38 39.22
N ILE C 583 2.53 39.18 39.46
CA ILE C 583 2.96 38.32 38.35
C ILE C 583 1.77 37.92 37.49
N ASP C 584 0.60 37.72 38.11
CA ASP C 584 -0.60 37.45 37.33
C ASP C 584 -0.91 38.63 36.42
N ARG C 585 -0.78 39.85 36.94
CA ARG C 585 -1.01 41.04 36.12
C ARG C 585 0.00 41.14 34.99
N TRP C 586 1.27 40.82 35.26
CA TRP C 586 2.27 40.80 34.20
C TRP C 586 1.97 39.73 33.16
N SER C 587 1.71 38.50 33.62
CA SER C 587 1.46 37.43 32.67
C SER C 587 0.18 37.66 31.88
N ARG C 588 -0.80 38.34 32.49
CA ARG C 588 -2.04 38.62 31.79
C ARG C 588 -1.83 39.54 30.60
N ILE C 589 -0.77 40.34 30.62
CA ILE C 589 -0.48 41.26 29.52
C ILE C 589 0.65 40.73 28.64
N VAL C 590 1.71 40.18 29.23
CA VAL C 590 2.89 39.82 28.45
C VAL C 590 2.60 38.65 27.52
N PHE C 591 1.95 37.59 28.03
CA PHE C 591 1.77 36.40 27.20
C PHE C 591 0.94 36.69 25.96
N PRO C 592 -0.26 37.26 26.06
CA PRO C 592 -1.00 37.61 24.82
C PRO C 592 -0.23 38.53 23.90
N PHE C 593 0.49 39.50 24.45
CA PHE C 593 1.25 40.44 23.62
C PHE C 593 2.40 39.74 22.92
N THR C 594 3.11 38.88 23.64
CA THR C 594 4.28 38.22 23.05
C THR C 594 3.88 37.19 22.01
N PHE C 595 2.79 36.45 22.24
CA PHE C 595 2.34 35.49 21.24
C PHE C 595 1.86 36.19 19.99
N SER C 596 1.20 37.34 20.13
CA SER C 596 0.84 38.14 18.97
C SER C 596 2.08 38.61 18.23
N LEU C 597 3.10 39.06 18.96
CA LEU C 597 4.35 39.48 18.33
C LEU C 597 5.03 38.30 17.64
N PHE C 598 5.09 37.15 18.30
CA PHE C 598 5.64 35.96 17.68
C PHE C 598 4.83 35.57 16.46
N ASN C 599 3.50 35.60 16.58
CA ASN C 599 2.65 35.22 15.46
C ASN C 599 2.83 36.17 14.29
N LEU C 600 3.03 37.46 14.56
CA LEU C 600 3.22 38.44 13.50
C LEU C 600 4.55 38.22 12.78
N VAL C 601 5.63 38.05 13.54
CA VAL C 601 6.95 37.89 12.92
C VAL C 601 7.00 36.61 12.10
N TYR C 602 6.34 35.55 12.57
CA TYR C 602 6.37 34.27 11.86
C TYR C 602 5.81 34.41 10.44
N TRP C 603 4.60 34.96 10.32
CA TRP C 603 3.96 35.04 9.01
C TRP C 603 4.73 35.97 8.08
N LEU C 604 5.19 37.11 8.58
CA LEU C 604 5.89 38.06 7.73
C LEU C 604 7.15 37.43 7.12
N TYR C 605 7.82 36.55 7.88
CA TYR C 605 9.00 35.88 7.35
C TYR C 605 8.66 35.01 6.16
N TYR C 606 7.64 34.16 6.29
CA TYR C 606 7.29 33.22 5.23
C TYR C 606 6.45 33.85 4.13
N VAL C 607 5.92 35.05 4.36
CA VAL C 607 5.17 35.72 3.31
C VAL C 607 6.08 36.62 2.48
N ASN C 608 6.94 37.40 3.16
CA ASN C 608 7.84 38.31 2.45
C ASN C 608 8.98 37.57 1.76
N SER C 609 9.52 36.53 2.37
CA SER C 609 10.63 35.79 1.80
C SER C 609 10.16 34.97 0.59
N ASN D 327 -27.25 -32.91 -38.74
CA ASN D 327 -26.13 -33.81 -38.53
C ASN D 327 -24.83 -33.20 -39.01
N ASP D 328 -24.88 -32.57 -40.20
CA ASP D 328 -23.69 -31.96 -40.80
C ASP D 328 -23.43 -30.55 -40.29
N ASN D 329 -24.18 -30.08 -39.30
CA ASN D 329 -24.00 -28.72 -38.80
C ASN D 329 -22.57 -28.50 -38.31
N ILE D 330 -21.99 -29.50 -37.67
CA ILE D 330 -20.67 -29.36 -37.06
C ILE D 330 -19.55 -29.24 -38.07
N THR D 331 -19.82 -29.52 -39.35
CA THR D 331 -18.77 -29.48 -40.37
C THR D 331 -19.10 -28.48 -41.47
N ILE D 332 -20.39 -28.30 -41.76
CA ILE D 332 -20.78 -27.34 -42.80
C ILE D 332 -20.39 -25.93 -42.38
N PHE D 333 -20.61 -25.57 -41.12
CA PHE D 333 -20.26 -24.23 -40.67
C PHE D 333 -18.75 -24.06 -40.53
N THR D 334 -17.99 -25.15 -40.42
CA THR D 334 -16.55 -25.04 -40.43
C THR D 334 -16.05 -24.54 -41.77
N ARG D 335 -16.61 -25.05 -42.87
CA ARG D 335 -16.21 -24.59 -44.19
C ARG D 335 -16.82 -23.21 -44.51
N ILE D 336 -18.03 -22.94 -44.01
CA ILE D 336 -18.62 -21.61 -44.18
C ILE D 336 -17.77 -20.57 -43.47
N LEU D 337 -17.43 -20.83 -42.20
CA LEU D 337 -16.73 -19.84 -41.41
C LEU D 337 -15.30 -19.66 -41.88
N ASP D 338 -14.64 -20.76 -42.28
CA ASP D 338 -13.30 -20.64 -42.85
C ASP D 338 -13.32 -19.87 -44.16
N GLY D 339 -14.43 -19.94 -44.90
CA GLY D 339 -14.56 -19.16 -46.12
C GLY D 339 -14.74 -17.68 -45.86
N LEU D 340 -15.20 -17.30 -44.67
CA LEU D 340 -15.35 -15.90 -44.31
C LEU D 340 -14.05 -15.26 -43.87
N LEU D 341 -13.15 -16.03 -43.25
CA LEU D 341 -11.96 -15.47 -42.62
C LEU D 341 -10.73 -15.46 -43.53
N ASP D 342 -10.82 -16.02 -44.73
CA ASP D 342 -9.71 -15.94 -45.67
C ASP D 342 -9.91 -14.78 -46.64
N GLY D 343 -8.88 -13.95 -46.77
CA GLY D 343 -8.97 -12.73 -47.53
C GLY D 343 -9.44 -11.59 -46.65
N TYR D 344 -10.02 -11.92 -45.51
CA TYR D 344 -10.44 -10.92 -44.55
C TYR D 344 -9.23 -10.26 -43.89
N ASP D 345 -9.28 -8.94 -43.76
CA ASP D 345 -8.22 -8.17 -43.12
C ASP D 345 -8.81 -7.47 -41.90
N ASN D 346 -8.32 -7.82 -40.72
CA ASN D 346 -8.81 -7.19 -39.49
C ASN D 346 -8.19 -5.83 -39.24
N ARG D 347 -7.22 -5.42 -40.05
CA ARG D 347 -6.62 -4.11 -39.89
C ARG D 347 -7.49 -3.00 -40.46
N LEU D 348 -8.50 -3.34 -41.25
CA LEU D 348 -9.33 -2.36 -41.93
C LEU D 348 -10.75 -2.41 -41.37
N ARG D 349 -11.26 -1.25 -40.98
CA ARG D 349 -12.63 -1.16 -40.50
C ARG D 349 -13.61 -1.46 -41.63
N PRO D 350 -14.79 -2.00 -41.33
CA PRO D 350 -15.78 -2.24 -42.39
C PRO D 350 -16.16 -0.95 -43.08
N GLY D 351 -16.31 -1.01 -44.40
CA GLY D 351 -16.57 0.19 -45.17
C GLY D 351 -15.52 1.25 -45.01
N LEU D 352 -14.23 0.88 -45.08
CA LEU D 352 -13.17 1.84 -44.82
C LEU D 352 -13.23 3.04 -45.74
N GLY D 353 -13.67 2.82 -46.99
CA GLY D 353 -13.62 3.87 -47.99
C GLY D 353 -14.93 4.57 -48.25
N GLU D 354 -16.03 3.83 -48.24
CA GLU D 354 -17.29 4.33 -48.78
C GLU D 354 -18.21 4.94 -47.75
N ARG D 355 -18.15 4.52 -46.48
CA ARG D 355 -19.19 4.89 -45.54
C ARG D 355 -18.65 4.88 -44.11
N ILE D 356 -19.42 5.51 -43.23
CA ILE D 356 -19.09 5.56 -41.80
C ILE D 356 -19.59 4.28 -41.15
N THR D 357 -18.88 3.84 -40.10
CA THR D 357 -19.25 2.63 -39.38
C THR D 357 -20.16 3.00 -38.21
N GLN D 358 -21.39 2.52 -38.24
CA GLN D 358 -22.36 2.79 -37.19
C GLN D 358 -22.24 1.71 -36.13
N VAL D 359 -21.84 2.09 -34.91
CA VAL D 359 -21.65 1.16 -33.81
C VAL D 359 -22.78 1.36 -32.82
N ARG D 360 -23.77 0.47 -32.85
CA ARG D 360 -24.80 0.45 -31.82
C ARG D 360 -24.16 0.02 -30.50
N THR D 361 -24.63 0.59 -29.39
CA THR D 361 -24.06 0.26 -28.10
C THR D 361 -25.10 0.44 -27.01
N ASP D 362 -24.90 -0.29 -25.92
CA ASP D 362 -25.77 -0.20 -24.74
C ASP D 362 -25.03 -0.82 -23.56
N ILE D 363 -25.52 -0.54 -22.37
CA ILE D 363 -24.86 -0.95 -21.12
C ILE D 363 -25.89 -1.56 -20.19
N TYR D 364 -25.47 -2.60 -19.47
CA TYR D 364 -26.25 -3.17 -18.38
C TYR D 364 -25.37 -3.15 -17.13
N VAL D 365 -25.79 -2.37 -16.14
CA VAL D 365 -24.99 -2.15 -14.93
C VAL D 365 -25.34 -3.27 -13.95
N THR D 366 -24.44 -4.24 -13.81
CA THR D 366 -24.65 -5.30 -12.83
C THR D 366 -24.36 -4.84 -11.41
N SER D 367 -23.38 -3.95 -11.24
CA SER D 367 -22.99 -3.48 -9.92
C SER D 367 -22.52 -2.03 -10.03
N PHE D 368 -22.85 -1.23 -9.03
CA PHE D 368 -22.42 0.15 -8.95
C PHE D 368 -21.88 0.43 -7.55
N GLY D 369 -20.77 1.16 -7.50
CA GLY D 369 -20.12 1.45 -6.24
C GLY D 369 -19.00 0.47 -5.95
N PRO D 370 -18.21 0.72 -4.91
CA PRO D 370 -18.32 1.83 -3.94
C PRO D 370 -17.83 3.16 -4.52
N VAL D 371 -18.23 4.28 -3.90
CA VAL D 371 -17.78 5.61 -4.29
C VAL D 371 -16.72 6.04 -3.29
N SER D 372 -15.48 6.22 -3.76
CA SER D 372 -14.37 6.60 -2.90
C SER D 372 -14.16 8.11 -3.03
N ASP D 373 -14.94 8.86 -2.26
CA ASP D 373 -14.83 10.31 -2.31
C ASP D 373 -13.44 10.79 -1.91
N THR D 374 -12.76 10.04 -1.05
CA THR D 374 -11.38 10.38 -0.72
C THR D 374 -10.46 10.30 -1.93
N GLU D 375 -10.85 9.51 -2.94
CA GLU D 375 -10.13 9.45 -4.21
C GLU D 375 -10.88 10.17 -5.33
N MET D 376 -12.09 10.65 -5.08
CA MET D 376 -12.93 11.26 -6.11
C MET D 376 -13.08 10.33 -7.30
N GLU D 377 -13.48 9.09 -7.01
CA GLU D 377 -13.67 8.06 -8.02
C GLU D 377 -14.77 7.12 -7.57
N TYR D 378 -15.34 6.39 -8.53
CA TYR D 378 -16.38 5.42 -8.26
C TYR D 378 -16.17 4.20 -9.15
N THR D 379 -16.61 3.05 -8.66
CA THR D 379 -16.45 1.78 -9.37
C THR D 379 -17.79 1.33 -9.93
N ILE D 380 -17.78 0.89 -11.18
CA ILE D 380 -18.97 0.39 -11.86
C ILE D 380 -18.61 -0.89 -12.60
N ASP D 381 -19.54 -1.84 -12.56
CA ASP D 381 -19.36 -3.14 -13.23
C ASP D 381 -20.51 -3.30 -14.21
N VAL D 382 -20.18 -3.54 -15.48
CA VAL D 382 -21.15 -3.47 -16.57
C VAL D 382 -20.94 -4.61 -17.54
N PHE D 383 -22.04 -5.06 -18.16
CA PHE D 383 -21.97 -5.74 -19.45
C PHE D 383 -21.98 -4.66 -20.54
N PHE D 384 -20.83 -4.41 -21.15
CA PHE D 384 -20.72 -3.38 -22.18
C PHE D 384 -20.90 -4.05 -23.54
N ARG D 385 -21.92 -3.61 -24.27
CA ARG D 385 -22.38 -4.29 -25.47
C ARG D 385 -22.26 -3.36 -26.68
N GLN D 386 -21.75 -3.91 -27.78
CA GLN D 386 -21.56 -3.16 -29.02
C GLN D 386 -22.06 -3.99 -30.18
N SER D 387 -22.63 -3.32 -31.18
CA SER D 387 -23.15 -4.01 -32.36
C SER D 387 -22.91 -3.15 -33.60
N TRP D 388 -22.55 -3.80 -34.69
CA TRP D 388 -22.30 -3.12 -35.96
C TRP D 388 -22.45 -4.14 -37.08
N LYS D 389 -22.39 -3.65 -38.31
CA LYS D 389 -22.47 -4.50 -39.49
C LYS D 389 -21.12 -4.56 -40.19
N ASP D 390 -20.65 -5.77 -40.46
CA ASP D 390 -19.45 -6.01 -41.25
C ASP D 390 -19.89 -6.79 -42.49
N GLU D 391 -19.97 -6.10 -43.63
CA GLU D 391 -20.45 -6.74 -44.85
C GLU D 391 -19.56 -7.88 -45.30
N ARG D 392 -18.33 -7.96 -44.81
CA ARG D 392 -17.42 -9.03 -45.20
C ARG D 392 -17.77 -10.36 -44.53
N LEU D 393 -18.53 -10.32 -43.44
CA LEU D 393 -18.85 -11.52 -42.67
C LEU D 393 -20.26 -12.04 -42.91
N ARG D 394 -21.01 -11.46 -43.85
CA ARG D 394 -22.33 -11.97 -44.15
C ARG D 394 -22.23 -13.34 -44.80
N PHE D 395 -23.22 -14.19 -44.50
CA PHE D 395 -23.21 -15.56 -44.99
C PHE D 395 -24.64 -16.04 -45.17
N LYS D 396 -24.76 -17.21 -45.78
CA LYS D 396 -26.04 -17.91 -45.91
C LYS D 396 -25.84 -19.38 -45.51
N GLY D 397 -26.77 -19.89 -44.73
CA GLY D 397 -26.67 -21.25 -44.23
C GLY D 397 -27.96 -21.73 -43.62
N PRO D 398 -27.93 -22.91 -42.98
CA PRO D 398 -29.14 -23.49 -42.41
C PRO D 398 -29.58 -22.89 -41.09
N MET D 399 -28.89 -21.86 -40.59
CA MET D 399 -29.23 -21.26 -39.31
C MET D 399 -28.95 -19.76 -39.37
N GLN D 400 -29.84 -18.98 -38.75
CA GLN D 400 -29.83 -17.53 -38.93
C GLN D 400 -28.72 -16.83 -38.16
N ARG D 401 -28.44 -17.24 -36.92
CA ARG D 401 -27.37 -16.64 -36.15
C ARG D 401 -26.65 -17.73 -35.39
N LEU D 402 -25.34 -17.53 -35.19
CA LEU D 402 -24.52 -18.51 -34.50
C LEU D 402 -23.59 -17.81 -33.51
N PRO D 403 -23.57 -18.24 -32.25
CA PRO D 403 -22.55 -17.74 -31.33
C PRO D 403 -21.24 -18.49 -31.52
N LEU D 404 -20.14 -17.78 -31.29
CA LEU D 404 -18.82 -18.29 -31.62
C LEU D 404 -17.87 -18.08 -30.45
N ASN D 405 -16.88 -18.94 -30.35
CA ASN D 405 -15.92 -18.87 -29.25
C ASN D 405 -15.14 -17.57 -29.31
N ASN D 406 -14.73 -17.08 -28.15
CA ASN D 406 -13.98 -15.82 -28.08
C ASN D 406 -12.64 -15.89 -28.80
N LEU D 407 -12.15 -17.09 -29.10
CA LEU D 407 -10.95 -17.22 -29.92
C LEU D 407 -11.13 -16.50 -31.25
N LEU D 408 -12.37 -16.42 -31.74
CA LEU D 408 -12.63 -15.76 -33.01
C LEU D 408 -12.56 -14.24 -32.90
N ALA D 409 -12.92 -13.69 -31.74
CA ALA D 409 -12.99 -12.24 -31.60
C ALA D 409 -11.67 -11.56 -31.94
N SER D 410 -10.54 -12.27 -31.79
CA SER D 410 -9.25 -11.66 -32.10
C SER D 410 -9.00 -11.59 -33.60
N LYS D 411 -9.71 -12.40 -34.40
CA LYS D 411 -9.44 -12.48 -35.82
C LYS D 411 -10.31 -11.54 -36.65
N ILE D 412 -11.25 -10.84 -36.04
CA ILE D 412 -12.12 -9.92 -36.74
C ILE D 412 -11.85 -8.51 -36.27
N TRP D 413 -12.40 -7.53 -36.98
CA TRP D 413 -12.27 -6.14 -36.59
C TRP D 413 -13.32 -5.78 -35.55
N THR D 414 -12.89 -5.19 -34.44
CA THR D 414 -13.77 -4.70 -33.40
C THR D 414 -13.34 -3.29 -33.02
N PRO D 415 -14.28 -2.41 -32.68
CA PRO D 415 -13.91 -1.01 -32.45
C PRO D 415 -13.01 -0.84 -31.25
N ASP D 416 -12.19 0.21 -31.29
CA ASP D 416 -11.27 0.52 -30.20
C ASP D 416 -11.93 1.46 -29.19
N THR D 417 -13.07 1.07 -28.66
CA THR D 417 -13.78 1.90 -27.70
C THR D 417 -13.03 1.94 -26.38
N PHE D 418 -12.94 3.13 -25.79
CA PHE D 418 -12.29 3.31 -24.50
C PHE D 418 -13.08 4.33 -23.69
N PHE D 419 -12.90 4.26 -22.37
CA PHE D 419 -13.61 5.14 -21.44
C PHE D 419 -12.71 6.34 -21.14
N HIS D 420 -13.16 7.53 -21.51
CA HIS D 420 -12.31 8.71 -21.43
C HIS D 420 -11.89 9.00 -20.01
N ASN D 421 -12.79 8.85 -19.05
CA ASN D 421 -12.54 9.21 -17.65
C ASN D 421 -12.26 7.99 -16.78
N GLY D 422 -11.83 6.88 -17.36
CA GLY D 422 -11.57 5.69 -16.58
C GLY D 422 -10.16 5.70 -16.01
N LYS D 423 -10.03 5.48 -14.70
CA LYS D 423 -8.72 5.40 -14.08
C LYS D 423 -8.10 4.03 -14.26
N LYS D 424 -8.82 2.98 -13.90
CA LYS D 424 -8.32 1.61 -13.95
C LYS D 424 -9.50 0.71 -14.31
N SER D 425 -9.20 -0.37 -15.03
CA SER D 425 -10.27 -1.24 -15.50
C SER D 425 -9.78 -2.68 -15.59
N ILE D 426 -10.70 -3.61 -15.42
CA ILE D 426 -10.44 -5.04 -15.54
C ILE D 426 -11.39 -5.63 -16.57
N ALA D 427 -10.84 -6.25 -17.61
CA ALA D 427 -11.60 -7.13 -18.49
C ALA D 427 -11.41 -8.56 -17.99
N HIS D 428 -12.51 -9.17 -17.54
CA HIS D 428 -12.44 -10.33 -16.67
C HIS D 428 -12.05 -11.59 -17.43
N ASN D 429 -10.99 -12.24 -16.97
CA ASN D 429 -10.78 -13.66 -17.25
C ASN D 429 -11.24 -14.49 -16.07
N MET D 430 -12.06 -15.51 -16.34
CA MET D 430 -12.31 -16.56 -15.36
C MET D 430 -12.82 -17.78 -16.12
N THR D 431 -11.92 -18.74 -16.33
CA THR D 431 -12.20 -19.92 -17.14
C THR D 431 -12.17 -19.62 -18.64
N THR D 432 -12.15 -18.35 -19.01
CA THR D 432 -12.07 -17.79 -20.36
C THR D 432 -12.08 -16.27 -20.21
N PRO D 433 -11.72 -15.52 -21.25
CA PRO D 433 -12.03 -14.08 -21.22
C PRO D 433 -13.54 -13.87 -21.33
N ASN D 434 -14.08 -13.06 -20.43
CA ASN D 434 -15.53 -12.84 -20.36
C ASN D 434 -15.92 -11.96 -21.54
N LYS D 435 -16.15 -12.61 -22.68
CA LYS D 435 -16.53 -11.95 -23.91
C LYS D 435 -17.57 -12.79 -24.64
N LEU D 436 -18.39 -12.12 -25.44
CA LEU D 436 -19.45 -12.77 -26.20
C LEU D 436 -19.44 -12.23 -27.62
N LEU D 437 -19.52 -13.13 -28.59
CA LEU D 437 -19.55 -12.76 -30.00
C LEU D 437 -20.60 -13.61 -30.70
N ARG D 438 -21.54 -12.96 -31.37
CA ARG D 438 -22.56 -13.64 -32.16
C ARG D 438 -22.68 -12.95 -33.51
N LEU D 439 -22.92 -13.74 -34.55
CA LEU D 439 -22.93 -13.28 -35.93
C LEU D 439 -24.27 -13.61 -36.56
N GLU D 440 -24.97 -12.59 -37.05
CA GLU D 440 -26.17 -12.80 -37.83
C GLU D 440 -25.82 -12.99 -39.30
N ASP D 441 -26.70 -13.68 -40.02
CA ASP D 441 -26.45 -13.95 -41.44
C ASP D 441 -26.45 -12.68 -42.27
N ASP D 442 -26.96 -11.57 -41.73
CA ASP D 442 -26.87 -10.29 -42.43
C ASP D 442 -25.47 -9.69 -42.37
N GLY D 443 -24.56 -10.30 -41.61
CA GLY D 443 -23.26 -9.71 -41.35
C GLY D 443 -23.22 -8.87 -40.09
N THR D 444 -24.35 -8.67 -39.42
CA THR D 444 -24.37 -7.91 -38.19
C THR D 444 -23.64 -8.66 -37.08
N LEU D 445 -22.85 -7.94 -36.31
CA LEU D 445 -22.11 -8.50 -35.19
C LEU D 445 -22.61 -7.90 -33.88
N LEU D 446 -22.74 -8.74 -32.85
CA LEU D 446 -23.00 -8.30 -31.49
C LEU D 446 -21.85 -8.76 -30.61
N TYR D 447 -21.14 -7.81 -30.03
CA TYR D 447 -19.90 -8.08 -29.29
C TYR D 447 -20.04 -7.50 -27.89
N THR D 448 -19.87 -8.34 -26.89
CA THR D 448 -20.12 -7.97 -25.50
C THR D 448 -18.98 -8.45 -24.62
N MET D 449 -18.79 -7.76 -23.50
CA MET D 449 -17.76 -8.10 -22.54
C MET D 449 -18.14 -7.55 -21.17
N ARG D 450 -17.62 -8.18 -20.13
CA ARG D 450 -17.87 -7.78 -18.75
C ARG D 450 -16.67 -6.99 -18.26
N LEU D 451 -16.91 -5.78 -17.78
CA LEU D 451 -15.86 -4.84 -17.38
C LEU D 451 -16.11 -4.34 -15.97
N THR D 452 -15.03 -4.17 -15.22
CA THR D 452 -15.04 -3.42 -13.96
C THR D 452 -14.26 -2.14 -14.19
N ILE D 453 -14.93 -1.00 -14.02
CA ILE D 453 -14.37 0.29 -14.36
C ILE D 453 -14.29 1.14 -13.11
N SER D 454 -13.09 1.66 -12.83
CA SER D 454 -12.90 2.67 -11.80
C SER D 454 -12.71 4.01 -12.49
N ALA D 455 -13.70 4.89 -12.35
CA ALA D 455 -13.76 6.13 -13.12
C ALA D 455 -13.71 7.33 -12.18
N GLU D 456 -13.05 8.39 -12.63
CA GLU D 456 -12.99 9.61 -11.85
C GLU D 456 -14.34 10.31 -11.86
N CYS D 457 -14.69 10.88 -10.71
CA CYS D 457 -15.94 11.63 -10.54
C CYS D 457 -15.63 12.86 -9.71
N PRO D 458 -15.30 13.99 -10.35
CA PRO D 458 -15.01 15.19 -9.57
C PRO D 458 -16.20 15.62 -8.73
N MET D 459 -15.93 16.03 -7.50
CA MET D 459 -16.97 16.29 -6.51
C MET D 459 -16.80 17.68 -5.92
N GLN D 460 -17.92 18.38 -5.74
CA GLN D 460 -17.97 19.63 -4.99
C GLN D 460 -18.55 19.32 -3.61
N LEU D 461 -17.80 19.69 -2.57
CA LEU D 461 -18.11 19.25 -1.22
C LEU D 461 -18.39 20.41 -0.27
N GLU D 462 -18.86 21.54 -0.79
CA GLU D 462 -19.25 22.63 0.10
C GLU D 462 -20.41 22.23 1.00
N ASP D 463 -21.15 21.18 0.62
CA ASP D 463 -22.30 20.70 1.37
C ASP D 463 -22.13 19.24 1.79
N PHE D 464 -20.91 18.88 2.22
CA PHE D 464 -20.43 17.50 2.29
C PHE D 464 -21.43 16.49 2.83
N PRO D 465 -21.87 16.62 4.09
CA PRO D 465 -22.68 15.56 4.69
C PRO D 465 -24.03 15.35 4.02
N MET D 466 -24.54 16.35 3.29
CA MET D 466 -25.84 16.27 2.64
C MET D 466 -25.75 16.85 1.23
N ASP D 467 -24.72 16.46 0.49
CA ASP D 467 -24.52 16.94 -0.87
C ASP D 467 -25.10 15.96 -1.88
N ALA D 468 -24.89 16.26 -3.16
CA ALA D 468 -25.29 15.39 -4.26
C ALA D 468 -24.27 15.51 -5.37
N HIS D 469 -24.17 14.45 -6.19
CA HIS D 469 -23.18 14.39 -7.25
C HIS D 469 -23.83 13.88 -8.53
N ALA D 470 -23.15 14.16 -9.65
CA ALA D 470 -23.52 13.64 -10.97
C ALA D 470 -22.25 13.04 -11.57
N CYS D 471 -22.02 11.77 -11.26
CA CYS D 471 -20.80 11.10 -11.70
C CYS D 471 -20.95 10.67 -13.16
N PRO D 472 -20.05 11.08 -14.05
CA PRO D 472 -20.20 10.73 -15.46
C PRO D 472 -19.50 9.44 -15.85
N LEU D 473 -19.90 8.90 -17.00
CA LEU D 473 -19.18 7.84 -17.69
C LEU D 473 -19.10 8.20 -19.16
N LYS D 474 -17.90 8.53 -19.63
CA LYS D 474 -17.68 9.00 -20.99
C LYS D 474 -16.84 7.98 -21.74
N PHE D 475 -17.31 7.56 -22.92
CA PHE D 475 -16.58 6.57 -23.69
C PHE D 475 -16.80 6.82 -25.18
N GLY D 476 -15.77 6.49 -25.96
CA GLY D 476 -15.80 6.67 -27.39
C GLY D 476 -14.57 6.04 -28.02
N SER D 477 -14.50 6.15 -29.34
CA SER D 477 -13.37 5.57 -30.06
C SER D 477 -12.09 6.30 -29.73
N TYR D 478 -11.00 5.54 -29.62
CA TYR D 478 -9.68 6.14 -29.38
C TYR D 478 -9.05 6.65 -30.68
N ALA D 479 -9.01 5.80 -31.71
CA ALA D 479 -8.29 6.13 -32.94
C ALA D 479 -9.21 6.74 -33.99
N TYR D 480 -10.30 6.06 -34.32
CA TYR D 480 -11.13 6.47 -35.44
C TYR D 480 -11.89 7.75 -35.09
N PRO D 481 -11.80 8.80 -35.90
CA PRO D 481 -12.49 10.05 -35.61
C PRO D 481 -13.97 9.97 -36.01
N ASN D 482 -14.65 11.11 -35.87
CA ASN D 482 -16.06 11.18 -36.19
C ASN D 482 -16.33 10.82 -37.64
N SER D 483 -15.41 11.18 -38.54
CA SER D 483 -15.59 10.92 -39.96
C SER D 483 -15.53 9.44 -40.31
N GLU D 484 -15.10 8.59 -39.40
CA GLU D 484 -14.93 7.17 -39.66
C GLU D 484 -15.91 6.29 -38.90
N VAL D 485 -16.08 6.52 -37.60
CA VAL D 485 -16.95 5.71 -36.76
C VAL D 485 -17.78 6.65 -35.88
N VAL D 486 -19.07 6.33 -35.74
CA VAL D 486 -19.98 7.10 -34.90
C VAL D 486 -20.74 6.14 -34.01
N TYR D 487 -20.88 6.49 -32.73
CA TYR D 487 -21.62 5.68 -31.78
C TYR D 487 -23.02 6.24 -31.59
N VAL D 488 -23.97 5.33 -31.32
CA VAL D 488 -25.34 5.70 -31.00
C VAL D 488 -25.86 4.69 -29.98
N TRP D 489 -26.68 5.18 -29.06
CA TRP D 489 -27.33 4.28 -28.10
C TRP D 489 -28.22 3.30 -28.86
N THR D 490 -28.24 2.04 -28.40
CA THR D 490 -28.82 0.98 -29.21
C THR D 490 -30.27 1.29 -29.57
N ASN D 491 -31.04 1.83 -28.62
CA ASN D 491 -32.44 2.16 -28.84
C ASN D 491 -32.70 3.63 -28.54
N GLY D 492 -31.65 4.45 -28.60
CA GLY D 492 -31.80 5.89 -28.52
C GLY D 492 -32.11 6.42 -27.13
N SER D 493 -33.30 6.12 -26.61
CA SER D 493 -33.75 6.74 -25.37
C SER D 493 -32.97 6.20 -24.18
N THR D 494 -33.42 6.61 -22.99
CA THR D 494 -32.74 6.19 -21.76
C THR D 494 -32.83 4.69 -21.53
N LYS D 495 -33.74 3.99 -22.21
CA LYS D 495 -33.83 2.54 -22.01
C LYS D 495 -32.64 1.80 -22.60
N SER D 496 -31.65 2.51 -23.17
CA SER D 496 -30.44 1.86 -23.66
C SER D 496 -29.43 1.60 -22.55
N VAL D 497 -29.60 2.20 -21.38
CA VAL D 497 -28.78 1.93 -20.21
C VAL D 497 -29.69 1.42 -19.11
N VAL D 498 -29.37 0.25 -18.55
CA VAL D 498 -30.22 -0.43 -17.59
C VAL D 498 -29.40 -0.73 -16.35
N VAL D 499 -30.02 -0.57 -15.18
CA VAL D 499 -29.37 -0.80 -13.89
C VAL D 499 -30.03 -2.01 -13.24
N ALA D 500 -29.21 -2.95 -12.77
CA ALA D 500 -29.73 -4.12 -12.08
C ALA D 500 -30.38 -3.71 -10.77
N GLU D 501 -31.51 -4.34 -10.44
CA GLU D 501 -32.20 -4.01 -9.20
C GLU D 501 -31.32 -4.32 -7.99
N ASP D 502 -30.64 -5.45 -8.01
CA ASP D 502 -29.74 -5.84 -6.93
C ASP D 502 -28.32 -5.32 -7.12
N GLY D 503 -28.12 -4.37 -8.04
CA GLY D 503 -26.78 -3.93 -8.37
C GLY D 503 -26.21 -2.87 -7.45
N SER D 504 -26.99 -2.39 -6.50
CA SER D 504 -26.57 -1.28 -5.64
C SER D 504 -25.61 -1.79 -4.58
N ARG D 505 -24.31 -1.63 -4.82
CA ARG D 505 -23.32 -1.77 -3.76
C ARG D 505 -23.17 -0.48 -2.96
N LEU D 506 -23.91 0.57 -3.31
CA LEU D 506 -23.84 1.84 -2.61
C LEU D 506 -24.49 1.70 -1.24
N ASN D 507 -23.71 1.93 -0.19
CA ASN D 507 -24.23 1.94 1.18
C ASN D 507 -24.43 3.37 1.66
N GLN D 508 -23.69 4.32 1.09
CA GLN D 508 -23.69 5.70 1.54
C GLN D 508 -24.50 6.63 0.64
N TYR D 509 -25.01 6.14 -0.48
CA TYR D 509 -25.66 7.01 -1.46
C TYR D 509 -26.95 6.37 -1.96
N HIS D 510 -27.86 7.23 -2.44
CA HIS D 510 -28.98 6.83 -3.27
C HIS D 510 -28.64 7.13 -4.72
N LEU D 511 -28.95 6.20 -5.62
CA LEU D 511 -28.85 6.46 -7.05
C LEU D 511 -30.21 6.98 -7.51
N MET D 512 -30.39 8.30 -7.41
CA MET D 512 -31.72 8.89 -7.58
C MET D 512 -32.13 9.01 -9.04
N GLY D 513 -31.21 8.82 -9.98
CA GLY D 513 -31.56 8.93 -11.37
C GLY D 513 -30.33 8.82 -12.26
N GLN D 514 -30.58 8.91 -13.56
CA GLN D 514 -29.53 8.81 -14.56
C GLN D 514 -29.94 9.58 -15.81
N THR D 515 -28.95 9.91 -16.63
CA THR D 515 -29.17 10.60 -17.89
C THR D 515 -28.11 10.14 -18.88
N VAL D 516 -28.50 10.07 -20.16
CA VAL D 516 -27.63 9.61 -21.23
C VAL D 516 -27.69 10.61 -22.37
N GLY D 517 -26.53 10.87 -22.99
CA GLY D 517 -26.45 11.83 -24.07
C GLY D 517 -25.28 11.54 -24.99
N THR D 518 -25.22 12.30 -26.08
CA THR D 518 -24.18 12.16 -27.08
C THR D 518 -23.59 13.54 -27.37
N GLU D 519 -22.30 13.58 -27.68
CA GLU D 519 -21.60 14.84 -27.88
C GLU D 519 -20.52 14.69 -28.94
N ASN D 520 -20.32 15.76 -29.72
CA ASN D 520 -19.13 15.87 -30.55
C ASN D 520 -18.03 16.57 -29.77
N ILE D 521 -16.79 16.13 -29.98
CA ILE D 521 -15.63 16.79 -29.39
C ILE D 521 -14.59 17.02 -30.45
N SER D 522 -13.75 18.03 -30.23
CA SER D 522 -12.59 18.29 -31.06
C SER D 522 -11.34 18.21 -30.19
N THR D 523 -10.39 17.38 -30.60
CA THR D 523 -9.14 17.19 -29.89
C THR D 523 -7.99 17.37 -30.87
N SER D 524 -6.78 17.09 -30.39
CA SER D 524 -5.60 17.30 -31.23
C SER D 524 -5.64 16.41 -32.47
N THR D 525 -6.07 15.17 -32.32
CA THR D 525 -5.99 14.19 -33.39
C THR D 525 -7.25 14.12 -34.26
N GLY D 526 -8.24 14.97 -34.01
CA GLY D 526 -9.40 15.06 -34.86
C GLY D 526 -10.68 15.16 -34.04
N GLU D 527 -11.81 15.12 -34.75
CA GLU D 527 -13.11 15.19 -34.13
C GLU D 527 -13.58 13.79 -33.77
N TYR D 528 -14.26 13.66 -32.62
CA TYR D 528 -14.67 12.37 -32.10
C TYR D 528 -16.08 12.47 -31.55
N THR D 529 -16.66 11.30 -31.28
CA THR D 529 -18.01 11.20 -30.71
C THR D 529 -17.94 10.53 -29.35
N ILE D 530 -18.55 11.17 -28.35
CA ILE D 530 -18.61 10.63 -26.99
C ILE D 530 -20.03 10.17 -26.70
N MET D 531 -20.15 9.02 -26.06
CA MET D 531 -21.38 8.60 -25.42
C MET D 531 -21.28 8.87 -23.93
N THR D 532 -22.25 9.60 -23.39
CA THR D 532 -22.21 10.07 -22.02
C THR D 532 -23.35 9.48 -21.22
N ALA D 533 -23.03 8.99 -20.02
CA ALA D 533 -24.02 8.53 -19.06
C ALA D 533 -23.69 9.12 -17.71
N HIS D 534 -24.65 9.80 -17.10
CA HIS D 534 -24.46 10.48 -15.81
C HIS D 534 -25.32 9.80 -14.76
N PHE D 535 -24.72 9.49 -13.63
CA PHE D 535 -25.40 8.85 -12.50
C PHE D 535 -25.52 9.86 -11.38
N HIS D 536 -26.75 10.13 -10.96
CA HIS D 536 -27.03 11.17 -9.96
C HIS D 536 -27.10 10.52 -8.59
N LEU D 537 -26.27 10.98 -7.67
CA LEU D 537 -26.11 10.38 -6.35
C LEU D 537 -26.53 11.35 -5.26
N LYS D 538 -27.29 10.85 -4.29
CA LYS D 538 -27.64 11.61 -3.10
C LYS D 538 -27.06 10.88 -1.89
N ARG D 539 -26.32 11.61 -1.06
CA ARG D 539 -25.62 11.00 0.07
C ARG D 539 -26.57 10.74 1.22
N LYS D 540 -26.33 9.64 1.94
CA LYS D 540 -27.10 9.32 3.13
C LYS D 540 -26.66 10.23 4.28
N ILE D 541 -27.64 10.84 4.95
CA ILE D 541 -27.32 11.72 6.07
C ILE D 541 -27.29 10.93 7.38
N GLY D 542 -27.82 9.71 7.37
CA GLY D 542 -27.93 8.96 8.62
C GLY D 542 -26.61 8.67 9.29
N TYR D 543 -25.60 8.27 8.51
CA TYR D 543 -24.32 7.89 9.10
C TYR D 543 -23.68 9.05 9.84
N PHE D 544 -23.64 10.23 9.21
CA PHE D 544 -22.92 11.35 9.80
C PHE D 544 -23.66 11.93 11.00
N VAL D 545 -24.98 11.74 11.07
CA VAL D 545 -25.73 12.24 12.21
C VAL D 545 -25.28 11.56 13.50
N ILE D 546 -25.22 10.23 13.47
CA ILE D 546 -24.80 9.49 14.67
C ILE D 546 -23.28 9.54 14.82
N GLN D 547 -22.54 9.63 13.73
CA GLN D 547 -21.09 9.61 13.80
C GLN D 547 -20.53 10.92 14.35
N THR D 548 -21.02 12.07 13.90
CA THR D 548 -20.42 13.34 14.27
C THR D 548 -21.39 14.29 14.96
N TYR D 549 -22.61 14.44 14.42
CA TYR D 549 -23.50 15.48 14.93
C TYR D 549 -23.93 15.20 16.36
N LEU D 550 -24.38 13.99 16.67
CA LEU D 550 -24.75 13.69 18.05
C LEU D 550 -23.58 13.86 18.99
N PRO D 551 -22.38 13.32 18.73
CA PRO D 551 -21.24 13.60 19.61
C PRO D 551 -20.96 15.09 19.77
N CYS D 552 -21.09 15.88 18.70
CA CYS D 552 -20.90 17.32 18.82
C CYS D 552 -21.99 17.96 19.68
N ILE D 553 -23.25 17.61 19.40
CA ILE D 553 -24.35 18.20 20.14
C ILE D 553 -24.27 17.81 21.62
N MET D 554 -23.97 16.55 21.90
CA MET D 554 -23.79 16.13 23.29
C MET D 554 -22.64 16.87 23.94
N THR D 555 -21.55 17.08 23.21
CA THR D 555 -20.42 17.80 23.77
C THR D 555 -20.80 19.23 24.14
N VAL D 556 -21.59 19.89 23.30
CA VAL D 556 -22.03 21.25 23.60
C VAL D 556 -22.88 21.26 24.87
N ILE D 557 -23.79 20.29 25.00
CA ILE D 557 -24.63 20.22 26.18
C ILE D 557 -23.79 19.93 27.42
N LEU D 558 -22.75 19.11 27.27
CA LEU D 558 -21.89 18.80 28.40
C LEU D 558 -21.17 20.06 28.90
N SER D 559 -20.99 21.06 28.05
CA SER D 559 -20.41 22.31 28.51
C SER D 559 -21.43 23.14 29.27
N GLN D 560 -22.70 23.11 28.85
CA GLN D 560 -23.69 23.97 29.46
C GLN D 560 -24.20 23.42 30.79
N VAL D 561 -24.10 22.11 31.00
CA VAL D 561 -24.54 21.52 32.26
C VAL D 561 -23.70 22.00 33.42
N SER D 562 -22.50 22.53 33.15
CA SER D 562 -21.64 23.01 34.22
C SER D 562 -22.17 24.29 34.88
N PHE D 563 -23.19 24.93 34.27
CA PHE D 563 -23.72 26.16 34.84
C PHE D 563 -24.59 25.94 36.06
N TRP D 564 -25.08 24.72 36.28
CA TRP D 564 -25.87 24.42 37.46
C TRP D 564 -25.03 24.01 38.67
N LEU D 565 -23.71 23.90 38.51
CA LEU D 565 -22.85 23.68 39.66
C LEU D 565 -22.57 25.01 40.35
N ASN D 566 -22.25 24.94 41.64
CA ASN D 566 -22.03 26.15 42.42
C ASN D 566 -20.82 26.89 41.87
N ARG D 567 -20.85 28.22 42.00
CA ARG D 567 -19.80 29.05 41.43
C ARG D 567 -18.47 28.90 42.16
N GLU D 568 -18.46 28.42 43.41
CA GLU D 568 -17.22 28.36 44.17
C GLU D 568 -16.39 27.11 43.87
N SER D 569 -16.95 26.09 43.22
CA SER D 569 -16.21 24.87 42.90
C SER D 569 -15.39 25.10 41.62
N VAL D 570 -14.28 25.82 41.79
CA VAL D 570 -13.43 26.20 40.67
C VAL D 570 -12.84 24.95 40.01
N PRO D 571 -12.27 24.01 40.77
CA PRO D 571 -11.65 22.84 40.11
C PRO D 571 -12.61 22.07 39.22
N ALA D 572 -13.85 21.90 39.65
CA ALA D 572 -14.82 21.16 38.84
C ALA D 572 -15.22 21.94 37.61
N ARG D 573 -15.59 23.22 37.81
CA ARG D 573 -16.00 24.05 36.69
C ARG D 573 -14.93 24.12 35.62
N THR D 574 -13.66 24.26 36.03
CA THR D 574 -12.57 24.31 35.06
C THR D 574 -12.44 22.99 34.32
N VAL D 575 -12.66 21.86 34.99
CA VAL D 575 -12.49 20.56 34.34
C VAL D 575 -13.49 20.41 33.20
N PHE D 576 -14.76 20.76 33.44
CA PHE D 576 -15.75 20.69 32.36
C PHE D 576 -15.30 21.46 31.13
N GLY D 577 -14.92 22.72 31.32
CA GLY D 577 -14.58 23.54 30.18
C GLY D 577 -13.38 23.01 29.41
N VAL D 578 -12.31 22.66 30.12
CA VAL D 578 -11.07 22.27 29.45
C VAL D 578 -11.24 20.91 28.76
N THR D 579 -11.87 19.95 29.43
CA THR D 579 -12.03 18.63 28.83
C THR D 579 -13.02 18.69 27.67
N THR D 580 -14.07 19.49 27.80
CA THR D 580 -15.06 19.58 26.74
C THR D 580 -14.47 20.21 25.49
N VAL D 581 -13.64 21.24 25.65
CA VAL D 581 -12.95 21.83 24.50
C VAL D 581 -12.06 20.79 23.83
N LEU D 582 -11.33 20.00 24.63
CA LEU D 582 -10.46 18.98 24.06
C LEU D 582 -11.26 18.00 23.22
N THR D 583 -12.44 17.61 23.68
CA THR D 583 -13.29 16.71 22.90
C THR D 583 -13.64 17.34 21.55
N MET D 584 -13.96 18.63 21.54
CA MET D 584 -14.23 19.31 20.28
C MET D 584 -13.00 19.32 19.39
N THR D 585 -11.81 19.39 19.97
CA THR D 585 -10.59 19.37 19.17
C THR D 585 -10.44 18.04 18.41
N THR D 586 -10.66 16.92 19.11
CA THR D 586 -10.57 15.63 18.45
C THR D 586 -11.64 15.49 17.37
N LEU D 587 -12.87 15.93 17.67
CA LEU D 587 -13.93 15.84 16.68
C LEU D 587 -13.62 16.71 15.47
N SER D 588 -13.08 17.90 15.68
CA SER D 588 -12.69 18.75 14.57
C SER D 588 -11.60 18.07 13.74
N ILE D 589 -10.61 17.47 14.39
CA ILE D 589 -9.55 16.78 13.67
C ILE D 589 -10.09 15.51 13.02
N SER D 590 -10.91 14.74 13.74
CA SER D 590 -11.33 13.43 13.25
C SER D 590 -12.18 13.54 12.00
N ALA D 591 -13.11 14.49 11.95
CA ALA D 591 -14.05 14.56 10.85
C ALA D 591 -13.33 14.80 9.52
N ARG D 592 -12.47 15.81 9.48
CA ARG D 592 -11.75 16.15 8.25
C ARG D 592 -10.55 15.24 7.99
N ASN D 593 -10.24 14.29 8.88
CA ASN D 593 -9.29 13.25 8.54
C ASN D 593 -9.75 12.46 7.33
N SER D 594 -11.07 12.38 7.13
CA SER D 594 -11.64 11.83 5.91
C SER D 594 -11.74 12.94 4.87
N LEU D 595 -12.52 12.69 3.80
CA LEU D 595 -12.70 13.62 2.70
C LEU D 595 -11.41 13.73 1.89
N PRO D 596 -11.47 14.16 0.63
CA PRO D 596 -10.24 14.24 -0.18
C PRO D 596 -9.43 15.51 0.08
N LYS D 597 -9.28 15.89 1.35
CA LYS D 597 -8.35 16.94 1.76
C LYS D 597 -8.52 18.21 0.94
N VAL D 598 -9.78 18.59 0.66
CA VAL D 598 -10.03 19.79 -0.15
C VAL D 598 -9.68 21.02 0.65
N ALA D 599 -9.33 22.10 -0.05
CA ALA D 599 -8.88 23.34 0.58
C ALA D 599 -9.99 24.35 0.79
N TYR D 600 -11.04 23.99 1.52
CA TYR D 600 -12.09 24.93 1.89
C TYR D 600 -12.98 24.29 2.94
N ALA D 601 -13.82 25.12 3.56
CA ALA D 601 -14.65 24.68 4.67
C ALA D 601 -15.97 24.12 4.12
N THR D 602 -16.31 22.91 4.53
CA THR D 602 -17.56 22.27 4.15
C THR D 602 -18.64 22.62 5.15
N ALA D 603 -19.88 22.22 4.83
CA ALA D 603 -20.98 22.44 5.76
C ALA D 603 -20.75 21.75 7.10
N MET D 604 -20.02 20.64 7.10
CA MET D 604 -19.67 19.97 8.35
C MET D 604 -18.81 20.89 9.22
N ASP D 605 -17.83 21.56 8.61
CA ASP D 605 -16.94 22.43 9.38
C ASP D 605 -17.72 23.60 9.98
N TRP D 606 -18.65 24.18 9.24
CA TRP D 606 -19.44 25.29 9.75
C TRP D 606 -20.35 24.88 10.90
N PHE D 607 -20.54 23.59 11.13
CA PHE D 607 -21.21 23.12 12.33
C PHE D 607 -20.21 22.90 13.47
N ILE D 608 -19.15 22.14 13.21
CA ILE D 608 -18.17 21.85 14.26
C ILE D 608 -17.51 23.13 14.75
N ALA D 609 -17.17 24.03 13.82
CA ALA D 609 -16.47 25.24 14.21
C ALA D 609 -17.30 26.08 15.18
N VAL D 610 -18.60 26.23 14.91
CA VAL D 610 -19.44 27.04 15.78
C VAL D 610 -19.67 26.33 17.11
N CYS D 611 -19.90 25.01 17.08
CA CYS D 611 -20.00 24.27 18.33
C CYS D 611 -18.77 24.47 19.19
N TYR D 612 -17.60 24.61 18.56
CA TYR D 612 -16.40 24.96 19.30
C TYR D 612 -16.54 26.35 19.93
N ALA D 613 -17.17 27.29 19.21
CA ALA D 613 -17.37 28.62 19.76
C ALA D 613 -18.25 28.58 21.01
N PHE D 614 -19.36 27.83 20.96
CA PHE D 614 -20.21 27.69 22.13
C PHE D 614 -19.46 27.01 23.27
N VAL D 615 -18.76 25.92 22.97
CA VAL D 615 -18.00 25.21 23.99
C VAL D 615 -16.89 26.10 24.54
N PHE D 616 -16.17 26.79 23.65
CA PHE D 616 -15.08 27.65 24.09
C PHE D 616 -15.61 28.83 24.90
N SER D 617 -16.67 29.48 24.40
CA SER D 617 -17.21 30.65 25.11
C SER D 617 -17.82 30.25 26.45
N ALA D 618 -18.28 29.01 26.58
CA ALA D 618 -18.78 28.54 27.87
C ALA D 618 -17.67 28.51 28.92
N LEU D 619 -16.44 28.19 28.53
CA LEU D 619 -15.32 28.25 29.46
C LEU D 619 -14.96 29.70 29.81
N ILE D 620 -14.94 30.57 28.81
CA ILE D 620 -14.65 31.98 29.08
C ILE D 620 -15.72 32.56 30.01
N GLU D 621 -16.94 32.03 29.95
CA GLU D 621 -17.99 32.52 30.84
C GLU D 621 -17.64 32.26 32.30
N PHE D 622 -17.11 31.06 32.60
CA PHE D 622 -16.72 30.77 33.97
C PHE D 622 -15.56 31.64 34.42
N ALA D 623 -14.50 31.72 33.61
CA ALA D 623 -13.35 32.53 34.00
C ALA D 623 -13.75 33.96 34.27
N THR D 624 -14.78 34.46 33.59
CA THR D 624 -15.25 35.82 33.82
C THR D 624 -15.91 35.96 35.20
N VAL D 625 -16.83 35.04 35.53
CA VAL D 625 -17.50 35.12 36.83
C VAL D 625 -16.53 34.81 37.96
N ASN D 626 -15.61 33.86 37.74
CA ASN D 626 -14.62 33.54 38.76
C ASN D 626 -13.76 34.76 39.09
N TYR D 627 -13.37 35.52 38.07
CA TYR D 627 -12.52 36.68 38.30
C TYR D 627 -13.26 37.77 39.07
N PHE D 628 -14.56 37.94 38.82
CA PHE D 628 -15.32 39.02 39.43
C PHE D 628 -15.74 38.70 40.86
N THR D 629 -15.34 37.55 41.39
CA THR D 629 -15.64 37.23 42.79
C THR D 629 -14.38 36.85 43.57
N LYS D 630 -13.43 36.16 42.94
CA LYS D 630 -12.19 35.80 43.61
C LYS D 630 -11.03 36.71 43.26
N SER D 631 -11.25 37.73 42.43
CA SER D 631 -10.20 38.71 42.13
C SER D 631 -10.75 40.13 42.14
N GLN D 632 -11.91 40.35 42.74
CA GLN D 632 -12.50 41.67 42.82
C GLN D 632 -13.16 41.89 44.18
N ALA D 636 -21.03 40.44 45.22
CA ALA D 636 -21.13 39.26 44.37
C ALA D 636 -22.59 39.02 43.97
N ALA D 637 -23.52 39.58 44.74
CA ALA D 637 -24.93 39.45 44.40
C ALA D 637 -25.26 40.11 43.07
N SER D 638 -24.54 41.18 42.72
CA SER D 638 -24.81 41.89 41.47
C SER D 638 -24.36 41.07 40.27
N ILE D 639 -23.21 40.40 40.38
CA ILE D 639 -22.61 39.72 39.24
C ILE D 639 -22.92 38.22 39.20
N SER D 640 -23.50 37.67 40.27
CA SER D 640 -23.95 36.28 40.21
C SER D 640 -25.09 36.09 39.21
N LYS D 641 -25.71 37.17 38.75
CA LYS D 641 -26.73 37.05 37.71
C LYS D 641 -26.18 36.43 36.43
N ILE D 642 -24.86 36.55 36.22
CA ILE D 642 -24.27 36.03 34.99
C ILE D 642 -24.50 34.53 34.88
N ASP D 643 -24.29 33.80 35.97
CA ASP D 643 -24.48 32.35 35.95
C ASP D 643 -25.92 31.99 35.62
N LYS D 644 -26.88 32.71 36.22
CA LYS D 644 -28.29 32.41 35.98
C LYS D 644 -28.66 32.63 34.52
N MET D 645 -28.23 33.75 33.94
CA MET D 645 -28.57 34.04 32.56
C MET D 645 -27.94 33.02 31.61
N SER D 646 -26.71 32.61 31.89
CA SER D 646 -26.04 31.64 31.01
C SER D 646 -26.81 30.33 30.95
N ARG D 647 -27.54 29.98 32.00
CA ARG D 647 -28.32 28.75 31.98
C ARG D 647 -29.44 28.80 30.95
N ILE D 648 -29.83 29.98 30.51
CA ILE D 648 -30.90 30.17 29.53
C ILE D 648 -30.35 30.61 28.18
N VAL D 649 -29.50 31.64 28.18
CA VAL D 649 -29.07 32.23 26.92
C VAL D 649 -28.28 31.24 26.08
N PHE D 650 -27.34 30.51 26.71
CA PHE D 650 -26.54 29.57 25.92
C PHE D 650 -27.40 28.49 25.27
N PRO D 651 -28.25 27.76 26.00
CA PRO D 651 -29.11 26.77 25.32
C PRO D 651 -29.98 27.37 24.23
N VAL D 652 -30.54 28.56 24.45
CA VAL D 652 -31.45 29.16 23.48
C VAL D 652 -30.70 29.55 22.21
N LEU D 653 -29.55 30.22 22.37
CA LEU D 653 -28.79 30.63 21.19
C LEU D 653 -28.28 29.42 20.41
N PHE D 654 -27.80 28.40 21.11
CA PHE D 654 -27.37 27.18 20.43
C PHE D 654 -28.53 26.51 19.72
N GLY D 655 -29.70 26.47 20.37
CA GLY D 655 -30.87 25.91 19.72
C GLY D 655 -31.25 26.66 18.46
N THR D 656 -31.21 28.00 18.52
CA THR D 656 -31.52 28.78 17.33
C THR D 656 -30.51 28.52 16.21
N PHE D 657 -29.23 28.46 16.54
CA PHE D 657 -28.22 28.12 15.53
C PHE D 657 -28.45 26.73 14.97
N ASN D 658 -28.73 25.77 15.84
CA ASN D 658 -28.93 24.40 15.37
C ASN D 658 -30.15 24.34 14.45
N LEU D 659 -31.18 25.12 14.75
CA LEU D 659 -32.38 25.13 13.91
C LEU D 659 -32.10 25.74 12.55
N VAL D 660 -31.46 26.91 12.53
CA VAL D 660 -31.21 27.59 11.25
C VAL D 660 -30.18 26.82 10.43
N TYR D 661 -29.28 26.09 11.07
CA TYR D 661 -28.27 25.33 10.34
C TYR D 661 -28.93 24.28 9.46
N TRP D 662 -29.84 23.49 10.03
CA TRP D 662 -30.52 22.47 9.22
C TRP D 662 -31.46 23.11 8.21
N ALA D 663 -32.05 24.25 8.57
CA ALA D 663 -33.00 24.90 7.67
C ALA D 663 -32.36 25.31 6.36
N THR D 664 -31.06 25.67 6.37
CA THR D 664 -30.43 26.19 5.18
C THR D 664 -29.83 25.08 4.32
N TYR D 665 -29.24 24.06 4.95
CA TYR D 665 -28.60 22.98 4.20
C TYR D 665 -29.54 21.83 3.90
N LEU D 666 -30.49 21.53 4.80
CA LEU D 666 -31.38 20.40 4.56
C LEU D 666 -32.43 20.74 3.50
N ASN D 667 -32.84 21.99 3.41
CA ASN D 667 -33.79 22.43 2.38
C ASN D 667 -33.09 22.83 1.08
N ARG D 668 -31.77 22.68 1.00
CA ARG D 668 -31.01 23.00 -0.20
C ARG D 668 -31.63 22.36 -1.44
N PRO E 31 2.40 -53.16 -27.51
CA PRO E 31 2.86 -53.01 -26.14
C PRO E 31 3.49 -51.65 -25.88
N GLY E 32 4.53 -51.31 -26.64
CA GLY E 32 5.11 -49.98 -26.57
C GLY E 32 4.24 -48.98 -27.30
N ASN E 33 3.04 -48.76 -26.77
CA ASN E 33 1.99 -47.99 -27.45
C ASN E 33 2.20 -46.50 -27.40
N MET E 34 3.36 -45.94 -27.01
CA MET E 34 3.48 -44.49 -26.94
C MET E 34 3.30 -43.85 -28.32
N SER E 35 3.86 -44.45 -29.36
CA SER E 35 3.65 -43.92 -30.70
C SER E 35 2.18 -44.00 -31.10
N PHE E 36 1.51 -45.09 -30.74
CA PHE E 36 0.10 -45.25 -31.10
C PHE E 36 -0.76 -44.20 -30.45
N VAL E 37 -0.54 -43.92 -29.15
CA VAL E 37 -1.34 -42.92 -28.47
C VAL E 37 -1.07 -41.53 -29.04
N LYS E 38 0.19 -41.26 -29.43
CA LYS E 38 0.51 -39.96 -30.02
C LYS E 38 -0.29 -39.72 -31.29
N GLU E 39 -0.26 -40.69 -32.21
CA GLU E 39 -0.99 -40.52 -33.46
C GLU E 39 -2.50 -40.50 -33.22
N THR E 40 -2.98 -41.18 -32.18
CA THR E 40 -4.39 -41.09 -31.83
C THR E 40 -4.76 -39.68 -31.41
N VAL E 41 -3.95 -39.07 -30.54
CA VAL E 41 -4.21 -37.69 -30.11
C VAL E 41 -4.11 -36.75 -31.31
N ASP E 42 -3.11 -36.94 -32.17
CA ASP E 42 -2.98 -36.10 -33.35
C ASP E 42 -4.21 -36.21 -34.23
N LYS E 43 -4.75 -37.43 -34.40
CA LYS E 43 -5.94 -37.62 -35.22
C LYS E 43 -7.15 -36.91 -34.62
N LEU E 44 -7.25 -36.87 -33.28
CA LEU E 44 -8.36 -36.17 -32.66
C LEU E 44 -8.26 -34.68 -32.90
N LEU E 45 -7.08 -34.09 -32.67
CA LEU E 45 -6.91 -32.65 -32.80
C LEU E 45 -6.81 -32.19 -34.24
N LYS E 46 -6.54 -33.11 -35.17
CA LYS E 46 -6.45 -32.74 -36.58
C LYS E 46 -7.85 -32.47 -37.13
N GLY E 47 -8.09 -31.23 -37.54
CA GLY E 47 -9.40 -30.82 -38.00
C GLY E 47 -10.35 -30.38 -36.90
N TYR E 48 -9.94 -30.47 -35.64
CA TYR E 48 -10.80 -30.02 -34.55
C TYR E 48 -10.90 -28.51 -34.53
N ASP E 49 -12.10 -28.01 -34.26
CA ASP E 49 -12.39 -26.58 -34.30
C ASP E 49 -12.71 -26.08 -32.90
N ILE E 50 -12.01 -25.02 -32.49
CA ILE E 50 -12.30 -24.42 -31.18
C ILE E 50 -13.52 -23.50 -31.27
N ARG E 51 -13.87 -23.08 -32.48
CA ARG E 51 -14.87 -22.03 -32.65
C ARG E 51 -16.30 -22.53 -32.54
N LEU E 52 -16.52 -23.84 -32.59
CA LEU E 52 -17.86 -24.42 -32.57
C LEU E 52 -18.00 -25.32 -31.35
N ARG E 53 -19.11 -25.15 -30.63
CA ARG E 53 -19.36 -25.95 -29.45
C ARG E 53 -19.70 -27.40 -29.81
N PRO E 54 -19.58 -28.32 -28.87
CA PRO E 54 -19.99 -29.70 -29.13
C PRO E 54 -21.45 -29.77 -29.56
N ASP E 55 -21.73 -30.66 -30.51
CA ASP E 55 -23.08 -30.80 -31.05
C ASP E 55 -23.63 -29.47 -31.54
N PHE E 56 -22.79 -28.69 -32.21
CA PHE E 56 -23.18 -27.39 -32.71
C PHE E 56 -24.39 -27.51 -33.63
N GLY E 57 -25.40 -26.67 -33.40
CA GLY E 57 -26.62 -26.71 -34.17
C GLY E 57 -27.63 -27.69 -33.60
N GLY E 58 -27.15 -28.68 -32.85
CA GLY E 58 -28.00 -29.68 -32.27
C GLY E 58 -28.47 -29.31 -30.87
N PRO E 59 -28.83 -30.30 -30.07
CA PRO E 59 -29.31 -30.02 -28.71
C PRO E 59 -28.20 -29.45 -27.85
N PRO E 60 -28.54 -28.70 -26.79
CA PRO E 60 -27.51 -28.05 -25.99
C PRO E 60 -26.59 -29.07 -25.32
N VAL E 61 -25.33 -28.69 -25.17
CA VAL E 61 -24.36 -29.53 -24.49
C VAL E 61 -24.56 -29.40 -22.98
N CYS E 62 -24.67 -30.54 -22.30
CA CYS E 62 -24.87 -30.55 -20.86
C CYS E 62 -23.52 -30.52 -20.16
N VAL E 63 -23.33 -29.51 -19.30
CA VAL E 63 -22.09 -29.36 -18.55
C VAL E 63 -22.38 -29.65 -17.08
N GLY E 64 -21.75 -30.70 -16.55
CA GLY E 64 -21.85 -31.03 -15.14
C GLY E 64 -20.67 -30.46 -14.38
N MET E 65 -20.91 -30.03 -13.14
CA MET E 65 -19.92 -29.30 -12.37
C MET E 65 -19.79 -29.84 -10.96
N ASN E 66 -18.56 -29.82 -10.46
CA ASN E 66 -18.24 -30.14 -9.08
C ASN E 66 -17.37 -29.03 -8.51
N ILE E 67 -17.42 -28.87 -7.19
CA ILE E 67 -16.57 -27.92 -6.48
C ILE E 67 -16.04 -28.59 -5.22
N ASP E 68 -14.75 -28.41 -4.95
CA ASP E 68 -14.13 -28.83 -3.71
C ASP E 68 -13.58 -27.59 -3.02
N ILE E 69 -14.24 -27.17 -1.95
CA ILE E 69 -13.87 -25.93 -1.27
C ILE E 69 -12.55 -26.17 -0.53
N ALA E 70 -11.55 -25.36 -0.85
CA ALA E 70 -10.27 -25.46 -0.16
C ALA E 70 -10.29 -24.70 1.15
N SER E 71 -10.67 -23.42 1.09
CA SER E 71 -10.78 -22.60 2.29
C SER E 71 -11.47 -21.29 1.91
N ILE E 72 -12.01 -20.62 2.93
CA ILE E 72 -12.64 -19.32 2.77
C ILE E 72 -11.85 -18.33 3.62
N ASP E 73 -11.29 -17.31 2.97
CA ASP E 73 -10.49 -16.32 3.67
C ASP E 73 -11.39 -15.19 4.18
N MET E 74 -10.80 -14.07 4.55
CA MET E 74 -11.51 -13.00 5.26
C MET E 74 -12.87 -12.68 4.65
N VAL E 75 -13.93 -12.78 5.47
CA VAL E 75 -15.23 -12.24 5.12
C VAL E 75 -15.28 -10.81 5.63
N SER E 76 -15.31 -9.84 4.71
CA SER E 76 -15.06 -8.44 5.04
C SER E 76 -16.35 -7.65 4.95
N GLU E 77 -16.72 -6.99 6.05
CA GLU E 77 -17.86 -6.07 6.01
C GLU E 77 -17.48 -4.77 5.32
N VAL E 78 -16.27 -4.28 5.55
CA VAL E 78 -15.84 -3.02 4.95
C VAL E 78 -15.83 -3.12 3.43
N ASN E 79 -15.62 -4.32 2.89
CA ASN E 79 -15.61 -4.54 1.45
C ASN E 79 -16.87 -5.24 0.95
N MET E 80 -17.73 -5.73 1.85
CA MET E 80 -18.94 -6.43 1.46
C MET E 80 -18.62 -7.57 0.49
N ASP E 81 -17.61 -8.36 0.83
CA ASP E 81 -17.15 -9.44 -0.04
C ASP E 81 -16.52 -10.53 0.83
N TYR E 82 -16.22 -11.65 0.17
CA TYR E 82 -15.48 -12.75 0.80
C TYR E 82 -14.60 -13.41 -0.25
N THR E 83 -13.49 -13.96 0.20
CA THR E 83 -12.50 -14.58 -0.66
C THR E 83 -12.58 -16.09 -0.51
N LEU E 84 -12.65 -16.80 -1.63
CA LEU E 84 -12.86 -18.24 -1.65
C LEU E 84 -11.87 -18.89 -2.59
N THR E 85 -11.31 -20.01 -2.14
CA THR E 85 -10.40 -20.84 -2.94
C THR E 85 -11.00 -22.22 -3.09
N MET E 86 -10.93 -22.77 -4.30
CA MET E 86 -11.67 -24.00 -4.60
C MET E 86 -11.05 -24.70 -5.80
N TYR E 87 -11.35 -25.99 -5.90
CA TYR E 87 -11.11 -26.77 -7.11
C TYR E 87 -12.42 -26.85 -7.88
N PHE E 88 -12.42 -26.34 -9.10
CA PHE E 88 -13.64 -26.23 -9.91
C PHE E 88 -13.51 -27.16 -11.10
N GLN E 89 -14.44 -28.12 -11.20
CA GLN E 89 -14.38 -29.17 -12.20
C GLN E 89 -15.62 -29.12 -13.07
N GLN E 90 -15.45 -29.42 -14.36
CA GLN E 90 -16.53 -29.41 -15.32
C GLN E 90 -16.47 -30.65 -16.19
N TYR E 91 -17.63 -31.25 -16.47
CA TYR E 91 -17.73 -32.44 -17.31
C TYR E 91 -18.66 -32.15 -18.47
N TRP E 92 -18.29 -32.62 -19.66
CA TRP E 92 -19.18 -32.59 -20.81
C TRP E 92 -18.71 -33.62 -21.82
N ARG E 93 -19.55 -33.90 -22.81
CA ARG E 93 -19.25 -34.87 -23.85
C ARG E 93 -19.07 -34.16 -25.18
N ASP E 94 -17.93 -34.41 -25.83
CA ASP E 94 -17.64 -33.89 -27.17
C ASP E 94 -17.28 -35.10 -28.03
N LYS E 95 -18.20 -35.51 -28.89
CA LYS E 95 -18.01 -36.73 -29.67
C LYS E 95 -16.85 -36.62 -30.65
N ARG E 96 -16.35 -35.41 -30.92
CA ARG E 96 -15.18 -35.27 -31.77
C ARG E 96 -13.92 -35.85 -31.14
N LEU E 97 -13.93 -36.09 -29.84
CA LEU E 97 -12.76 -36.56 -29.12
C LEU E 97 -12.85 -38.03 -28.74
N ALA E 98 -13.78 -38.78 -29.31
CA ALA E 98 -13.92 -40.19 -28.99
C ALA E 98 -12.79 -41.00 -29.61
N TYR E 99 -12.29 -41.97 -28.87
CA TYR E 99 -11.25 -42.88 -29.35
C TYR E 99 -11.52 -44.27 -28.79
N SER E 100 -11.08 -45.29 -29.53
CA SER E 100 -11.44 -46.67 -29.25
C SER E 100 -10.27 -47.59 -28.98
N GLY E 101 -9.07 -47.30 -29.50
CA GLY E 101 -7.97 -48.23 -29.38
C GLY E 101 -7.18 -48.15 -28.09
N ILE E 102 -7.59 -47.31 -27.16
CA ILE E 102 -6.86 -47.07 -25.92
C ILE E 102 -7.80 -47.34 -24.75
N PRO E 103 -7.42 -48.21 -23.80
CA PRO E 103 -8.29 -48.45 -22.63
C PRO E 103 -8.18 -47.41 -21.54
N LEU E 104 -7.18 -46.53 -21.60
CA LEU E 104 -6.91 -45.58 -20.52
C LEU E 104 -7.87 -44.39 -20.59
N ASN E 105 -8.25 -43.88 -19.43
CA ASN E 105 -8.65 -42.48 -19.32
C ASN E 105 -7.39 -41.65 -19.54
N LEU E 106 -7.31 -40.97 -20.67
CA LEU E 106 -6.07 -40.36 -21.15
C LEU E 106 -5.92 -38.98 -20.53
N THR E 107 -5.02 -38.86 -19.56
CA THR E 107 -4.68 -37.55 -19.01
C THR E 107 -3.64 -36.88 -19.90
N LEU E 108 -3.82 -35.59 -20.15
CA LEU E 108 -2.98 -34.83 -21.07
C LEU E 108 -2.44 -33.58 -20.40
N ASP E 109 -1.37 -33.04 -20.95
CA ASP E 109 -0.75 -31.85 -20.40
C ASP E 109 -1.70 -30.66 -20.50
N ASN E 110 -1.55 -29.72 -19.57
CA ASN E 110 -2.51 -28.64 -19.46
C ASN E 110 -2.49 -27.68 -20.65
N ARG E 111 -1.43 -27.69 -21.46
CA ARG E 111 -1.45 -26.89 -22.67
C ARG E 111 -2.57 -27.32 -23.61
N VAL E 112 -2.98 -28.58 -23.54
CA VAL E 112 -4.03 -29.08 -24.41
C VAL E 112 -5.33 -28.32 -24.22
N ALA E 113 -5.57 -27.78 -23.03
CA ALA E 113 -6.80 -27.04 -22.78
C ALA E 113 -6.96 -25.86 -23.73
N ASP E 114 -5.86 -25.31 -24.25
CA ASP E 114 -5.93 -24.22 -25.21
C ASP E 114 -6.27 -24.70 -26.62
N GLN E 115 -6.30 -26.02 -26.85
CA GLN E 115 -6.59 -26.58 -28.16
C GLN E 115 -7.95 -27.26 -28.21
N LEU E 116 -8.75 -27.16 -27.15
CA LEU E 116 -10.08 -27.74 -27.11
C LEU E 116 -11.12 -26.66 -26.81
N TRP E 117 -12.37 -26.96 -27.17
CA TRP E 117 -13.48 -26.12 -26.74
C TRP E 117 -13.82 -26.41 -25.29
N VAL E 118 -13.84 -25.37 -24.47
CA VAL E 118 -14.22 -25.49 -23.07
C VAL E 118 -15.31 -24.46 -22.80
N PRO E 119 -16.23 -24.72 -21.88
CA PRO E 119 -17.33 -23.76 -21.66
C PRO E 119 -16.82 -22.44 -21.11
N ASP E 120 -17.60 -21.39 -21.36
CA ASP E 120 -17.25 -20.04 -20.93
C ASP E 120 -17.82 -19.70 -19.57
N THR E 121 -17.91 -20.69 -18.68
CA THR E 121 -18.47 -20.46 -17.37
C THR E 121 -17.74 -19.35 -16.66
N TYR E 122 -18.49 -18.44 -16.04
CA TYR E 122 -17.93 -17.32 -15.30
C TYR E 122 -18.77 -17.09 -14.05
N PHE E 123 -18.17 -16.41 -13.07
CA PHE E 123 -18.82 -16.11 -11.81
C PHE E 123 -19.31 -14.66 -11.85
N LEU E 124 -20.62 -14.49 -11.87
CA LEU E 124 -21.20 -13.16 -12.11
C LEU E 124 -20.82 -12.17 -11.02
N ASN E 125 -20.88 -12.61 -9.76
CA ASN E 125 -20.71 -11.70 -8.63
C ASN E 125 -19.26 -11.63 -8.13
N ASP E 126 -18.30 -12.12 -8.91
CA ASP E 126 -16.92 -12.04 -8.49
C ASP E 126 -16.37 -10.63 -8.71
N LYS E 127 -15.47 -10.22 -7.82
CA LYS E 127 -14.80 -8.93 -7.91
C LYS E 127 -13.38 -9.04 -8.43
N LYS E 128 -12.65 -10.08 -8.02
CA LYS E 128 -11.30 -10.33 -8.49
C LYS E 128 -10.99 -11.80 -8.30
N SER E 129 -10.43 -12.42 -9.33
CA SER E 129 -10.17 -13.85 -9.30
C SER E 129 -9.04 -14.18 -10.26
N PHE E 130 -8.44 -15.35 -10.04
CA PHE E 130 -7.31 -15.79 -10.85
C PHE E 130 -7.16 -17.30 -10.72
N VAL E 131 -6.57 -17.90 -11.75
CA VAL E 131 -6.20 -19.31 -11.71
C VAL E 131 -4.77 -19.41 -11.19
N HIS E 132 -4.51 -20.39 -10.34
CA HIS E 132 -3.21 -20.50 -9.70
C HIS E 132 -2.17 -21.00 -10.70
N GLY E 133 -0.96 -20.47 -10.57
CA GLY E 133 0.14 -20.79 -11.46
C GLY E 133 1.46 -20.94 -10.75
N VAL E 134 1.46 -21.64 -9.61
CA VAL E 134 2.65 -21.68 -8.76
C VAL E 134 3.84 -22.20 -9.54
N THR E 135 3.70 -23.33 -10.21
CA THR E 135 4.73 -23.87 -11.09
C THR E 135 4.27 -23.89 -12.55
N VAL E 136 3.14 -24.55 -12.83
CA VAL E 136 2.46 -24.45 -14.11
C VAL E 136 1.00 -24.15 -13.81
N LYS E 137 0.32 -23.55 -14.79
CA LYS E 137 -1.06 -23.15 -14.56
C LYS E 137 -1.89 -24.36 -14.15
N ASN E 138 -2.64 -24.19 -13.06
CA ASN E 138 -3.33 -25.31 -12.41
C ASN E 138 -4.60 -25.62 -13.19
N ARG E 139 -4.45 -26.48 -14.20
CA ARG E 139 -5.58 -26.97 -14.98
C ARG E 139 -5.46 -28.48 -15.15
N MET E 140 -6.61 -29.13 -15.30
CA MET E 140 -6.69 -30.56 -15.53
C MET E 140 -7.45 -30.80 -16.83
N ILE E 141 -6.88 -31.64 -17.69
CA ILE E 141 -7.56 -32.14 -18.88
C ILE E 141 -7.43 -33.65 -18.90
N ARG E 142 -8.56 -34.34 -18.95
CA ARG E 142 -8.57 -35.80 -18.93
C ARG E 142 -9.68 -36.28 -19.86
N LEU E 143 -9.28 -36.89 -20.97
CA LEU E 143 -10.23 -37.42 -21.94
C LEU E 143 -10.59 -38.86 -21.57
N HIS E 144 -11.77 -39.29 -22.03
CA HIS E 144 -12.24 -40.64 -21.81
C HIS E 144 -12.68 -41.25 -23.13
N PRO E 145 -12.69 -42.58 -23.24
CA PRO E 145 -12.96 -43.21 -24.53
C PRO E 145 -14.26 -42.76 -25.18
N ASP E 146 -15.32 -42.57 -24.40
CA ASP E 146 -16.62 -42.21 -24.98
C ASP E 146 -16.68 -40.76 -25.45
N GLY E 147 -15.63 -39.97 -25.19
CA GLY E 147 -15.60 -38.58 -25.59
C GLY E 147 -15.82 -37.59 -24.48
N THR E 148 -16.20 -38.03 -23.29
CA THR E 148 -16.39 -37.12 -22.17
C THR E 148 -15.07 -36.47 -21.78
N VAL E 149 -15.13 -35.17 -21.47
CA VAL E 149 -13.96 -34.39 -21.12
C VAL E 149 -14.11 -33.89 -19.70
N LEU E 150 -13.07 -34.06 -18.90
CA LEU E 150 -13.02 -33.52 -17.55
C LEU E 150 -12.05 -32.34 -17.54
N TYR E 151 -12.54 -31.17 -17.16
CA TYR E 151 -11.75 -29.95 -17.16
C TYR E 151 -11.78 -29.37 -15.76
N GLY E 152 -10.60 -29.27 -15.14
CA GLY E 152 -10.49 -28.85 -13.76
C GLY E 152 -9.62 -27.61 -13.62
N LEU E 153 -9.93 -26.82 -12.60
CA LEU E 153 -9.18 -25.60 -12.28
C LEU E 153 -9.13 -25.43 -10.78
N ARG E 154 -8.08 -24.76 -10.30
CA ARG E 154 -8.00 -24.30 -8.92
C ARG E 154 -8.07 -22.78 -8.95
N ILE E 155 -9.10 -22.23 -8.31
CA ILE E 155 -9.50 -20.85 -8.49
C ILE E 155 -9.58 -20.16 -7.14
N THR E 156 -9.01 -18.97 -7.04
CA THR E 156 -9.21 -18.08 -5.91
C THR E 156 -10.04 -16.90 -6.38
N THR E 157 -11.19 -16.69 -5.75
CA THR E 157 -12.16 -15.69 -6.20
C THR E 157 -12.61 -14.84 -5.02
N THR E 158 -12.64 -13.53 -5.22
CA THR E 158 -13.20 -12.58 -4.26
C THR E 158 -14.55 -12.15 -4.79
N ALA E 159 -15.61 -12.50 -4.06
CA ALA E 159 -16.98 -12.35 -4.55
C ALA E 159 -17.76 -11.37 -3.69
N ALA E 160 -18.60 -10.58 -4.35
CA ALA E 160 -19.43 -9.61 -3.64
C ALA E 160 -20.41 -10.33 -2.73
N CYS E 161 -20.49 -9.87 -1.49
CA CYS E 161 -21.38 -10.47 -0.48
C CYS E 161 -21.99 -9.32 0.32
N MET E 162 -23.12 -8.81 -0.16
CA MET E 162 -23.79 -7.70 0.52
C MET E 162 -24.35 -8.19 1.84
N MET E 163 -24.09 -7.44 2.90
CA MET E 163 -24.34 -7.89 4.27
C MET E 163 -25.40 -7.01 4.92
N ASP E 164 -26.37 -7.65 5.57
CA ASP E 164 -27.42 -6.93 6.29
C ASP E 164 -26.99 -6.79 7.75
N LEU E 165 -26.31 -5.68 8.03
CA LEU E 165 -25.77 -5.42 9.36
C LEU E 165 -26.80 -4.80 10.31
N ARG E 166 -28.10 -4.94 10.02
CA ARG E 166 -29.13 -4.45 10.91
C ARG E 166 -29.14 -5.15 12.26
N ARG E 167 -28.35 -6.22 12.42
CA ARG E 167 -28.30 -6.98 13.65
C ARG E 167 -26.85 -7.24 14.08
N TYR E 168 -25.90 -6.62 13.42
CA TYR E 168 -24.48 -6.81 13.73
C TYR E 168 -24.20 -6.42 15.17
N PRO E 169 -23.34 -7.15 15.90
CA PRO E 169 -22.62 -8.37 15.49
C PRO E 169 -23.44 -9.66 15.61
N LEU E 170 -24.74 -9.59 15.90
CA LEU E 170 -25.54 -10.77 16.18
C LEU E 170 -26.30 -11.26 14.95
N ASP E 171 -25.71 -11.12 13.76
CA ASP E 171 -26.43 -11.31 12.51
C ASP E 171 -26.04 -12.63 11.85
N GLU E 172 -26.93 -13.12 10.99
CA GLU E 172 -26.65 -14.23 10.09
C GLU E 172 -26.63 -13.71 8.66
N GLN E 173 -25.61 -14.09 7.90
CA GLN E 173 -25.42 -13.59 6.54
C GLN E 173 -25.52 -14.73 5.54
N ASN E 174 -26.36 -14.54 4.52
CA ASN E 174 -26.45 -15.43 3.37
C ASN E 174 -25.94 -14.70 2.14
N CYS E 175 -24.95 -15.30 1.48
CA CYS E 175 -24.46 -14.78 0.21
C CYS E 175 -23.78 -15.91 -0.54
N THR E 176 -23.74 -15.77 -1.87
CA THR E 176 -23.58 -16.91 -2.76
C THR E 176 -22.46 -16.68 -3.76
N LEU E 177 -22.20 -17.73 -4.55
CA LEU E 177 -21.37 -17.67 -5.73
C LEU E 177 -22.25 -17.99 -6.93
N GLU E 178 -22.29 -17.09 -7.91
CA GLU E 178 -23.23 -17.17 -9.03
C GLU E 178 -22.47 -17.68 -10.26
N ILE E 179 -22.71 -18.93 -10.62
CA ILE E 179 -22.03 -19.57 -11.74
C ILE E 179 -22.95 -19.48 -12.96
N GLU E 180 -22.41 -19.04 -14.09
CA GLU E 180 -23.23 -18.81 -15.27
C GLU E 180 -22.37 -18.93 -16.52
N SER E 181 -23.04 -19.16 -17.66
CA SER E 181 -22.38 -19.14 -18.96
C SER E 181 -22.53 -17.77 -19.59
N TYR E 182 -21.42 -17.18 -20.04
CA TYR E 182 -21.46 -15.81 -20.50
C TYR E 182 -22.18 -15.68 -21.84
N GLY E 183 -21.85 -16.54 -22.80
CA GLY E 183 -22.30 -16.35 -24.17
C GLY E 183 -23.43 -17.24 -24.63
N TYR E 184 -23.39 -18.50 -24.22
CA TYR E 184 -24.32 -19.50 -24.73
C TYR E 184 -25.60 -19.51 -23.89
N THR E 185 -26.74 -19.38 -24.56
CA THR E 185 -28.03 -19.38 -23.89
C THR E 185 -28.45 -20.81 -23.54
N THR E 186 -29.63 -20.93 -22.93
CA THR E 186 -30.12 -22.23 -22.50
C THR E 186 -30.39 -23.18 -23.67
N ASP E 187 -30.48 -22.67 -24.89
CA ASP E 187 -30.61 -23.52 -26.06
C ASP E 187 -29.26 -23.94 -26.64
N ASP E 188 -28.15 -23.57 -25.98
CA ASP E 188 -26.82 -23.98 -26.39
C ASP E 188 -26.07 -24.74 -25.31
N ILE E 189 -26.27 -24.42 -24.04
CA ILE E 189 -25.67 -25.15 -22.93
C ILE E 189 -26.71 -25.34 -21.84
N GLU E 190 -26.59 -26.44 -21.10
CA GLU E 190 -27.33 -26.67 -19.86
C GLU E 190 -26.36 -26.96 -18.75
N PHE E 191 -26.49 -26.24 -17.63
CA PHE E 191 -25.71 -26.50 -16.44
C PHE E 191 -26.49 -27.42 -15.50
N TYR E 192 -25.76 -28.23 -14.74
CA TYR E 192 -26.37 -29.08 -13.73
C TYR E 192 -25.32 -29.51 -12.72
N TRP E 193 -25.75 -29.68 -11.48
CA TRP E 193 -24.87 -30.17 -10.43
C TRP E 193 -24.74 -31.68 -10.56
N ARG E 194 -23.50 -32.17 -10.61
CA ARG E 194 -23.25 -33.60 -10.68
C ARG E 194 -23.40 -34.20 -9.29
N GLY E 195 -24.33 -35.13 -9.13
CA GLY E 195 -24.61 -35.70 -7.84
C GLY E 195 -25.55 -34.90 -6.98
N GLY E 196 -26.19 -33.88 -7.54
CA GLY E 196 -27.13 -33.09 -6.76
C GLY E 196 -26.44 -32.42 -5.59
N ASP E 197 -26.99 -32.65 -4.39
CA ASP E 197 -26.49 -32.01 -3.19
C ASP E 197 -25.21 -32.63 -2.66
N LYS E 198 -24.68 -33.66 -3.31
CA LYS E 198 -23.32 -34.12 -3.08
C LYS E 198 -22.29 -33.45 -3.99
N ALA E 199 -22.71 -32.49 -4.81
CA ALA E 199 -21.80 -31.92 -5.80
C ALA E 199 -20.67 -31.12 -5.17
N VAL E 200 -20.91 -30.46 -4.04
CA VAL E 200 -19.93 -29.58 -3.40
C VAL E 200 -19.43 -30.25 -2.14
N THR E 201 -18.10 -30.29 -1.97
CA THR E 201 -17.47 -30.88 -0.81
C THR E 201 -16.47 -29.90 -0.22
N GLY E 202 -16.06 -30.16 1.01
CA GLY E 202 -15.11 -29.32 1.72
C GLY E 202 -15.72 -28.25 2.58
N VAL E 203 -17.00 -27.93 2.38
CA VAL E 203 -17.66 -26.94 3.23
C VAL E 203 -17.75 -27.44 4.66
N GLU E 204 -17.79 -28.76 4.85
CA GLU E 204 -17.84 -29.34 6.20
C GLU E 204 -16.51 -29.24 6.92
N ARG E 205 -15.43 -28.83 6.24
CA ARG E 205 -14.10 -28.77 6.84
C ARG E 205 -13.69 -27.36 7.21
N ILE E 206 -14.06 -26.36 6.41
CA ILE E 206 -13.51 -25.02 6.58
C ILE E 206 -13.92 -24.44 7.94
N GLU E 207 -13.05 -23.58 8.47
CA GLU E 207 -13.29 -22.87 9.71
C GLU E 207 -12.97 -21.39 9.51
N LEU E 208 -13.75 -20.53 10.15
CA LEU E 208 -13.51 -19.10 10.13
C LEU E 208 -13.48 -18.56 11.55
N PRO E 209 -12.71 -17.50 11.81
CA PRO E 209 -12.66 -16.97 13.17
C PRO E 209 -13.93 -16.23 13.58
N GLN E 210 -14.49 -15.43 12.68
CA GLN E 210 -15.66 -14.64 13.02
C GLN E 210 -16.98 -15.35 12.72
N PHE E 211 -16.96 -16.41 11.93
CA PHE E 211 -18.19 -17.03 11.45
C PHE E 211 -18.11 -18.54 11.58
N SER E 212 -19.28 -19.17 11.48
CA SER E 212 -19.41 -20.61 11.37
C SER E 212 -20.48 -20.93 10.35
N ILE E 213 -20.30 -22.02 9.61
CA ILE E 213 -21.21 -22.39 8.54
C ILE E 213 -22.43 -23.07 9.16
N VAL E 214 -23.61 -22.51 8.92
CA VAL E 214 -24.84 -23.10 9.43
C VAL E 214 -25.51 -23.97 8.37
N GLU E 215 -25.39 -23.59 7.11
CA GLU E 215 -26.14 -24.23 6.04
C GLU E 215 -25.58 -23.79 4.70
N HIS E 216 -25.64 -24.68 3.72
CA HIS E 216 -25.28 -24.35 2.35
C HIS E 216 -26.23 -25.06 1.41
N ARG E 217 -26.59 -24.38 0.32
CA ARG E 217 -27.59 -24.86 -0.62
C ARG E 217 -27.06 -24.76 -2.04
N LEU E 218 -27.45 -25.73 -2.88
CA LEU E 218 -27.09 -25.75 -4.29
C LEU E 218 -28.36 -25.58 -5.10
N VAL E 219 -28.37 -24.61 -6.01
CA VAL E 219 -29.54 -24.27 -6.80
C VAL E 219 -29.15 -24.14 -8.26
N SER E 220 -30.11 -24.40 -9.14
CA SER E 220 -29.95 -24.21 -10.58
C SER E 220 -31.21 -23.58 -11.15
N ARG E 221 -31.03 -22.62 -12.05
CA ARG E 221 -32.16 -21.89 -12.61
C ARG E 221 -31.70 -21.11 -13.83
N ASN E 222 -32.67 -20.62 -14.59
CA ASN E 222 -32.42 -19.79 -15.75
C ASN E 222 -32.64 -18.32 -15.40
N VAL E 223 -31.87 -17.45 -16.04
CA VAL E 223 -31.99 -16.01 -15.89
C VAL E 223 -32.14 -15.39 -17.27
N VAL E 224 -33.08 -14.46 -17.40
CA VAL E 224 -33.46 -13.87 -18.67
C VAL E 224 -32.87 -12.48 -18.77
N PHE E 225 -32.14 -12.23 -19.85
CA PHE E 225 -31.67 -10.90 -20.23
C PHE E 225 -32.20 -10.55 -21.61
N ALA E 226 -31.91 -9.32 -22.04
CA ALA E 226 -32.37 -8.88 -23.35
C ALA E 226 -31.79 -9.74 -24.46
N THR E 227 -30.62 -10.33 -24.25
CA THR E 227 -29.95 -11.12 -25.26
C THR E 227 -30.34 -12.60 -25.21
N GLY E 228 -31.19 -13.00 -24.26
CA GLY E 228 -31.66 -14.36 -24.17
C GLY E 228 -31.61 -14.87 -22.75
N ALA E 229 -32.06 -16.12 -22.59
CA ALA E 229 -32.09 -16.78 -21.30
C ALA E 229 -30.82 -17.60 -21.13
N TYR E 230 -30.22 -17.54 -19.94
CA TYR E 230 -28.95 -18.20 -19.69
C TYR E 230 -29.06 -19.13 -18.48
N PRO E 231 -28.34 -20.26 -18.49
CA PRO E 231 -28.36 -21.14 -17.32
C PRO E 231 -27.44 -20.65 -16.22
N ARG E 232 -27.86 -20.85 -14.97
CA ARG E 232 -27.07 -20.44 -13.83
C ARG E 232 -27.13 -21.50 -12.74
N LEU E 233 -26.02 -21.66 -12.02
CA LEU E 233 -25.96 -22.45 -10.80
C LEU E 233 -25.57 -21.53 -9.65
N SER E 234 -26.27 -21.65 -8.53
CA SER E 234 -26.05 -20.81 -7.36
C SER E 234 -25.58 -21.66 -6.19
N LEU E 235 -24.45 -21.27 -5.59
CA LEU E 235 -23.92 -21.90 -4.40
C LEU E 235 -24.00 -20.90 -3.25
N SER E 236 -24.74 -21.25 -2.21
CA SER E 236 -25.04 -20.33 -1.12
C SER E 236 -24.53 -20.88 0.19
N PHE E 237 -23.95 -20.01 1.01
CA PHE E 237 -23.56 -20.31 2.38
C PHE E 237 -24.29 -19.35 3.32
N ARG E 238 -24.80 -19.87 4.43
CA ARG E 238 -25.40 -19.06 5.48
C ARG E 238 -24.47 -19.07 6.69
N LEU E 239 -24.03 -17.89 7.09
CA LEU E 239 -22.98 -17.72 8.09
C LEU E 239 -23.59 -17.11 9.35
N LYS E 240 -23.21 -17.66 10.50
CA LYS E 240 -23.58 -17.11 11.81
C LYS E 240 -22.31 -16.62 12.50
N ARG E 241 -22.36 -15.41 13.03
CA ARG E 241 -21.18 -14.79 13.61
C ARG E 241 -20.92 -15.31 15.02
N ASN E 242 -19.66 -15.36 15.41
CA ASN E 242 -19.26 -15.79 16.74
C ASN E 242 -19.23 -14.57 17.65
N ILE E 243 -20.19 -14.49 18.57
CA ILE E 243 -20.27 -13.35 19.48
C ILE E 243 -19.16 -13.36 20.51
N GLY E 244 -18.42 -14.45 20.64
CA GLY E 244 -17.38 -14.53 21.65
C GLY E 244 -16.36 -13.40 21.55
N TYR E 245 -16.02 -12.97 20.35
CA TYR E 245 -15.01 -11.92 20.19
C TYR E 245 -15.52 -10.59 20.75
N PHE E 246 -16.72 -10.17 20.33
CA PHE E 246 -17.18 -8.83 20.67
C PHE E 246 -17.54 -8.69 22.14
N ILE E 247 -17.83 -9.81 22.82
CA ILE E 247 -18.03 -9.76 24.26
C ILE E 247 -16.76 -9.27 24.95
N LEU E 248 -15.61 -9.83 24.56
CA LEU E 248 -14.35 -9.43 25.17
C LEU E 248 -13.96 -8.02 24.74
N GLN E 249 -14.16 -7.70 23.45
CA GLN E 249 -13.61 -6.47 22.90
C GLN E 249 -14.54 -5.27 23.07
N THR E 250 -15.86 -5.46 22.98
CA THR E 250 -16.78 -4.34 22.98
C THR E 250 -17.69 -4.30 24.20
N TYR E 251 -18.45 -5.38 24.43
CA TYR E 251 -19.52 -5.33 25.43
C TYR E 251 -18.97 -5.21 26.84
N MET E 252 -18.03 -6.08 27.22
CA MET E 252 -17.51 -6.04 28.59
C MET E 252 -16.84 -4.71 28.91
N PRO E 253 -15.97 -4.15 28.06
CA PRO E 253 -15.46 -2.80 28.35
C PRO E 253 -16.57 -1.78 28.53
N SER E 254 -17.64 -1.86 27.72
CA SER E 254 -18.74 -0.93 27.86
C SER E 254 -19.46 -1.11 29.19
N ILE E 255 -19.72 -2.36 29.58
CA ILE E 255 -20.41 -2.62 30.84
C ILE E 255 -19.57 -2.13 32.02
N LEU E 256 -18.27 -2.43 31.99
CA LEU E 256 -17.39 -2.04 33.09
C LEU E 256 -17.33 -0.53 33.23
N ILE E 257 -17.24 0.19 32.11
CA ILE E 257 -17.22 1.64 32.16
C ILE E 257 -18.53 2.17 32.75
N THR E 258 -19.66 1.57 32.39
CA THR E 258 -20.94 1.98 32.96
C THR E 258 -20.97 1.74 34.46
N ILE E 259 -20.50 0.57 34.90
CA ILE E 259 -20.45 0.28 36.34
C ILE E 259 -19.48 1.23 37.02
N LEU E 260 -18.40 1.60 36.33
CA LEU E 260 -17.45 2.56 36.87
C LEU E 260 -18.14 3.87 37.22
N SER E 261 -19.12 4.28 36.41
CA SER E 261 -19.82 5.54 36.66
C SER E 261 -20.64 5.47 37.94
N TRP E 262 -21.20 4.31 38.27
CA TRP E 262 -22.03 4.19 39.46
C TRP E 262 -21.24 4.41 40.75
N VAL E 263 -19.91 4.37 40.69
CA VAL E 263 -19.10 4.68 41.86
C VAL E 263 -19.34 6.12 42.30
N SER E 264 -19.80 6.98 41.39
CA SER E 264 -20.05 8.37 41.74
C SER E 264 -21.10 8.50 42.83
N PHE E 265 -22.13 7.64 42.78
CA PHE E 265 -23.21 7.72 43.76
C PHE E 265 -22.77 7.36 45.17
N TRP E 266 -21.62 6.74 45.34
CA TRP E 266 -21.12 6.36 46.66
C TRP E 266 -20.12 7.35 47.22
N ILE E 267 -19.45 8.13 46.37
CA ILE E 267 -18.58 9.19 46.86
C ILE E 267 -19.44 10.32 47.43
N ASN E 268 -18.95 10.93 48.50
CA ASN E 268 -19.73 11.97 49.18
C ASN E 268 -20.03 13.11 48.23
N TYR E 269 -21.25 13.65 48.34
CA TYR E 269 -21.72 14.67 47.41
C TYR E 269 -21.10 16.04 47.64
N ASP E 270 -20.15 16.18 48.57
CA ASP E 270 -19.42 17.43 48.71
C ASP E 270 -18.16 17.47 47.88
N ALA E 271 -17.72 16.32 47.34
CA ALA E 271 -16.48 16.25 46.56
C ALA E 271 -16.79 16.48 45.07
N SER E 272 -16.98 17.75 44.73
CA SER E 272 -17.27 18.10 43.34
C SER E 272 -16.11 17.76 42.43
N ALA E 273 -14.87 17.99 42.88
CA ALA E 273 -13.72 17.69 42.05
C ALA E 273 -13.65 16.20 41.73
N ALA E 274 -13.99 15.35 42.69
CA ALA E 274 -13.91 13.90 42.49
C ALA E 274 -15.13 13.37 41.75
N ARG E 275 -16.33 13.77 42.20
CA ARG E 275 -17.55 13.30 41.56
C ARG E 275 -17.55 13.63 40.07
N VAL E 276 -17.01 14.78 39.69
CA VAL E 276 -16.97 15.17 38.28
C VAL E 276 -15.90 14.37 37.54
N ALA E 277 -14.66 14.41 38.01
CA ALA E 277 -13.57 13.78 37.28
C ALA E 277 -13.89 12.32 36.97
N LEU E 278 -14.57 11.64 37.90
CA LEU E 278 -15.04 10.29 37.63
C LEU E 278 -16.12 10.29 36.56
N GLY E 279 -17.14 11.15 36.73
CA GLY E 279 -18.27 11.12 35.82
C GLY E 279 -17.91 11.49 34.40
N ILE E 280 -17.15 12.57 34.22
CA ILE E 280 -16.82 13.03 32.88
C ILE E 280 -15.86 12.06 32.20
N THR E 281 -14.99 11.40 32.96
CA THR E 281 -14.06 10.45 32.36
C THR E 281 -14.81 9.29 31.73
N THR E 282 -15.84 8.78 32.40
CA THR E 282 -16.65 7.72 31.82
C THR E 282 -17.34 8.20 30.55
N VAL E 283 -17.82 9.44 30.55
CA VAL E 283 -18.39 10.03 29.34
C VAL E 283 -17.34 10.08 28.24
N LEU E 284 -16.11 10.48 28.59
CA LEU E 284 -15.04 10.55 27.61
C LEU E 284 -14.76 9.17 27.00
N THR E 285 -14.70 8.14 27.85
CA THR E 285 -14.40 6.79 27.34
C THR E 285 -15.49 6.31 26.40
N MET E 286 -16.76 6.56 26.74
CA MET E 286 -17.85 6.02 25.94
C MET E 286 -17.82 6.59 24.52
N THR E 287 -17.52 7.89 24.40
CA THR E 287 -17.35 8.46 23.07
C THR E 287 -16.06 7.98 22.42
N THR E 288 -15.05 7.67 23.22
CA THR E 288 -13.77 7.22 22.67
C THR E 288 -13.92 5.88 21.95
N ILE E 289 -14.62 4.93 22.56
CA ILE E 289 -14.69 3.59 21.98
C ILE E 289 -15.63 3.58 20.79
N ASN E 290 -16.57 4.52 20.70
CA ASN E 290 -17.49 4.56 19.57
C ASN E 290 -16.73 4.76 18.26
N THR E 291 -15.78 5.69 18.26
CA THR E 291 -15.04 5.99 17.03
C THR E 291 -14.13 4.83 16.65
N HIS E 292 -13.53 4.17 17.64
CA HIS E 292 -12.57 3.09 17.34
C HIS E 292 -13.25 1.94 16.60
N LEU E 293 -14.55 1.72 16.83
CA LEU E 293 -15.26 0.66 16.14
C LEU E 293 -15.74 1.11 14.76
N ARG E 294 -16.46 2.24 14.71
CA ARG E 294 -17.10 2.65 13.47
C ARG E 294 -16.08 3.04 12.40
N GLU E 295 -14.83 3.30 12.77
CA GLU E 295 -13.81 3.64 11.79
C GLU E 295 -13.30 2.41 11.05
N THR E 296 -13.62 1.21 11.52
CA THR E 296 -13.20 -0.04 10.87
C THR E 296 -14.39 -0.80 10.30
N LEU E 297 -15.38 -0.09 9.78
CA LEU E 297 -16.65 -0.69 9.41
C LEU E 297 -17.33 0.21 8.39
N PRO E 298 -18.09 -0.35 7.45
CA PRO E 298 -18.64 0.47 6.37
C PRO E 298 -19.57 1.55 6.88
N LYS E 299 -19.64 2.64 6.11
CA LYS E 299 -20.39 3.83 6.52
C LYS E 299 -21.88 3.66 6.26
N ILE E 300 -22.47 2.62 6.83
CA ILE E 300 -23.92 2.40 6.69
C ILE E 300 -24.66 3.48 7.47
N PRO E 301 -25.85 3.92 7.02
CA PRO E 301 -26.53 5.03 7.70
C PRO E 301 -27.29 4.63 8.95
N TYR E 302 -27.77 3.40 9.03
CA TYR E 302 -28.62 2.94 10.11
C TYR E 302 -27.82 2.44 11.31
N VAL E 303 -28.53 2.21 12.40
CA VAL E 303 -27.92 1.85 13.68
C VAL E 303 -27.75 0.34 13.75
N LYS E 304 -26.58 -0.10 14.18
CA LYS E 304 -26.32 -1.52 14.42
C LYS E 304 -26.81 -1.90 15.81
N ALA E 305 -26.70 -3.20 16.12
CA ALA E 305 -27.08 -3.66 17.46
C ALA E 305 -26.17 -3.08 18.52
N ILE E 306 -24.86 -3.01 18.26
CA ILE E 306 -23.95 -2.42 19.24
C ILE E 306 -24.24 -0.93 19.40
N ASP E 307 -24.59 -0.25 18.31
CA ASP E 307 -24.96 1.15 18.42
C ASP E 307 -26.18 1.33 19.32
N MET E 308 -27.16 0.43 19.20
CA MET E 308 -28.30 0.45 20.10
C MET E 308 -27.88 0.17 21.54
N TYR E 309 -26.75 -0.50 21.74
CA TYR E 309 -26.23 -0.76 23.08
C TYR E 309 -25.32 0.35 23.57
N LEU E 310 -24.31 0.71 22.78
CA LEU E 310 -23.37 1.76 23.20
C LEU E 310 -24.08 3.09 23.39
N MET E 311 -25.11 3.37 22.59
CA MET E 311 -25.91 4.56 22.84
C MET E 311 -26.67 4.44 24.15
N GLY E 312 -27.20 3.26 24.46
CA GLY E 312 -27.87 3.06 25.72
C GLY E 312 -26.93 3.21 26.91
N CYS E 313 -25.73 2.65 26.80
CA CYS E 313 -24.76 2.80 27.88
C CYS E 313 -24.34 4.26 28.05
N PHE E 314 -24.20 4.98 26.94
CA PHE E 314 -23.86 6.40 27.03
C PHE E 314 -24.94 7.17 27.77
N VAL E 315 -26.21 6.85 27.52
CA VAL E 315 -27.29 7.54 28.20
C VAL E 315 -27.17 7.34 29.71
N PHE E 316 -26.93 6.11 30.14
CA PHE E 316 -26.73 5.84 31.56
C PHE E 316 -25.50 6.58 32.08
N VAL E 317 -24.41 6.55 31.31
CA VAL E 317 -23.21 7.27 31.71
C VAL E 317 -23.47 8.77 31.75
N PHE E 318 -24.16 9.30 30.75
CA PHE E 318 -24.47 10.73 30.73
C PHE E 318 -25.42 11.10 31.87
N LEU E 319 -26.45 10.29 32.10
CA LEU E 319 -27.39 10.60 33.18
C LEU E 319 -26.72 10.51 34.55
N ALA E 320 -25.73 9.61 34.70
CA ALA E 320 -25.00 9.55 35.95
C ALA E 320 -24.25 10.85 36.23
N LEU E 321 -23.64 11.44 35.21
CA LEU E 321 -22.97 12.73 35.37
C LEU E 321 -23.98 13.85 35.59
N LEU E 322 -25.07 13.84 34.80
CA LEU E 322 -26.09 14.87 34.97
C LEU E 322 -26.74 14.79 36.34
N GLU E 323 -26.76 13.60 36.94
CA GLU E 323 -27.31 13.46 38.29
C GLU E 323 -26.54 14.30 39.30
N TYR E 324 -25.23 14.46 39.10
CA TYR E 324 -24.44 15.24 40.05
C TYR E 324 -24.69 16.74 39.89
N ALA E 325 -24.87 17.21 38.66
CA ALA E 325 -25.26 18.61 38.47
C ALA E 325 -26.61 18.87 39.13
N PHE E 326 -27.45 17.84 39.22
CA PHE E 326 -28.76 18.01 39.84
C PHE E 326 -28.64 18.14 41.35
N VAL E 327 -27.83 17.30 41.99
CA VAL E 327 -27.72 17.33 43.45
C VAL E 327 -27.05 18.61 43.91
N ASN E 328 -26.09 19.13 43.16
CA ASN E 328 -25.47 20.41 43.52
C ASN E 328 -26.51 21.52 43.59
N TYR E 329 -27.38 21.59 42.57
CA TYR E 329 -28.43 22.60 42.58
C TYR E 329 -29.36 22.42 43.78
N ILE E 330 -29.64 21.17 44.15
CA ILE E 330 -30.48 20.91 45.31
C ILE E 330 -29.76 21.29 46.60
N PHE E 331 -28.51 20.89 46.75
CA PHE E 331 -27.77 21.15 47.98
C PHE E 331 -27.46 22.63 48.14
N PHE E 332 -26.91 23.25 47.09
CA PHE E 332 -26.53 24.66 47.12
C PHE E 332 -27.68 25.55 46.65
N SER E 333 -28.75 25.54 47.45
CA SER E 333 -29.94 26.33 47.15
C SER E 333 -30.77 26.53 48.41
N LYS E 577 -27.91 18.46 53.20
CA LYS E 577 -29.37 18.55 53.23
C LYS E 577 -29.99 17.17 53.03
N GLY E 578 -31.13 16.95 53.67
CA GLY E 578 -31.79 15.66 53.53
C GLY E 578 -32.21 15.35 52.11
N ARG E 579 -32.72 16.35 51.40
CA ARG E 579 -33.12 16.14 50.02
C ARG E 579 -31.93 15.74 49.15
N ALA E 580 -30.79 16.38 49.36
CA ALA E 580 -29.60 16.03 48.57
C ALA E 580 -29.20 14.58 48.80
N ALA E 581 -29.21 14.15 50.07
CA ALA E 581 -28.87 12.77 50.37
C ALA E 581 -29.90 11.80 49.81
N ALA E 582 -31.19 12.15 49.89
CA ALA E 582 -32.24 11.25 49.43
C ALA E 582 -32.09 10.98 47.93
N ILE E 583 -31.80 12.01 47.15
CA ILE E 583 -31.59 11.83 45.71
C ILE E 583 -30.39 10.92 45.48
N ASP E 584 -29.31 11.13 46.24
CA ASP E 584 -28.11 10.34 46.07
C ASP E 584 -28.35 8.87 46.39
N ARG E 585 -29.10 8.59 47.47
CA ARG E 585 -29.23 7.22 47.94
C ARG E 585 -30.18 6.40 47.06
N TRP E 586 -31.18 7.05 46.45
CA TRP E 586 -32.01 6.35 45.47
C TRP E 586 -31.23 6.07 44.19
N SER E 587 -30.36 6.99 43.79
CA SER E 587 -29.58 6.78 42.57
C SER E 587 -28.67 5.56 42.68
N ARG E 588 -28.32 5.15 43.91
CA ARG E 588 -27.43 4.02 44.08
C ARG E 588 -28.08 2.72 43.65
N ILE E 589 -29.41 2.63 43.69
CA ILE E 589 -30.11 1.40 43.35
C ILE E 589 -30.91 1.53 42.05
N VAL E 590 -31.39 2.73 41.70
CA VAL E 590 -32.16 2.89 40.48
C VAL E 590 -31.31 2.65 39.24
N PHE E 591 -30.12 3.26 39.19
CA PHE E 591 -29.26 3.08 38.02
C PHE E 591 -28.88 1.62 37.82
N PRO E 592 -28.37 0.90 38.83
CA PRO E 592 -28.09 -0.53 38.61
C PRO E 592 -29.33 -1.32 38.21
N PHE E 593 -30.49 -1.01 38.78
CA PHE E 593 -31.70 -1.77 38.46
C PHE E 593 -32.15 -1.54 37.02
N THR E 594 -32.26 -0.28 36.61
CA THR E 594 -32.72 0.00 35.24
C THR E 594 -31.71 -0.43 34.20
N PHE E 595 -30.41 -0.32 34.49
CA PHE E 595 -29.42 -0.82 33.54
C PHE E 595 -29.54 -2.33 33.38
N SER E 596 -29.80 -3.04 34.47
CA SER E 596 -30.05 -4.48 34.37
C SER E 596 -31.29 -4.76 33.55
N LEU E 597 -32.35 -3.98 33.75
CA LEU E 597 -33.55 -4.13 32.93
C LEU E 597 -33.25 -3.83 31.47
N PHE E 598 -32.47 -2.77 31.21
CA PHE E 598 -32.05 -2.48 29.84
C PHE E 598 -31.22 -3.62 29.26
N ASN E 599 -30.30 -4.15 30.07
CA ASN E 599 -29.46 -5.24 29.59
C ASN E 599 -30.28 -6.51 29.36
N LEU E 600 -31.31 -6.73 30.18
CA LEU E 600 -32.14 -7.92 30.02
C LEU E 600 -32.93 -7.87 28.72
N VAL E 601 -33.62 -6.76 28.47
CA VAL E 601 -34.45 -6.66 27.27
C VAL E 601 -33.59 -6.66 26.01
N TYR E 602 -32.35 -6.19 26.11
CA TYR E 602 -31.46 -6.17 24.96
C TYR E 602 -31.23 -7.58 24.42
N TRP E 603 -30.63 -8.44 25.24
CA TRP E 603 -30.36 -9.81 24.80
C TRP E 603 -31.64 -10.59 24.57
N LEU E 604 -32.71 -10.25 25.29
CA LEU E 604 -33.99 -10.92 25.07
C LEU E 604 -34.47 -10.71 23.63
N TYR E 605 -34.27 -9.51 23.10
CA TYR E 605 -34.72 -9.22 21.74
C TYR E 605 -33.80 -9.85 20.70
N TYR E 606 -32.51 -9.53 20.75
CA TYR E 606 -31.61 -9.86 19.65
C TYR E 606 -31.25 -11.34 19.62
N VAL E 607 -31.20 -12.01 20.77
CA VAL E 607 -30.72 -13.38 20.87
C VAL E 607 -31.88 -14.35 21.04
N ASN E 608 -32.69 -14.20 22.09
CA ASN E 608 -33.74 -15.15 22.40
C ASN E 608 -35.01 -14.93 21.60
N SER E 609 -35.07 -13.90 20.77
CA SER E 609 -36.26 -13.64 19.96
C SER E 609 -35.94 -12.71 18.80
N GLN F 20 17.27 30.91 -11.83
CA GLN F 20 18.72 30.58 -11.99
C GLN F 20 19.41 30.39 -10.65
N VAL F 21 20.61 29.82 -10.68
CA VAL F 21 21.41 29.56 -9.48
C VAL F 21 22.77 30.19 -9.71
N GLN F 22 22.99 31.36 -9.12
CA GLN F 22 24.24 32.09 -9.37
C GLN F 22 25.40 31.40 -8.66
N LEU F 23 26.51 31.27 -9.37
CA LEU F 23 27.72 30.65 -8.84
C LEU F 23 28.85 31.67 -8.85
N VAL F 24 29.57 31.76 -7.74
CA VAL F 24 30.71 32.65 -7.61
C VAL F 24 31.87 31.87 -7.01
N GLU F 25 33.09 32.19 -7.46
CA GLU F 25 34.29 31.46 -7.07
C GLU F 25 35.25 32.38 -6.33
N SER F 26 36.16 31.78 -5.56
CA SER F 26 37.17 32.54 -4.84
C SER F 26 38.28 31.59 -4.41
N GLY F 27 39.43 32.17 -4.08
CA GLY F 27 40.55 31.44 -3.55
C GLY F 27 41.63 31.07 -4.55
N GLY F 28 41.55 31.56 -5.78
CA GLY F 28 42.49 31.20 -6.81
C GLY F 28 43.80 31.97 -6.69
N GLY F 29 44.60 31.89 -7.74
CA GLY F 29 45.87 32.57 -7.81
C GLY F 29 47.06 31.62 -7.77
N LEU F 30 48.22 32.18 -8.08
CA LEU F 30 49.45 31.39 -8.10
C LEU F 30 49.78 30.90 -6.70
N VAL F 31 50.16 29.63 -6.61
CA VAL F 31 50.56 29.02 -5.33
C VAL F 31 51.60 29.90 -4.65
N GLY F 422 53.25 21.97 -2.69
CA GLY F 422 52.46 22.94 -1.96
C GLY F 422 51.01 22.54 -1.81
N SER F 423 50.20 23.46 -1.30
CA SER F 423 48.78 23.21 -1.11
C SER F 423 48.00 24.49 -1.34
N LEU F 424 46.72 24.33 -1.66
CA LEU F 424 45.85 25.46 -1.98
C LEU F 424 44.42 25.02 -1.77
N ARG F 425 43.53 26.00 -1.63
CA ARG F 425 42.12 25.72 -1.35
C ARG F 425 41.25 26.68 -2.16
N LEU F 426 40.18 26.14 -2.73
CA LEU F 426 39.23 26.91 -3.51
C LEU F 426 37.85 26.85 -2.88
N SER F 427 37.09 27.93 -3.04
CA SER F 427 35.74 28.02 -2.51
C SER F 427 34.78 28.44 -3.61
N CYS F 428 33.60 27.83 -3.63
CA CYS F 428 32.56 28.14 -4.61
C CYS F 428 31.23 28.29 -3.90
N ALA F 429 30.62 29.47 -4.02
CA ALA F 429 29.38 29.79 -3.34
C ALA F 429 28.23 29.80 -4.33
N ALA F 430 27.03 29.47 -3.82
CA ALA F 430 25.83 29.36 -4.64
C ALA F 430 24.67 30.06 -3.95
N SER F 431 23.71 30.49 -4.76
CA SER F 431 22.53 31.18 -4.27
C SER F 431 21.37 30.89 -5.21
N GLY F 432 20.15 31.06 -4.69
CA GLY F 432 18.96 30.86 -5.50
C GLY F 432 18.30 29.51 -5.27
N HIS F 433 17.83 28.89 -6.35
CA HIS F 433 17.12 27.63 -6.27
C HIS F 433 18.09 26.46 -6.31
N THR F 434 18.96 26.34 -5.30
CA THR F 434 19.97 25.29 -5.30
C THR F 434 19.37 23.91 -5.08
N PHE F 435 18.14 23.82 -4.60
CA PHE F 435 17.54 22.50 -4.36
C PHE F 435 17.36 21.74 -5.66
N ASN F 436 17.08 22.44 -6.76
CA ASN F 436 16.92 21.78 -8.05
C ASN F 436 18.24 21.31 -8.64
N TYR F 437 19.37 21.69 -8.05
CA TYR F 437 20.69 21.37 -8.58
C TYR F 437 21.53 20.76 -7.46
N PRO F 438 21.22 19.51 -7.06
CA PRO F 438 21.81 18.95 -5.86
C PRO F 438 23.30 18.68 -5.94
N ILE F 439 23.89 18.61 -7.12
CA ILE F 439 25.28 18.21 -7.30
C ILE F 439 26.06 19.38 -7.86
N MET F 440 27.23 19.64 -7.27
CA MET F 440 28.17 20.65 -7.74
C MET F 440 29.43 19.96 -8.22
N GLY F 441 29.98 20.43 -9.33
CA GLY F 441 31.15 19.82 -9.94
C GLY F 441 32.23 20.84 -10.21
N TRP F 442 33.48 20.38 -10.15
CA TRP F 442 34.64 21.20 -10.43
C TRP F 442 35.26 20.76 -11.75
N PHE F 443 35.51 21.73 -12.63
CA PHE F 443 36.09 21.47 -13.94
C PHE F 443 37.28 22.40 -14.14
N ARG F 444 38.19 21.99 -15.01
CA ARG F 444 39.41 22.76 -15.25
C ARG F 444 39.73 22.72 -16.74
N GLN F 445 40.35 23.80 -17.22
CA GLN F 445 40.67 23.94 -18.63
C GLN F 445 41.93 24.77 -18.79
N ALA F 446 42.62 24.54 -19.90
CA ALA F 446 43.77 25.33 -20.32
C ALA F 446 43.62 25.58 -21.81
N PRO F 447 44.22 26.66 -22.31
CA PRO F 447 44.05 26.98 -23.74
C PRO F 447 44.55 25.84 -24.62
N GLY F 448 43.78 25.57 -25.68
CA GLY F 448 44.11 24.50 -26.59
C GLY F 448 43.82 23.10 -26.09
N LYS F 449 43.10 22.96 -24.97
CA LYS F 449 42.81 21.65 -24.39
C LYS F 449 41.33 21.58 -24.03
N GLU F 450 40.82 20.35 -24.01
CA GLU F 450 39.43 20.12 -23.64
C GLU F 450 39.22 20.35 -22.15
N ARG F 451 37.98 20.61 -21.77
CA ARG F 451 37.64 20.89 -20.38
C ARG F 451 37.59 19.57 -19.60
N GLU F 452 38.33 19.51 -18.50
CA GLU F 452 38.50 18.27 -17.76
C GLU F 452 37.60 18.24 -16.52
N PHE F 453 37.25 17.03 -16.08
CA PHE F 453 36.52 16.85 -14.85
C PHE F 453 37.50 16.68 -13.68
N VAL F 454 37.09 17.16 -12.51
CA VAL F 454 37.96 17.14 -11.33
C VAL F 454 37.27 16.40 -10.18
N GLY F 455 36.06 16.81 -9.83
CA GLY F 455 35.34 16.18 -8.75
C GLY F 455 33.96 16.77 -8.62
N ALA F 456 33.18 16.20 -7.70
CA ALA F 456 31.81 16.63 -7.49
C ALA F 456 31.41 16.39 -6.03
N ILE F 457 30.38 17.11 -5.60
CA ILE F 457 29.85 17.02 -4.25
C ILE F 457 28.34 17.15 -4.31
N SER F 458 27.65 16.50 -3.39
CA SER F 458 26.18 16.49 -3.35
C SER F 458 25.70 17.24 -2.11
N TRP F 459 24.82 18.22 -2.32
CA TRP F 459 24.12 18.85 -1.21
C TRP F 459 23.33 17.81 -0.42
N SER F 460 23.50 17.84 0.90
CA SER F 460 22.69 17.03 1.81
C SER F 460 23.06 15.56 1.76
N GLY F 461 23.96 15.17 0.86
CA GLY F 461 24.38 13.79 0.77
C GLY F 461 25.81 13.58 1.26
N GLY F 462 26.69 14.52 0.95
CA GLY F 462 28.08 14.44 1.35
C GLY F 462 28.95 13.55 0.49
N SER F 463 28.35 12.72 -0.37
CA SER F 463 29.14 11.83 -1.20
C SER F 463 29.94 12.64 -2.21
N THR F 464 31.14 12.13 -2.53
CA THR F 464 32.04 12.82 -3.44
C THR F 464 32.64 11.82 -4.43
N SER F 465 33.02 12.34 -5.59
CA SER F 465 33.73 11.57 -6.60
C SER F 465 34.80 12.48 -7.20
N TYR F 466 35.79 11.86 -7.84
CA TYR F 466 36.99 12.56 -8.26
C TYR F 466 37.43 12.04 -9.61
N ALA F 467 38.33 12.78 -10.24
CA ALA F 467 39.09 12.24 -11.36
C ALA F 467 40.32 11.49 -10.85
N ASP F 468 40.74 10.48 -11.61
CA ASP F 468 41.86 9.66 -11.17
C ASP F 468 43.13 10.49 -10.98
N SER F 469 43.28 11.58 -11.75
CA SER F 469 44.48 12.39 -11.65
C SER F 469 44.57 13.14 -10.32
N VAL F 470 43.48 13.22 -9.57
CA VAL F 470 43.45 13.94 -8.30
C VAL F 470 43.02 13.06 -7.14
N LYS F 471 42.92 11.75 -7.34
CA LYS F 471 42.63 10.85 -6.22
C LYS F 471 43.67 11.00 -5.13
N ASP F 472 43.18 11.23 -3.91
CA ASP F 472 44.00 11.29 -2.71
C ASP F 472 44.84 12.57 -2.65
N ARG F 473 44.78 13.40 -3.69
CA ARG F 473 45.45 14.69 -3.63
C ARG F 473 44.47 15.80 -3.27
N PHE F 474 43.35 15.87 -3.98
CA PHE F 474 42.31 16.85 -3.69
C PHE F 474 41.20 16.21 -2.86
N THR F 475 40.43 17.08 -2.20
CA THR F 475 39.21 16.67 -1.50
C THR F 475 38.21 17.80 -1.57
N ILE F 476 36.97 17.46 -1.93
CA ILE F 476 35.87 18.42 -2.00
C ILE F 476 35.00 18.27 -0.77
N SER F 477 34.69 19.41 -0.13
CA SER F 477 33.83 19.45 1.04
C SER F 477 32.87 20.61 0.87
N ARG F 478 31.89 20.69 1.76
CA ARG F 478 30.82 21.68 1.62
C ARG F 478 30.36 22.15 2.99
N ASP F 479 29.73 23.32 3.00
CA ASP F 479 29.00 23.83 4.15
C ASP F 479 27.56 24.05 3.69
N ASN F 480 26.65 23.21 4.17
CA ASN F 480 25.28 23.21 3.66
C ASN F 480 24.48 24.42 4.11
N ALA F 481 24.86 25.05 5.22
CA ALA F 481 24.13 26.23 5.70
C ALA F 481 24.59 27.50 5.00
N LYS F 482 25.89 27.62 4.73
CA LYS F 482 26.41 28.78 4.01
C LYS F 482 26.24 28.65 2.50
N ASN F 483 25.92 27.44 2.01
CA ASN F 483 25.77 27.20 0.57
C ASN F 483 27.07 27.51 -0.17
N THR F 484 28.13 26.82 0.25
CA THR F 484 29.44 26.96 -0.37
C THR F 484 30.09 25.59 -0.53
N VAL F 485 30.70 25.38 -1.68
CA VAL F 485 31.45 24.17 -1.99
C VAL F 485 32.93 24.50 -1.97
N TYR F 486 33.73 23.58 -1.42
CA TYR F 486 35.16 23.79 -1.26
C TYR F 486 35.93 22.65 -1.90
N LEU F 487 37.05 22.98 -2.53
CA LEU F 487 37.96 22.00 -3.11
C LEU F 487 39.32 22.18 -2.45
N GLU F 488 39.67 21.26 -1.55
CA GLU F 488 40.96 21.29 -0.87
C GLU F 488 42.01 20.82 -1.87
N MET F 489 42.61 21.77 -2.58
CA MET F 489 43.56 21.45 -3.63
C MET F 489 44.93 21.16 -3.03
N ASN F 490 45.03 20.05 -2.29
CA ASN F 490 46.26 19.72 -1.59
C ASN F 490 47.20 18.94 -2.50
N ASN F 491 48.48 18.98 -2.14
CA ASN F 491 49.52 18.20 -2.83
C ASN F 491 49.59 18.56 -4.31
N LEU F 492 49.96 19.81 -4.58
CA LEU F 492 50.01 20.31 -5.94
C LEU F 492 51.10 19.61 -6.75
N LYS F 493 50.96 19.69 -8.07
CA LYS F 493 51.97 19.28 -9.02
C LYS F 493 52.01 20.28 -10.16
N PRO F 494 53.13 20.35 -10.90
CA PRO F 494 53.23 21.35 -11.98
C PRO F 494 52.14 21.23 -13.02
N GLU F 495 51.61 20.03 -13.26
CA GLU F 495 50.66 19.81 -14.35
C GLU F 495 49.25 20.26 -14.02
N ASP F 496 49.03 20.95 -12.90
CA ASP F 496 47.70 21.36 -12.48
C ASP F 496 47.31 22.76 -12.92
N THR F 497 48.07 23.37 -13.83
CA THR F 497 47.78 24.72 -14.29
C THR F 497 46.50 24.71 -15.12
N ALA F 498 45.50 25.49 -14.71
CA ALA F 498 44.24 25.59 -15.41
C ALA F 498 43.33 26.57 -14.67
N VAL F 499 42.24 26.93 -15.32
CA VAL F 499 41.18 27.74 -14.71
C VAL F 499 40.10 26.80 -14.21
N TYR F 500 39.86 26.79 -12.90
CA TYR F 500 39.01 25.77 -12.28
C TYR F 500 37.57 26.29 -12.16
N TYR F 501 36.83 26.12 -13.24
CA TYR F 501 35.41 26.49 -13.25
C TYR F 501 34.65 25.69 -12.21
N CYS F 502 33.70 26.37 -11.57
CA CYS F 502 32.73 25.72 -10.70
C CYS F 502 31.37 25.68 -11.39
N ALA F 503 30.70 24.53 -11.32
CA ALA F 503 29.48 24.32 -12.07
C ALA F 503 28.47 23.53 -11.24
N ALA F 504 27.21 23.59 -11.66
CA ALA F 504 26.11 22.91 -11.00
C ALA F 504 25.44 21.95 -11.98
N LYS F 505 24.80 20.92 -11.45
CA LYS F 505 24.18 19.87 -12.25
C LYS F 505 22.76 19.62 -11.77
N GLY F 506 21.85 19.41 -12.72
CA GLY F 506 20.49 19.10 -12.36
C GLY F 506 20.34 17.71 -11.78
N ARG F 507 19.16 17.43 -11.23
CA ARG F 507 18.93 16.16 -10.57
C ARG F 507 18.96 15.00 -11.55
N TYR F 508 18.26 15.14 -12.69
CA TYR F 508 18.08 14.04 -13.63
C TYR F 508 18.96 14.15 -14.86
N SER F 509 19.97 15.01 -14.85
CA SER F 509 20.91 15.06 -15.96
C SER F 509 21.74 13.77 -15.99
N GLY F 510 22.63 13.69 -16.98
CA GLY F 510 23.36 12.47 -17.22
C GLY F 510 24.54 12.24 -16.31
N GLY F 511 25.67 11.80 -16.87
CA GLY F 511 26.83 11.47 -16.06
C GLY F 511 27.50 12.69 -15.48
N LEU F 512 28.33 12.44 -14.46
CA LEU F 512 29.05 13.51 -13.80
C LEU F 512 30.22 14.01 -14.62
N TYR F 513 30.89 13.12 -15.34
CA TYR F 513 32.20 13.39 -15.91
C TYR F 513 32.15 14.25 -17.17
N TYR F 514 30.99 14.78 -17.54
CA TYR F 514 30.82 15.44 -18.83
C TYR F 514 30.34 16.88 -18.62
N PRO F 515 31.10 17.89 -19.04
CA PRO F 515 30.68 19.27 -18.76
C PRO F 515 29.37 19.66 -19.42
N THR F 516 28.98 18.98 -20.50
CA THR F 516 27.75 19.34 -21.19
C THR F 516 26.51 19.20 -20.31
N ASN F 517 26.59 18.37 -19.27
CA ASN F 517 25.45 18.13 -18.39
C ASN F 517 25.26 19.21 -17.34
N TYR F 518 26.20 20.15 -17.21
CA TYR F 518 26.15 21.16 -16.17
C TYR F 518 25.62 22.46 -16.76
N ASP F 519 24.64 23.05 -16.08
CA ASP F 519 23.93 24.22 -16.62
C ASP F 519 24.59 25.54 -16.23
N TYR F 520 24.80 25.77 -14.94
CA TYR F 520 25.29 27.05 -14.44
C TYR F 520 26.77 26.92 -14.09
N TRP F 521 27.54 27.93 -14.49
CA TRP F 521 28.99 27.87 -14.44
C TRP F 521 29.56 29.10 -13.76
N GLY F 522 30.74 28.95 -13.16
CA GLY F 522 31.38 30.04 -12.45
C GLY F 522 32.29 30.87 -13.34
N GLN F 523 33.08 31.73 -12.69
CA GLN F 523 33.95 32.66 -13.39
C GLN F 523 35.32 32.10 -13.73
N GLY F 524 35.68 30.93 -13.22
CA GLY F 524 36.92 30.29 -13.60
C GLY F 524 38.17 30.99 -13.11
N THR F 525 38.41 30.94 -11.80
CA THR F 525 39.60 31.56 -11.23
C THR F 525 40.85 30.81 -11.67
N GLN F 526 41.85 31.57 -12.15
CA GLN F 526 43.10 30.97 -12.60
C GLN F 526 43.96 30.56 -11.41
N VAL F 527 44.69 29.45 -11.58
CA VAL F 527 45.74 29.04 -10.65
C VAL F 527 46.98 28.69 -11.47
N THR F 528 48.14 29.06 -10.93
CA THR F 528 49.41 28.79 -11.58
C THR F 528 50.33 28.05 -10.61
N VAL F 529 51.01 27.04 -11.12
CA VAL F 529 51.91 26.21 -10.32
C VAL F 529 53.14 25.84 -11.13
#